data_8QMG
#
_entry.id   8QMG
#
_cell.length_a   66.506
_cell.length_b   145.973
_cell.length_c   82.054
_cell.angle_alpha   90.000
_cell.angle_beta   95.950
_cell.angle_gamma   90.000
#
_symmetry.space_group_name_H-M   'P 1 21 1'
#
loop_
_entity.id
_entity.type
_entity.pdbx_description
1 polymer Nictaba
2 non-polymer 'ZINC ION'
3 water water
#
_entity_poly.entity_id   1
_entity_poly.type   'polypeptide(L)'
_entity_poly.pdbx_seq_one_letter_code
;MGQGQWIAARDLSITWVDNPQYWTWKTVDPNIEVAELRRVAWLDIYGKIETKNLIRKTSYAVYLVFKLTDNPRELERATA
SLRFVNEVAEGAGIEGTTVFISKKKKLPGELGRFPHLRSDGWLEIKLGEFFNNLGEDGEVEMRLMEINDKTWKSGIIVKG
FDIRPN
;
_entity_poly.pdbx_strand_id   A,B,C,D,E,F,G,H
#
loop_
_chem_comp.id
_chem_comp.type
_chem_comp.name
_chem_comp.formula
ZN non-polymer 'ZINC ION' 'Zn 2'
#
# COMPACT_ATOMS: atom_id res chain seq x y z
N GLY A 2 18.61 13.97 21.56
CA GLY A 2 19.53 13.17 20.73
C GLY A 2 20.95 13.19 21.24
N GLN A 3 21.25 12.31 22.20
CA GLN A 3 22.56 12.23 22.81
C GLN A 3 23.09 10.81 22.68
N GLY A 4 24.30 10.68 22.13
CA GLY A 4 24.95 9.43 21.97
C GLY A 4 26.13 9.25 22.91
N GLN A 5 26.92 8.22 22.64
CA GLN A 5 28.02 7.81 23.50
C GLN A 5 29.28 7.59 22.67
N TRP A 6 30.42 7.96 23.23
CA TRP A 6 31.71 7.79 22.59
C TRP A 6 32.59 6.91 23.47
N ILE A 7 33.23 5.91 22.85
CA ILE A 7 34.23 5.08 23.51
C ILE A 7 35.54 5.32 22.79
N ALA A 8 36.46 6.06 23.41
CA ALA A 8 37.77 6.29 22.83
C ALA A 8 38.54 4.98 22.73
N ALA A 9 39.51 4.97 21.82
CA ALA A 9 40.29 3.75 21.58
C ALA A 9 40.91 3.23 22.86
N ARG A 10 41.41 4.14 23.72
CA ARG A 10 42.06 3.71 24.96
C ARG A 10 41.12 2.90 25.84
N ASP A 11 39.81 3.12 25.70
CA ASP A 11 38.81 2.43 26.53
C ASP A 11 38.25 1.17 25.87
N LEU A 12 38.65 0.87 24.63
CA LEU A 12 38.24 -0.36 23.98
C LEU A 12 39.15 -1.51 24.43
N SER A 13 38.69 -2.73 24.19
CA SER A 13 39.46 -3.95 24.45
C SER A 13 40.07 -4.40 23.12
N ILE A 14 41.35 -4.10 22.92
CA ILE A 14 42.06 -4.41 21.69
C ILE A 14 43.21 -5.34 22.05
N THR A 15 43.11 -6.59 21.62
CA THR A 15 44.12 -7.58 21.96
C THR A 15 45.46 -7.22 21.35
N TRP A 16 46.52 -7.39 22.13
CA TRP A 16 47.90 -7.09 21.78
C TRP A 16 48.18 -5.59 21.65
N VAL A 17 47.22 -4.73 22.02
CA VAL A 17 47.37 -3.31 21.75
C VAL A 17 48.38 -2.63 22.68
N ASP A 18 48.74 -3.25 23.80
CA ASP A 18 49.74 -2.72 24.72
C ASP A 18 51.08 -3.39 24.58
N ASN A 19 51.34 -4.04 23.44
CA ASN A 19 52.67 -4.56 23.11
C ASN A 19 53.22 -3.74 21.96
N PRO A 20 54.31 -2.99 22.14
CA PRO A 20 54.76 -2.08 21.05
C PRO A 20 55.19 -2.80 19.78
N GLN A 21 55.49 -4.10 19.86
CA GLN A 21 55.85 -4.85 18.66
C GLN A 21 54.68 -4.92 17.67
N TYR A 22 53.44 -4.79 18.14
CA TYR A 22 52.27 -5.02 17.31
C TYR A 22 51.41 -3.78 17.13
N TRP A 23 51.24 -2.97 18.17
CA TRP A 23 50.50 -1.72 18.07
C TRP A 23 51.35 -0.58 18.61
N THR A 24 51.04 0.63 18.15
CA THR A 24 51.72 1.84 18.60
C THR A 24 50.65 2.85 19.00
N TRP A 25 50.68 3.27 20.28
CA TRP A 25 49.83 4.35 20.75
C TRP A 25 50.50 5.68 20.44
N LYS A 26 49.77 6.57 19.77
CA LYS A 26 50.29 7.89 19.47
C LYS A 26 49.22 8.95 19.71
N THR A 27 49.67 10.14 20.09
CA THR A 27 48.82 11.30 20.21
C THR A 27 48.80 12.03 18.86
N VAL A 28 47.60 12.43 18.43
CA VAL A 28 47.43 13.10 17.15
C VAL A 28 46.44 14.24 17.36
N ASP A 29 46.43 15.17 16.41
CA ASP A 29 45.50 16.29 16.48
C ASP A 29 44.07 15.77 16.50
N PRO A 30 43.18 16.33 17.32
CA PRO A 30 43.41 17.40 18.30
C PRO A 30 43.69 16.89 19.71
N ASN A 31 44.91 16.38 19.92
CA ASN A 31 45.34 15.89 21.23
C ASN A 31 44.45 14.73 21.71
N ILE A 32 44.36 13.72 20.86
CA ILE A 32 43.65 12.49 21.19
C ILE A 32 44.62 11.33 21.03
N GLU A 33 44.38 10.26 21.79
CA GLU A 33 45.18 9.04 21.68
C GLU A 33 44.49 8.06 20.74
N VAL A 34 45.25 7.50 19.80
CA VAL A 34 44.76 6.52 18.84
C VAL A 34 45.76 5.38 18.77
N ALA A 35 45.28 4.23 18.33
CA ALA A 35 46.07 3.00 18.26
C ALA A 35 46.30 2.62 16.81
N GLU A 36 47.57 2.58 16.40
CA GLU A 36 47.94 2.24 15.04
C GLU A 36 48.49 0.81 15.00
N LEU A 37 47.88 -0.03 14.16
CA LEU A 37 48.29 -1.41 14.03
C LEU A 37 49.53 -1.51 13.15
N ARG A 38 50.62 -2.06 13.71
CA ARG A 38 51.79 -2.37 12.90
C ARG A 38 51.63 -3.73 12.22
N ARG A 39 51.43 -4.78 13.00
CA ARG A 39 51.24 -6.12 12.47
C ARG A 39 50.58 -6.95 13.57
N VAL A 40 49.60 -7.76 13.19
CA VAL A 40 48.97 -8.69 14.12
C VAL A 40 48.27 -9.77 13.32
N ALA A 41 48.31 -11.00 13.85
CA ALA A 41 47.61 -12.12 13.23
C ALA A 41 46.22 -12.32 13.80
N TRP A 42 45.98 -11.86 15.03
CA TRP A 42 44.69 -11.97 15.72
C TRP A 42 44.21 -10.54 15.98
N LEU A 43 43.46 -9.99 15.05
CA LEU A 43 42.92 -8.64 15.17
C LEU A 43 41.54 -8.70 15.80
N ASP A 44 41.36 -8.02 16.93
CA ASP A 44 40.07 -8.01 17.61
C ASP A 44 39.91 -6.68 18.32
N ILE A 45 38.99 -5.85 17.84
CA ILE A 45 38.69 -4.55 18.43
C ILE A 45 37.29 -4.66 19.03
N TYR A 46 37.21 -4.73 20.34
CA TYR A 46 36.00 -5.10 21.06
C TYR A 46 35.55 -3.99 22.00
N GLY A 47 34.23 -3.83 22.10
CA GLY A 47 33.65 -2.89 23.04
C GLY A 47 32.31 -3.38 23.52
N LYS A 48 31.91 -2.88 24.68
CA LYS A 48 30.67 -3.32 25.31
C LYS A 48 30.10 -2.17 26.11
N ILE A 49 28.78 -1.94 25.99
CA ILE A 49 28.09 -0.89 26.71
C ILE A 49 26.82 -1.46 27.36
N GLU A 50 26.33 -0.75 28.36
CA GLU A 50 25.09 -1.10 29.05
C GLU A 50 23.95 -0.25 28.51
N THR A 51 22.85 -0.91 28.16
CA THR A 51 21.70 -0.20 27.61
C THR A 51 20.91 0.54 28.68
N LYS A 52 21.13 0.23 29.96
CA LYS A 52 20.42 0.93 31.02
C LYS A 52 20.82 2.40 31.11
N ASN A 53 21.95 2.78 30.52
CA ASN A 53 22.42 4.16 30.54
C ASN A 53 21.98 4.94 29.31
N LEU A 54 21.36 4.29 28.33
CA LEU A 54 20.96 4.96 27.10
C LEU A 54 19.53 5.49 27.20
N ILE A 55 19.17 6.34 26.25
CA ILE A 55 17.81 6.84 26.17
C ILE A 55 16.89 5.69 25.76
N ARG A 56 15.75 5.56 26.45
CA ARG A 56 14.83 4.48 26.16
C ARG A 56 14.08 4.75 24.85
N LYS A 57 13.51 3.69 24.30
CA LYS A 57 12.68 3.77 23.10
C LYS A 57 13.45 4.40 21.94
N THR A 58 14.71 4.02 21.78
CA THR A 58 15.58 4.66 20.80
C THR A 58 16.43 3.61 20.10
N SER A 59 16.51 3.70 18.78
CA SER A 59 17.40 2.86 17.98
C SER A 59 18.79 3.49 17.92
N TYR A 60 19.81 2.66 18.14
CA TYR A 60 21.19 3.11 18.14
C TYR A 60 21.98 2.36 17.06
N ALA A 61 22.94 3.07 16.47
CA ALA A 61 23.92 2.46 15.57
C ALA A 61 25.30 2.66 16.19
N VAL A 62 26.18 1.67 15.99
CA VAL A 62 27.54 1.70 16.52
C VAL A 62 28.50 1.65 15.34
N TYR A 63 29.47 2.59 15.34
CA TYR A 63 30.41 2.72 14.24
C TYR A 63 31.83 2.66 14.78
N LEU A 64 32.68 1.91 14.11
CA LEU A 64 34.12 1.94 14.38
C LEU A 64 34.72 3.09 13.58
N VAL A 65 35.34 4.05 14.28
CA VAL A 65 35.98 5.20 13.65
C VAL A 65 37.45 4.88 13.53
N PHE A 66 37.97 4.95 12.31
CA PHE A 66 39.34 4.54 12.05
C PHE A 66 39.90 5.27 10.83
N LYS A 67 41.19 5.08 10.61
CA LYS A 67 41.87 5.56 9.41
C LYS A 67 42.74 4.42 8.90
N LEU A 68 43.24 4.58 7.68
CA LEU A 68 44.13 3.61 7.04
C LEU A 68 45.45 4.28 6.69
N THR A 69 46.53 3.52 6.81
CA THR A 69 47.84 3.99 6.41
C THR A 69 47.96 3.97 4.88
N ASP A 70 49.14 4.30 4.38
CA ASP A 70 49.36 4.25 2.94
C ASP A 70 49.19 2.83 2.42
N ASN A 71 49.61 1.84 3.20
CA ASN A 71 49.71 0.46 2.75
C ASN A 71 49.03 -0.47 3.74
N PRO A 72 47.71 -0.52 3.75
CA PRO A 72 47.01 -1.51 4.56
C PRO A 72 47.18 -2.91 3.97
N ARG A 73 47.30 -3.90 4.84
CA ARG A 73 47.52 -5.28 4.42
C ARG A 73 46.49 -6.19 5.08
N GLU A 74 45.97 -7.13 4.28
CA GLU A 74 45.08 -8.18 4.77
C GLU A 74 43.86 -7.62 5.48
N LEU A 75 43.41 -6.43 5.05
CA LEU A 75 42.24 -5.80 5.63
C LEU A 75 41.20 -5.44 4.58
N GLU A 76 41.23 -6.09 3.41
CA GLU A 76 40.19 -5.85 2.42
C GLU A 76 38.82 -6.14 3.02
N ARG A 77 38.68 -7.29 3.69
CA ARG A 77 37.46 -7.69 4.36
C ARG A 77 37.73 -7.94 5.84
N ALA A 78 36.68 -7.89 6.64
CA ALA A 78 36.79 -8.16 8.06
C ALA A 78 35.41 -8.53 8.57
N THR A 79 35.38 -8.99 9.82
CA THR A 79 34.16 -9.47 10.46
C THR A 79 33.67 -8.43 11.46
N ALA A 80 32.46 -7.91 11.23
CA ALA A 80 31.79 -7.02 12.17
C ALA A 80 30.74 -7.81 12.95
N SER A 81 30.55 -7.43 14.21
CA SER A 81 29.62 -8.12 15.09
C SER A 81 28.98 -7.13 16.04
N LEU A 82 27.70 -7.35 16.33
CA LEU A 82 26.96 -6.57 17.33
C LEU A 82 25.78 -7.41 17.76
N ARG A 83 25.63 -7.61 19.08
CA ARG A 83 24.57 -8.46 19.59
C ARG A 83 24.36 -8.19 21.08
N PHE A 84 23.16 -8.51 21.54
CA PHE A 84 22.89 -8.49 22.97
C PHE A 84 23.59 -9.65 23.65
N VAL A 85 24.31 -9.36 24.73
CA VAL A 85 25.06 -10.40 25.43
C VAL A 85 24.13 -11.52 25.88
N ASN A 86 22.91 -11.18 26.29
CA ASN A 86 21.98 -12.18 26.82
C ASN A 86 21.31 -12.99 25.73
N GLU A 87 21.53 -12.68 24.46
CA GLU A 87 20.93 -13.42 23.36
C GLU A 87 21.91 -14.40 22.70
N VAL A 88 23.03 -14.68 23.34
CA VAL A 88 24.05 -15.58 22.78
C VAL A 88 23.74 -17.00 23.27
N ALA A 89 23.37 -17.88 22.33
CA ALA A 89 23.08 -19.26 22.69
C ALA A 89 24.34 -19.98 23.14
N GLU A 90 24.18 -20.83 24.14
CA GLU A 90 25.30 -21.60 24.65
C GLU A 90 26.02 -22.33 23.52
N GLY A 91 27.33 -22.11 23.41
CA GLY A 91 28.14 -22.78 22.43
C GLY A 91 28.24 -22.08 21.10
N ALA A 92 27.47 -21.03 20.88
CA ALA A 92 27.53 -20.29 19.63
C ALA A 92 28.79 -19.44 19.56
N GLY A 93 29.34 -19.32 18.36
CA GLY A 93 30.53 -18.53 18.13
C GLY A 93 30.24 -17.05 18.12
N ILE A 94 31.10 -16.29 17.42
CA ILE A 94 30.89 -14.86 17.30
C ILE A 94 29.66 -14.57 16.46
N GLU A 95 29.50 -15.26 15.34
CA GLU A 95 28.33 -15.14 14.48
C GLU A 95 28.15 -13.70 13.99
N GLY A 96 29.15 -13.23 13.25
CA GLY A 96 29.17 -11.90 12.70
C GLY A 96 28.89 -11.87 11.21
N THR A 97 29.19 -10.72 10.60
CA THR A 97 28.95 -10.48 9.19
C THR A 97 30.20 -9.89 8.54
N THR A 98 30.36 -10.14 7.24
CA THR A 98 31.52 -9.69 6.51
C THR A 98 31.31 -8.27 6.01
N VAL A 99 32.27 -7.40 6.30
CA VAL A 99 32.25 -6.02 5.83
C VAL A 99 33.59 -5.70 5.18
N PHE A 100 33.60 -4.65 4.36
CA PHE A 100 34.81 -4.18 3.71
C PHE A 100 35.46 -3.07 4.53
N ILE A 101 36.78 -3.08 4.60
CA ILE A 101 37.52 -2.08 5.37
C ILE A 101 38.43 -1.28 4.46
N SER A 102 39.37 -1.97 3.78
CA SER A 102 40.35 -1.28 2.95
C SER A 102 40.01 -1.33 1.45
N LYS A 103 39.15 -2.24 1.03
CA LYS A 103 38.78 -2.32 -0.39
C LYS A 103 37.82 -1.19 -0.72
N LYS A 104 38.10 -0.47 -1.79
CA LYS A 104 37.27 0.65 -2.21
C LYS A 104 36.21 0.18 -3.21
N LYS A 105 35.03 0.77 -3.12
CA LYS A 105 33.93 0.42 -4.02
C LYS A 105 34.27 0.86 -5.44
N LYS A 106 34.38 -0.09 -6.36
CA LYS A 106 34.74 0.21 -7.73
C LYS A 106 33.53 0.58 -8.58
N LEU A 107 32.56 -0.36 -8.74
CA LEU A 107 31.38 -0.04 -9.52
C LEU A 107 30.18 0.20 -8.61
N PRO A 108 29.22 1.02 -9.05
CA PRO A 108 28.07 1.32 -8.18
C PRO A 108 27.23 0.09 -7.83
N GLY A 109 27.24 -0.94 -8.67
CA GLY A 109 26.48 -2.13 -8.41
C GLY A 109 27.07 -3.11 -7.42
N GLU A 110 28.23 -2.80 -6.87
CA GLU A 110 28.89 -3.72 -5.97
C GLU A 110 28.16 -3.74 -4.62
N LEU A 111 27.93 -4.93 -4.10
CA LEU A 111 27.22 -5.09 -2.85
C LEU A 111 28.21 -5.12 -1.68
N GLY A 112 27.68 -4.89 -0.49
CA GLY A 112 28.46 -4.95 0.72
C GLY A 112 28.46 -3.63 1.48
N ARG A 113 28.88 -3.71 2.72
CA ARG A 113 28.99 -2.54 3.59
C ARG A 113 30.41 -1.98 3.49
N PHE A 114 30.52 -0.74 3.02
CA PHE A 114 31.80 -0.06 2.86
C PHE A 114 31.93 1.08 3.87
N PRO A 115 33.15 1.46 4.21
CA PRO A 115 33.33 2.64 5.07
C PRO A 115 33.02 3.91 4.28
N HIS A 116 33.00 5.03 5.00
CA HIS A 116 32.87 6.33 4.35
C HIS A 116 33.45 7.40 5.25
N LEU A 117 33.61 8.59 4.68
CA LEU A 117 34.33 9.67 5.35
C LEU A 117 33.42 10.43 6.30
N ARG A 118 33.94 10.73 7.47
CA ARG A 118 33.24 11.55 8.46
C ARG A 118 33.61 13.02 8.30
N SER A 119 32.88 13.88 9.02
CA SER A 119 33.19 15.30 9.02
C SER A 119 34.58 15.56 9.58
N ASP A 120 35.04 14.72 10.50
CA ASP A 120 36.33 14.90 11.15
C ASP A 120 37.48 14.29 10.35
N GLY A 121 37.24 13.89 9.11
CA GLY A 121 38.27 13.31 8.28
C GLY A 121 38.57 11.85 8.52
N TRP A 122 38.03 11.28 9.59
CA TRP A 122 38.21 9.85 9.84
C TRP A 122 37.16 9.04 9.07
N LEU A 123 37.52 7.79 8.78
CA LEU A 123 36.54 6.87 8.22
C LEU A 123 35.74 6.22 9.34
N GLU A 124 34.57 5.70 8.97
CA GLU A 124 33.80 4.89 9.91
C GLU A 124 33.09 3.77 9.17
N ILE A 125 32.98 2.61 9.82
CA ILE A 125 32.24 1.46 9.31
C ILE A 125 31.20 1.08 10.36
N LYS A 126 29.96 0.91 9.92
CA LYS A 126 28.88 0.55 10.82
C LYS A 126 29.01 -0.90 11.25
N LEU A 127 29.13 -1.12 12.56
CA LEU A 127 29.26 -2.48 13.05
C LEU A 127 27.90 -3.16 13.25
N GLY A 128 26.84 -2.39 13.50
CA GLY A 128 25.54 -2.97 13.71
C GLY A 128 24.56 -1.95 14.26
N GLU A 129 23.35 -2.42 14.51
CA GLU A 129 22.27 -1.62 15.05
C GLU A 129 21.55 -2.42 16.12
N PHE A 130 20.91 -1.71 17.04
CA PHE A 130 20.06 -2.33 18.04
C PHE A 130 19.06 -1.31 18.54
N PHE A 131 17.90 -1.80 18.99
CA PHE A 131 16.87 -0.96 19.58
C PHE A 131 16.95 -1.07 21.10
N ASN A 132 17.06 0.08 21.77
CA ASN A 132 16.99 0.13 23.22
C ASN A 132 15.53 0.38 23.60
N ASN A 133 14.89 -0.62 24.20
CA ASN A 133 13.49 -0.50 24.58
C ASN A 133 13.35 0.19 25.93
N LEU A 134 13.48 -0.58 27.01
CA LEU A 134 13.37 -0.05 28.36
C LEU A 134 14.70 -0.05 29.09
N GLY A 135 15.80 -0.40 28.40
CA GLY A 135 17.09 -0.48 29.05
C GLY A 135 17.23 -1.63 29.99
N GLU A 136 16.38 -2.65 29.84
CA GLU A 136 16.39 -3.82 30.72
C GLU A 136 16.84 -5.10 30.03
N ASP A 137 17.21 -5.03 28.76
CA ASP A 137 17.66 -6.20 28.01
C ASP A 137 19.15 -6.47 28.20
N GLY A 138 19.83 -5.70 29.04
CA GLY A 138 21.22 -5.98 29.34
C GLY A 138 22.21 -5.23 28.48
N GLU A 139 23.39 -5.82 28.30
CA GLU A 139 24.47 -5.17 27.57
C GLU A 139 24.46 -5.55 26.09
N VAL A 140 25.11 -4.71 25.30
CA VAL A 140 25.32 -4.94 23.87
C VAL A 140 26.83 -4.90 23.63
N GLU A 141 27.36 -5.95 23.02
CA GLU A 141 28.76 -6.05 22.68
C GLU A 141 28.93 -5.96 21.17
N MET A 142 30.00 -5.30 20.73
N MET A 142 30.00 -5.32 20.73
CA MET A 142 30.31 -5.16 19.32
CA MET A 142 30.31 -5.20 19.31
C MET A 142 31.81 -5.29 19.14
C MET A 142 31.81 -5.30 19.13
N ARG A 143 32.21 -5.65 17.92
CA ARG A 143 33.63 -5.80 17.61
C ARG A 143 33.83 -5.84 16.10
N LEU A 144 35.07 -5.56 15.69
CA LEU A 144 35.56 -5.86 14.36
C LEU A 144 36.79 -6.74 14.52
N MET A 145 36.81 -7.89 13.86
CA MET A 145 37.88 -8.86 14.05
C MET A 145 38.32 -9.46 12.73
N GLU A 146 39.56 -9.95 12.71
CA GLU A 146 40.11 -10.71 11.60
C GLU A 146 41.09 -11.68 12.23
N ILE A 147 40.65 -12.92 12.44
CA ILE A 147 41.41 -13.87 13.24
C ILE A 147 41.92 -15.04 12.40
N ASN A 148 42.24 -14.76 11.14
CA ASN A 148 42.92 -15.73 10.29
C ASN A 148 44.39 -15.77 10.71
N ASP A 149 44.80 -16.88 11.33
CA ASP A 149 46.15 -16.98 11.88
C ASP A 149 47.23 -16.88 10.81
N LYS A 150 46.89 -17.14 9.55
CA LYS A 150 47.90 -17.22 8.50
C LYS A 150 48.19 -15.87 7.85
N THR A 151 47.54 -14.79 8.29
CA THR A 151 47.69 -13.48 7.67
C THR A 151 48.07 -12.44 8.71
N TRP A 152 49.03 -11.59 8.36
CA TRP A 152 49.38 -10.43 9.18
C TRP A 152 48.55 -9.23 8.74
N LYS A 153 47.69 -8.75 9.64
CA LYS A 153 46.91 -7.54 9.37
C LYS A 153 47.73 -6.33 9.77
N SER A 154 47.61 -5.26 8.97
CA SER A 154 48.44 -4.09 9.18
C SER A 154 47.77 -2.86 8.56
N GLY A 155 47.93 -1.73 9.23
CA GLY A 155 47.61 -0.45 8.62
C GLY A 155 46.30 0.18 8.98
N ILE A 156 45.68 -0.22 10.08
CA ILE A 156 44.45 0.41 10.55
C ILE A 156 44.80 1.24 11.77
N ILE A 157 44.17 2.41 11.87
CA ILE A 157 44.37 3.33 12.99
C ILE A 157 43.02 3.48 13.69
N VAL A 158 42.95 3.04 14.93
CA VAL A 158 41.68 2.96 15.65
C VAL A 158 41.53 4.20 16.51
N LYS A 159 40.42 4.90 16.35
CA LYS A 159 40.08 6.07 17.16
C LYS A 159 39.10 5.75 18.28
N GLY A 160 38.14 4.86 18.02
CA GLY A 160 37.17 4.47 19.02
C GLY A 160 35.89 4.03 18.37
N PHE A 161 34.89 3.75 19.22
CA PHE A 161 33.56 3.38 18.77
C PHE A 161 32.62 4.56 19.00
N ASP A 162 31.84 4.91 17.97
CA ASP A 162 30.81 5.93 18.05
C ASP A 162 29.44 5.25 18.14
N ILE A 163 28.66 5.63 19.15
CA ILE A 163 27.31 5.09 19.36
C ILE A 163 26.34 6.24 19.22
N ARG A 164 25.58 6.27 18.12
CA ARG A 164 24.73 7.39 17.81
C ARG A 164 23.29 6.94 17.62
N PRO A 165 22.32 7.72 18.08
CA PRO A 165 20.91 7.40 17.79
C PRO A 165 20.64 7.57 16.30
N ASN A 166 19.88 6.63 15.74
CA ASN A 166 19.52 6.67 14.33
C ASN A 166 18.51 7.78 14.07
N GLY B 2 2.72 -0.18 5.13
CA GLY B 2 2.59 0.90 6.14
C GLY B 2 3.36 0.64 7.42
N GLN B 3 2.63 0.46 8.51
CA GLN B 3 3.23 0.27 9.83
C GLN B 3 3.65 -1.19 9.97
N GLY B 4 4.74 -1.52 9.28
CA GLY B 4 5.17 -2.90 9.21
C GLY B 4 4.60 -3.60 8.00
N GLN B 5 4.78 -4.92 7.99
CA GLN B 5 4.30 -5.74 6.87
C GLN B 5 4.08 -7.16 7.35
N TRP B 6 3.15 -7.84 6.67
CA TRP B 6 2.87 -9.25 6.93
C TRP B 6 3.08 -10.06 5.65
N ILE B 7 3.83 -11.14 5.77
CA ILE B 7 4.08 -12.05 4.64
C ILE B 7 3.35 -13.36 4.96
N ALA B 8 2.30 -13.66 4.19
CA ALA B 8 1.62 -14.93 4.35
C ALA B 8 2.55 -16.08 4.00
N ALA B 9 2.25 -17.25 4.55
CA ALA B 9 3.10 -18.41 4.31
C ALA B 9 3.27 -18.69 2.82
N ARG B 10 2.21 -18.49 2.03
CA ARG B 10 2.28 -18.78 0.60
C ARG B 10 3.20 -17.83 -0.15
N ASP B 11 3.58 -16.70 0.44
CA ASP B 11 4.49 -15.76 -0.20
C ASP B 11 5.92 -15.88 0.32
N LEU B 12 6.18 -16.77 1.27
CA LEU B 12 7.53 -17.09 1.66
C LEU B 12 8.12 -18.13 0.70
N SER B 13 9.44 -18.08 0.52
CA SER B 13 10.15 -19.10 -0.24
C SER B 13 10.56 -20.19 0.74
N ILE B 14 9.92 -21.35 0.64
CA ILE B 14 10.14 -22.47 1.55
C ILE B 14 10.52 -23.67 0.71
N THR B 15 11.73 -24.19 0.94
CA THR B 15 12.25 -25.29 0.13
C THR B 15 11.40 -26.54 0.34
N TRP B 16 11.06 -27.20 -0.76
CA TRP B 16 10.27 -28.42 -0.81
C TRP B 16 8.83 -28.22 -0.37
N VAL B 17 8.38 -26.96 -0.21
CA VAL B 17 7.08 -26.72 0.39
C VAL B 17 5.93 -27.17 -0.52
N ASP B 18 6.16 -27.31 -1.82
CA ASP B 18 5.14 -27.79 -2.74
C ASP B 18 5.14 -29.31 -2.88
N ASN B 19 5.93 -30.01 -2.07
CA ASN B 19 5.99 -31.47 -2.12
C ASN B 19 5.21 -32.05 -0.95
N PRO B 20 4.05 -32.67 -1.18
CA PRO B 20 3.24 -33.15 -0.04
C PRO B 20 3.96 -34.22 0.79
N GLN B 21 5.07 -34.76 0.31
CA GLN B 21 5.85 -35.71 1.10
C GLN B 21 6.60 -35.02 2.24
N TYR B 22 6.88 -33.73 2.11
CA TYR B 22 7.72 -33.00 3.06
C TYR B 22 6.98 -31.91 3.79
N TRP B 23 6.05 -31.23 3.14
CA TRP B 23 5.20 -30.24 3.78
C TRP B 23 3.73 -30.54 3.47
N THR B 24 2.86 -30.16 4.39
CA THR B 24 1.42 -30.33 4.26
C THR B 24 0.76 -28.97 4.41
N TRP B 25 0.22 -28.45 3.30
CA TRP B 25 -0.56 -27.22 3.35
C TRP B 25 -1.91 -27.48 3.98
N LYS B 26 -2.31 -26.63 4.94
CA LYS B 26 -3.58 -26.83 5.62
C LYS B 26 -4.20 -25.48 5.93
N THR B 27 -5.52 -25.50 6.09
CA THR B 27 -6.29 -24.31 6.44
C THR B 27 -6.83 -24.47 7.85
N VAL B 28 -6.66 -23.44 8.67
CA VAL B 28 -7.07 -23.48 10.07
C VAL B 28 -7.89 -22.23 10.39
N ASP B 29 -8.67 -22.32 11.45
CA ASP B 29 -9.55 -21.22 11.83
C ASP B 29 -8.73 -19.97 12.15
N PRO B 30 -9.08 -18.79 11.61
CA PRO B 30 -10.17 -18.51 10.68
C PRO B 30 -9.74 -18.42 9.22
N ASN B 31 -9.78 -19.54 8.52
CA ASN B 31 -9.57 -19.58 7.07
C ASN B 31 -8.24 -18.94 6.69
N ILE B 32 -7.18 -19.35 7.40
CA ILE B 32 -5.81 -18.97 7.06
C ILE B 32 -5.05 -20.22 6.61
N GLU B 33 -4.20 -20.06 5.61
CA GLU B 33 -3.40 -21.16 5.10
C GLU B 33 -2.04 -21.18 5.79
N VAL B 34 -1.66 -22.34 6.32
CA VAL B 34 -0.37 -22.52 6.96
C VAL B 34 0.29 -23.75 6.36
N ALA B 35 1.61 -23.79 6.45
CA ALA B 35 2.41 -24.89 5.93
C ALA B 35 2.99 -25.66 7.12
N GLU B 36 2.53 -26.90 7.30
CA GLU B 36 3.04 -27.76 8.35
C GLU B 36 4.17 -28.61 7.81
N LEU B 37 5.26 -28.71 8.57
CA LEU B 37 6.41 -29.50 8.17
C LEU B 37 6.21 -30.95 8.63
N ARG B 38 5.97 -31.84 7.66
CA ARG B 38 5.92 -33.27 7.98
C ARG B 38 7.33 -33.83 8.22
N ARG B 39 8.26 -33.59 7.30
CA ARG B 39 9.62 -34.09 7.44
C ARG B 39 10.46 -33.49 6.32
N VAL B 40 11.66 -33.04 6.69
CA VAL B 40 12.59 -32.50 5.70
C VAL B 40 13.97 -32.43 6.35
N ALA B 41 15.00 -32.60 5.52
CA ALA B 41 16.39 -32.48 5.97
C ALA B 41 16.98 -31.09 5.67
N TRP B 42 16.49 -30.40 4.65
CA TRP B 42 16.93 -29.06 4.29
C TRP B 42 15.76 -28.11 4.59
N LEU B 43 15.79 -27.52 5.77
CA LEU B 43 14.76 -26.58 6.19
C LEU B 43 15.22 -25.16 5.90
N ASP B 44 14.45 -24.43 5.10
CA ASP B 44 14.76 -23.06 4.75
C ASP B 44 13.46 -22.30 4.54
N ILE B 45 13.23 -21.28 5.34
CA ILE B 45 12.03 -20.44 5.28
C ILE B 45 12.49 -19.01 5.08
N TYR B 46 12.29 -18.48 3.88
CA TYR B 46 12.89 -17.22 3.45
C TYR B 46 11.83 -16.20 3.07
N GLY B 47 12.11 -14.93 3.37
CA GLY B 47 11.20 -13.85 3.04
C GLY B 47 11.95 -12.56 2.80
N LYS B 48 11.30 -11.64 2.08
CA LYS B 48 11.94 -10.43 1.59
C LYS B 48 10.91 -9.31 1.52
N ILE B 49 11.32 -8.11 1.93
CA ILE B 49 10.45 -6.94 1.89
C ILE B 49 11.19 -5.75 1.29
N GLU B 50 10.42 -4.79 0.82
CA GLU B 50 10.94 -3.49 0.40
C GLU B 50 10.77 -2.49 1.55
N THR B 51 11.86 -1.81 1.90
CA THR B 51 11.79 -0.81 2.97
C THR B 51 11.09 0.47 2.50
N LYS B 52 10.96 0.67 1.19
CA LYS B 52 10.30 1.86 0.67
C LYS B 52 8.85 1.93 1.14
N ASN B 53 8.25 0.79 1.45
CA ASN B 53 6.84 0.76 1.85
C ASN B 53 6.65 1.13 3.31
N LEU B 54 7.68 1.00 4.13
CA LEU B 54 7.53 1.11 5.57
C LEU B 54 7.60 2.57 6.03
N ILE B 55 6.97 2.82 7.19
CA ILE B 55 7.09 4.11 7.85
C ILE B 55 8.55 4.41 8.12
N ARG B 56 8.95 5.67 7.90
CA ARG B 56 10.35 6.04 7.96
C ARG B 56 10.78 6.35 9.40
N LYS B 57 12.09 6.42 9.59
CA LYS B 57 12.68 6.76 10.88
C LYS B 57 12.20 5.83 11.99
N THR B 58 12.06 4.55 11.65
CA THR B 58 11.50 3.55 12.56
C THR B 58 12.38 2.31 12.62
N SER B 59 12.51 1.76 13.82
CA SER B 59 13.20 0.49 14.03
C SER B 59 12.18 -0.64 13.93
N TYR B 60 12.50 -1.66 13.15
CA TYR B 60 11.59 -2.76 12.86
C TYR B 60 12.18 -4.08 13.31
N ALA B 61 11.36 -4.92 13.92
CA ALA B 61 11.71 -6.30 14.23
C ALA B 61 10.92 -7.23 13.32
N VAL B 62 11.54 -8.36 12.95
CA VAL B 62 10.95 -9.32 12.03
C VAL B 62 10.85 -10.66 12.74
N TYR B 63 9.63 -11.20 12.81
CA TYR B 63 9.37 -12.44 13.52
C TYR B 63 8.79 -13.50 12.58
N LEU B 64 9.23 -14.73 12.74
CA LEU B 64 8.57 -15.89 12.13
C LEU B 64 7.48 -16.35 13.09
N VAL B 65 6.24 -16.36 12.63
CA VAL B 65 5.09 -16.77 13.44
C VAL B 65 4.78 -18.22 13.12
N PHE B 66 4.73 -19.05 14.15
CA PHE B 66 4.62 -20.49 13.94
C PHE B 66 4.05 -21.13 15.19
N LYS B 67 3.68 -22.42 15.06
CA LYS B 67 3.33 -23.27 16.17
C LYS B 67 4.12 -24.57 16.06
N LEU B 68 4.13 -25.34 17.14
CA LEU B 68 4.80 -26.63 17.18
C LEU B 68 3.77 -27.74 17.40
N THR B 69 3.93 -28.84 16.68
CA THR B 69 3.10 -30.01 16.91
C THR B 69 3.42 -30.61 18.27
N ASP B 70 2.76 -31.71 18.60
CA ASP B 70 3.00 -32.37 19.88
C ASP B 70 4.36 -33.06 19.93
N ASN B 71 4.94 -33.39 18.78
CA ASN B 71 6.19 -34.16 18.72
C ASN B 71 7.11 -33.54 17.68
N PRO B 72 7.66 -32.36 17.96
CA PRO B 72 8.67 -31.79 17.07
C PRO B 72 9.98 -32.59 17.13
N ARG B 73 10.75 -32.49 16.05
CA ARG B 73 11.97 -33.26 15.94
C ARG B 73 13.10 -32.40 15.40
N GLU B 74 14.24 -32.42 16.09
CA GLU B 74 15.49 -31.83 15.61
C GLU B 74 15.35 -30.33 15.38
N LEU B 75 14.49 -29.67 16.16
CA LEU B 75 14.31 -28.23 16.06
C LEU B 75 14.64 -27.50 17.35
N GLU B 76 15.50 -28.07 18.19
CA GLU B 76 15.92 -27.38 19.41
C GLU B 76 16.58 -26.04 19.06
N ARG B 77 17.45 -26.06 18.05
CA ARG B 77 18.13 -24.86 17.58
C ARG B 77 17.98 -24.73 16.07
N ALA B 78 18.17 -23.51 15.58
CA ALA B 78 18.17 -23.24 14.16
C ALA B 78 18.91 -21.93 13.92
N THR B 79 19.08 -21.57 12.65
CA THR B 79 19.83 -20.40 12.25
C THR B 79 18.85 -19.34 11.75
N ALA B 80 18.90 -18.17 12.36
CA ALA B 80 18.13 -17.01 11.92
C ALA B 80 19.07 -16.01 11.28
N SER B 81 18.61 -15.39 10.18
CA SER B 81 19.40 -14.39 9.49
C SER B 81 18.50 -13.26 9.03
N LEU B 82 19.01 -12.03 9.12
CA LEU B 82 18.35 -10.85 8.59
C LEU B 82 19.43 -9.87 8.16
N ARG B 83 19.35 -9.38 6.93
N ARG B 83 19.37 -9.42 6.92
CA ARG B 83 20.38 -8.50 6.41
CA ARG B 83 20.39 -8.54 6.35
C ARG B 83 19.84 -7.72 5.23
C ARG B 83 19.73 -7.64 5.32
N PHE B 84 20.40 -6.52 5.03
CA PHE B 84 20.07 -5.73 3.85
C PHE B 84 20.70 -6.40 2.64
N VAL B 85 19.88 -6.66 1.61
CA VAL B 85 20.36 -7.37 0.42
C VAL B 85 21.60 -6.69 -0.13
N ASN B 86 21.59 -5.36 -0.21
CA ASN B 86 22.71 -4.64 -0.82
C ASN B 86 23.97 -4.67 0.04
N GLU B 87 23.87 -5.11 1.30
CA GLU B 87 25.01 -5.10 2.21
C GLU B 87 25.70 -6.46 2.29
N VAL B 88 25.31 -7.42 1.46
CA VAL B 88 25.90 -8.74 1.46
C VAL B 88 27.13 -8.73 0.55
N ALA B 89 28.29 -8.97 1.13
CA ALA B 89 29.53 -8.95 0.37
C ALA B 89 29.62 -10.18 -0.53
N GLU B 90 30.23 -9.99 -1.71
CA GLU B 90 30.32 -11.07 -2.67
C GLU B 90 31.08 -12.25 -2.07
N GLY B 91 30.50 -13.44 -2.20
CA GLY B 91 31.11 -14.66 -1.67
C GLY B 91 30.73 -14.99 -0.25
N ALA B 92 30.20 -14.03 0.49
CA ALA B 92 29.75 -14.30 1.85
C ALA B 92 28.51 -15.20 1.81
N GLY B 93 28.44 -16.11 2.76
CA GLY B 93 27.32 -17.02 2.85
C GLY B 93 26.15 -16.38 3.59
N ILE B 94 25.26 -17.23 4.06
CA ILE B 94 24.19 -16.79 4.95
C ILE B 94 24.81 -16.64 6.33
N GLU B 95 24.95 -15.41 6.79
CA GLU B 95 25.64 -15.11 8.04
C GLU B 95 24.57 -14.78 9.08
N GLY B 96 24.08 -15.83 9.75
CA GLY B 96 22.99 -15.69 10.70
C GLY B 96 23.44 -15.93 12.13
N THR B 97 22.43 -16.04 13.01
CA THR B 97 22.64 -16.26 14.43
C THR B 97 21.87 -17.49 14.88
N THR B 98 22.38 -18.16 15.90
CA THR B 98 21.71 -19.31 16.48
C THR B 98 20.57 -18.84 17.38
N VAL B 99 19.38 -19.41 17.17
CA VAL B 99 18.21 -19.15 18.00
C VAL B 99 17.59 -20.49 18.38
N PHE B 100 16.77 -20.46 19.42
CA PHE B 100 16.05 -21.64 19.89
C PHE B 100 14.64 -21.63 19.31
N ILE B 101 14.14 -22.82 18.98
CA ILE B 101 12.82 -22.96 18.38
C ILE B 101 11.97 -23.86 19.28
N SER B 102 12.28 -25.16 19.31
CA SER B 102 11.49 -26.10 20.11
C SER B 102 11.98 -26.20 21.55
N LYS B 103 13.23 -25.82 21.81
CA LYS B 103 13.75 -25.85 23.17
C LYS B 103 13.01 -24.86 24.05
N LYS B 104 12.69 -25.28 25.27
CA LYS B 104 11.99 -24.43 26.23
C LYS B 104 13.00 -23.79 27.17
N LYS B 105 12.83 -22.50 27.43
CA LYS B 105 13.69 -21.76 28.35
C LYS B 105 13.39 -22.22 29.78
N LYS B 106 14.17 -23.16 30.28
CA LYS B 106 13.92 -23.72 31.59
C LYS B 106 14.50 -22.89 32.72
N LEU B 107 15.59 -22.15 32.47
CA LEU B 107 16.24 -21.36 33.50
C LEU B 107 15.98 -19.88 33.27
N PRO B 108 15.67 -19.10 34.31
CA PRO B 108 15.50 -17.65 34.11
C PRO B 108 16.77 -16.96 33.63
N GLY B 109 17.94 -17.52 33.91
CA GLY B 109 19.19 -16.91 33.49
C GLY B 109 19.80 -17.54 32.25
N GLU B 110 19.00 -18.34 31.53
CA GLU B 110 19.50 -18.99 30.33
C GLU B 110 19.62 -17.96 29.21
N LEU B 111 20.74 -18.00 28.49
CA LEU B 111 21.01 -17.03 27.44
C LEU B 111 20.52 -17.54 26.10
N GLY B 112 20.18 -16.61 25.23
CA GLY B 112 19.71 -16.93 23.89
C GLY B 112 18.36 -16.33 23.59
N ARG B 113 18.01 -16.24 22.30
CA ARG B 113 16.69 -15.81 21.87
C ARG B 113 15.76 -17.04 21.82
N PHE B 114 14.71 -17.01 22.63
CA PHE B 114 13.69 -18.05 22.64
C PHE B 114 12.40 -17.54 22.02
N PRO B 115 11.51 -18.43 21.60
CA PRO B 115 10.21 -17.99 21.08
C PRO B 115 9.35 -17.40 22.18
N HIS B 116 8.41 -16.55 21.75
CA HIS B 116 7.48 -15.89 22.65
C HIS B 116 6.05 -16.24 22.25
N LEU B 117 5.20 -16.47 23.25
CA LEU B 117 3.79 -16.78 23.01
C LEU B 117 3.02 -15.48 22.81
N ARG B 118 2.47 -15.30 21.62
CA ARG B 118 1.74 -14.09 21.27
C ARG B 118 0.34 -14.10 21.87
N SER B 119 -0.30 -12.92 21.83
CA SER B 119 -1.66 -12.80 22.33
C SER B 119 -2.61 -13.72 21.59
N ASP B 120 -2.35 -14.00 20.31
CA ASP B 120 -3.24 -14.83 19.51
C ASP B 120 -2.89 -16.31 19.56
N GLY B 121 -2.12 -16.74 20.57
CA GLY B 121 -1.84 -18.14 20.76
C GLY B 121 -0.74 -18.73 19.90
N TRP B 122 -0.24 -17.98 18.91
CA TRP B 122 0.84 -18.45 18.08
C TRP B 122 2.19 -18.05 18.68
N LEU B 123 3.21 -18.86 18.40
CA LEU B 123 4.57 -18.53 18.80
C LEU B 123 5.21 -17.61 17.77
N GLU B 124 6.24 -16.89 18.20
CA GLU B 124 7.05 -16.09 17.29
C GLU B 124 8.49 -16.11 17.75
N ILE B 125 9.41 -16.15 16.78
CA ILE B 125 10.84 -16.12 17.03
C ILE B 125 11.43 -14.93 16.27
N LYS B 126 12.19 -14.10 16.97
CA LYS B 126 12.77 -12.92 16.36
C LYS B 126 13.90 -13.32 15.44
N LEU B 127 13.76 -13.02 14.15
CA LEU B 127 14.81 -13.34 13.19
C LEU B 127 15.89 -12.26 13.14
N GLY B 128 15.51 -11.00 13.37
CA GLY B 128 16.48 -9.93 13.30
C GLY B 128 15.83 -8.58 13.49
N GLU B 129 16.63 -7.54 13.28
CA GLU B 129 16.22 -6.16 13.55
C GLU B 129 16.93 -5.24 12.58
N PHE B 130 16.27 -4.14 12.23
CA PHE B 130 16.87 -3.18 11.33
C PHE B 130 16.16 -1.83 11.48
N PHE B 131 16.90 -0.76 11.19
CA PHE B 131 16.35 0.58 11.19
C PHE B 131 16.02 0.99 9.77
N ASN B 132 14.79 1.43 9.55
CA ASN B 132 14.40 2.02 8.27
C ASN B 132 14.57 3.53 8.38
N ASN B 133 15.54 4.09 7.65
CA ASN B 133 15.81 5.51 7.70
C ASN B 133 14.79 6.28 6.87
N LEU B 134 14.99 6.31 5.55
CA LEU B 134 14.07 6.97 4.63
C LEU B 134 13.55 6.03 3.55
N GLY B 135 13.67 4.73 3.76
CA GLY B 135 13.21 3.77 2.77
C GLY B 135 14.02 3.76 1.50
N GLU B 136 15.26 4.25 1.54
CA GLU B 136 16.11 4.33 0.37
C GLU B 136 17.26 3.35 0.39
N ASP B 137 17.31 2.45 1.37
CA ASP B 137 18.40 1.49 1.51
C ASP B 137 18.06 0.11 0.95
N GLY B 138 16.90 -0.07 0.33
CA GLY B 138 16.62 -1.25 -0.46
C GLY B 138 15.86 -2.32 0.29
N GLU B 139 16.06 -3.54 -0.18
CA GLU B 139 15.32 -4.69 0.32
C GLU B 139 15.99 -5.25 1.57
N VAL B 140 15.18 -5.83 2.45
CA VAL B 140 15.66 -6.58 3.61
C VAL B 140 15.18 -8.01 3.47
N GLU B 141 16.08 -8.97 3.66
CA GLU B 141 15.77 -10.39 3.55
C GLU B 141 16.06 -11.07 4.87
N MET B 142 15.29 -12.13 5.15
CA MET B 142 15.44 -12.88 6.38
C MET B 142 15.05 -14.34 6.14
N ARG B 143 15.54 -15.20 7.02
CA ARG B 143 15.21 -16.61 6.91
C ARG B 143 15.50 -17.31 8.23
N LEU B 144 14.84 -18.45 8.41
CA LEU B 144 15.18 -19.44 9.42
C LEU B 144 15.51 -20.74 8.70
N MET B 145 16.63 -21.36 9.05
CA MET B 145 17.04 -22.58 8.36
C MET B 145 17.75 -23.53 9.31
N GLU B 146 17.61 -24.82 9.02
CA GLU B 146 18.37 -25.88 9.67
C GLU B 146 18.67 -26.88 8.56
N ILE B 147 19.89 -26.86 8.04
CA ILE B 147 20.23 -27.65 6.86
C ILE B 147 21.24 -28.74 7.18
N ASN B 148 21.16 -29.29 8.39
CA ASN B 148 21.96 -30.47 8.73
C ASN B 148 21.44 -31.65 7.94
N ASP B 149 22.25 -32.17 7.01
CA ASP B 149 21.80 -33.22 6.11
C ASP B 149 21.58 -34.56 6.80
N LYS B 150 22.05 -34.72 8.04
CA LYS B 150 21.96 -35.98 8.75
C LYS B 150 20.74 -36.05 9.67
N THR B 151 19.93 -35.00 9.75
CA THR B 151 18.80 -34.95 10.66
C THR B 151 17.52 -34.62 9.89
N TRP B 152 16.41 -35.19 10.35
CA TRP B 152 15.09 -34.97 9.78
C TRP B 152 14.33 -34.01 10.69
N LYS B 153 14.10 -32.78 10.23
CA LYS B 153 13.33 -31.82 10.99
C LYS B 153 11.84 -32.07 10.77
N SER B 154 11.06 -31.84 11.83
CA SER B 154 9.63 -32.09 11.77
C SER B 154 8.93 -31.34 12.89
N GLY B 155 7.70 -30.89 12.61
CA GLY B 155 6.81 -30.41 13.65
C GLY B 155 6.61 -28.94 13.77
N ILE B 156 6.99 -28.14 12.77
CA ILE B 156 6.81 -26.70 12.79
C ILE B 156 5.69 -26.36 11.82
N ILE B 157 4.75 -25.52 12.26
CA ILE B 157 3.65 -25.04 11.43
C ILE B 157 3.91 -23.58 11.14
N VAL B 158 4.23 -23.26 9.89
CA VAL B 158 4.63 -21.92 9.49
C VAL B 158 3.39 -21.13 9.07
N LYS B 159 3.18 -19.99 9.72
CA LYS B 159 2.07 -19.10 9.39
C LYS B 159 2.50 -17.89 8.56
N GLY B 160 3.65 -17.30 8.86
CA GLY B 160 4.18 -16.21 8.07
C GLY B 160 5.20 -15.40 8.84
N PHE B 161 5.66 -14.34 8.19
CA PHE B 161 6.61 -13.41 8.78
C PHE B 161 5.87 -12.15 9.20
N ASP B 162 6.15 -11.69 10.42
CA ASP B 162 5.54 -10.47 10.97
C ASP B 162 6.64 -9.44 11.13
N ILE B 163 6.57 -8.36 10.34
CA ILE B 163 7.52 -7.25 10.43
C ILE B 163 6.80 -6.15 11.21
N ARG B 164 7.29 -5.85 12.41
CA ARG B 164 6.65 -4.92 13.33
C ARG B 164 7.63 -3.86 13.81
N PRO B 165 7.14 -2.66 14.09
CA PRO B 165 8.00 -1.67 14.77
C PRO B 165 8.28 -2.10 16.19
N ASN B 166 9.53 -1.94 16.61
CA ASN B 166 9.92 -2.23 17.99
C ASN B 166 9.09 -1.37 18.95
N GLY C 2 -3.84 -0.31 -4.69
CA GLY C 2 -3.23 0.54 -5.74
C GLY C 2 -3.89 0.39 -7.09
N GLN C 3 -3.87 1.48 -7.87
CA GLN C 3 -4.39 1.48 -9.24
C GLN C 3 -3.39 0.76 -10.13
N GLY C 4 -3.39 -0.56 -10.02
CA GLY C 4 -2.38 -1.37 -10.67
C GLY C 4 -1.21 -1.65 -9.73
N GLN C 5 -0.15 -2.18 -10.32
CA GLN C 5 1.04 -2.52 -9.56
C GLN C 5 2.24 -2.60 -10.50
N TRP C 6 3.40 -2.25 -9.95
CA TRP C 6 4.66 -2.31 -10.67
C TRP C 6 5.57 -3.31 -9.97
N ILE C 7 6.13 -4.24 -10.75
CA ILE C 7 7.08 -5.21 -10.23
C ILE C 7 8.42 -4.87 -10.87
N ALA C 8 9.38 -4.44 -10.05
CA ALA C 8 10.72 -4.13 -10.54
C ALA C 8 11.41 -5.41 -11.03
N ALA C 9 12.43 -5.22 -11.86
CA ALA C 9 13.13 -6.36 -12.44
C ALA C 9 13.69 -7.27 -11.36
N ARG C 10 14.22 -6.69 -10.28
CA ARG C 10 14.86 -7.49 -9.25
C ARG C 10 13.86 -8.34 -8.46
N ASP C 11 12.57 -8.04 -8.58
CA ASP C 11 11.54 -8.80 -7.89
C ASP C 11 10.86 -9.83 -8.78
N LEU C 12 11.22 -9.87 -10.06
CA LEU C 12 10.78 -10.94 -10.93
C LEU C 12 11.63 -12.18 -10.70
N SER C 13 11.03 -13.35 -10.92
CA SER C 13 11.76 -14.62 -10.88
C SER C 13 12.28 -14.89 -12.29
N ILE C 14 13.57 -14.67 -12.50
CA ILE C 14 14.22 -14.79 -13.79
C ILE C 14 15.29 -15.87 -13.68
N THR C 15 15.13 -16.94 -14.45
CA THR C 15 16.06 -18.07 -14.37
C THR C 15 17.45 -17.64 -14.82
N TRP C 16 18.46 -18.04 -14.04
CA TRP C 16 19.87 -17.80 -14.30
C TRP C 16 20.26 -16.33 -14.18
N VAL C 17 19.38 -15.49 -13.63
CA VAL C 17 19.64 -14.05 -13.66
C VAL C 17 20.76 -13.66 -12.71
N ASP C 18 21.11 -14.51 -11.75
CA ASP C 18 22.18 -14.22 -10.81
C ASP C 18 23.55 -14.67 -11.31
N ASN C 19 23.62 -15.24 -12.51
CA ASN C 19 24.89 -15.74 -13.05
C ASN C 19 25.39 -14.76 -14.10
N PRO C 20 26.51 -14.08 -13.87
CA PRO C 20 26.94 -13.04 -14.83
C PRO C 20 27.28 -13.58 -16.22
N GLN C 21 27.42 -14.90 -16.37
CA GLN C 21 27.69 -15.46 -17.70
C GLN C 21 26.46 -15.40 -18.58
N TYR C 22 25.27 -15.40 -17.99
CA TYR C 22 24.01 -15.45 -18.72
C TYR C 22 23.23 -14.15 -18.68
N TRP C 23 23.25 -13.43 -17.55
CA TRP C 23 22.56 -12.17 -17.42
C TRP C 23 23.51 -11.13 -16.83
N THR C 24 23.32 -9.88 -17.21
CA THR C 24 24.11 -8.76 -16.70
C THR C 24 23.16 -7.71 -16.13
N TRP C 25 23.27 -7.44 -14.84
CA TRP C 25 22.51 -6.37 -14.22
C TRP C 25 23.23 -5.04 -14.45
N LYS C 26 22.50 -4.07 -15.01
CA LYS C 26 23.02 -2.73 -15.21
C LYS C 26 22.02 -1.69 -14.75
N THR C 27 22.52 -0.47 -14.55
CA THR C 27 21.71 0.66 -14.10
C THR C 27 21.70 1.72 -15.19
N VAL C 28 20.52 2.27 -15.45
CA VAL C 28 20.33 3.27 -16.49
C VAL C 28 19.47 4.41 -15.94
N ASP C 29 19.44 5.51 -16.67
CA ASP C 29 18.63 6.65 -16.25
C ASP C 29 17.15 6.27 -16.28
N PRO C 30 16.36 6.68 -15.27
CA PRO C 30 16.75 7.44 -14.06
C PRO C 30 16.99 6.55 -12.84
N ASN C 31 18.20 6.02 -12.73
CA ASN C 31 18.61 5.21 -11.58
C ASN C 31 17.63 4.07 -11.33
N ILE C 32 17.45 3.25 -12.37
CA ILE C 32 16.62 2.06 -12.29
C ILE C 32 17.47 0.83 -12.60
N GLU C 33 17.14 -0.27 -11.95
CA GLU C 33 17.86 -1.53 -12.13
C GLU C 33 17.19 -2.40 -13.17
N VAL C 34 17.96 -2.79 -14.20
CA VAL C 34 17.44 -3.62 -15.27
C VAL C 34 18.35 -4.84 -15.44
N ALA C 35 17.82 -5.85 -16.12
CA ALA C 35 18.54 -7.09 -16.37
C ALA C 35 18.65 -7.34 -17.87
N GLU C 36 19.87 -7.31 -18.40
CA GLU C 36 20.13 -7.53 -19.81
C GLU C 36 20.54 -8.98 -20.05
N LEU C 37 19.85 -9.63 -20.99
CA LEU C 37 20.14 -11.03 -21.29
C LEU C 37 21.36 -11.14 -22.19
N ARG C 38 22.36 -11.86 -21.72
CA ARG C 38 23.54 -12.15 -22.54
C ARG C 38 23.27 -13.37 -23.43
N ARG C 39 23.07 -14.53 -22.81
CA ARG C 39 22.74 -15.75 -23.52
C ARG C 39 22.09 -16.71 -22.53
N VAL C 40 21.05 -17.39 -22.98
CA VAL C 40 20.38 -18.38 -22.14
C VAL C 40 19.53 -19.26 -23.05
N ALA C 41 19.49 -20.56 -22.72
CA ALA C 41 18.61 -21.49 -23.42
C ALA C 41 17.25 -21.62 -22.74
N TRP C 42 17.20 -21.49 -21.42
CA TRP C 42 15.96 -21.55 -20.65
C TRP C 42 15.61 -20.12 -20.25
N LEU C 43 14.78 -19.47 -21.05
CA LEU C 43 14.32 -18.12 -20.76
C LEU C 43 12.96 -18.19 -20.07
N ASP C 44 12.90 -17.66 -18.85
CA ASP C 44 11.66 -17.62 -18.08
C ASP C 44 11.66 -16.37 -17.21
N ILE C 45 10.73 -15.46 -17.49
CA ILE C 45 10.58 -14.21 -16.76
C ILE C 45 9.22 -14.28 -16.08
N TYR C 46 9.21 -14.50 -14.77
CA TYR C 46 8.00 -14.81 -14.02
C TYR C 46 7.69 -13.73 -13.00
N GLY C 47 6.40 -13.47 -12.80
CA GLY C 47 5.96 -12.51 -11.81
C GLY C 47 4.63 -12.92 -11.21
N LYS C 48 4.37 -12.43 -10.00
CA LYS C 48 3.18 -12.81 -9.25
C LYS C 48 2.70 -11.63 -8.41
N ILE C 49 1.38 -11.45 -8.35
CA ILE C 49 0.78 -10.39 -7.54
C ILE C 49 -0.42 -10.94 -6.77
N GLU C 50 -0.73 -10.26 -5.67
CA GLU C 50 -1.96 -10.48 -4.92
C GLU C 50 -3.04 -9.53 -5.45
N THR C 51 -4.21 -10.06 -5.80
CA THR C 51 -5.29 -9.21 -6.29
C THR C 51 -5.97 -8.41 -5.19
N LYS C 52 -5.79 -8.80 -3.92
CA LYS C 52 -6.41 -8.04 -2.83
C LYS C 52 -5.90 -6.61 -2.77
N ASN C 53 -4.72 -6.36 -3.33
CA ASN C 53 -4.12 -5.03 -3.26
C ASN C 53 -4.54 -4.13 -4.42
N LEU C 54 -5.44 -4.57 -5.28
CA LEU C 54 -5.85 -3.83 -6.46
C LEU C 54 -7.25 -3.27 -6.28
N ILE C 55 -7.53 -2.18 -7.00
CA ILE C 55 -8.87 -1.61 -7.00
C ILE C 55 -9.86 -2.62 -7.56
N ARG C 56 -11.04 -2.66 -6.96
CA ARG C 56 -12.02 -3.71 -7.24
C ARG C 56 -12.82 -3.38 -8.50
N LYS C 57 -13.50 -4.42 -9.01
CA LYS C 57 -14.41 -4.30 -10.14
C LYS C 57 -13.73 -3.66 -11.34
N THR C 58 -12.46 -4.02 -11.55
CA THR C 58 -11.65 -3.43 -12.61
C THR C 58 -10.96 -4.51 -13.43
N SER C 59 -10.86 -4.28 -14.73
CA SER C 59 -10.10 -5.14 -15.62
C SER C 59 -8.67 -4.64 -15.72
N TYR C 60 -7.71 -5.55 -15.58
CA TYR C 60 -6.30 -5.21 -15.58
C TYR C 60 -5.57 -5.94 -16.70
N ALA C 61 -4.64 -5.26 -17.36
CA ALA C 61 -3.72 -5.85 -18.30
C ALA C 61 -2.32 -5.85 -17.70
N VAL C 62 -1.56 -6.89 -18.01
CA VAL C 62 -0.20 -7.04 -17.51
C VAL C 62 0.77 -7.00 -18.69
N TYR C 63 1.75 -6.12 -18.62
CA TYR C 63 2.73 -5.94 -19.68
C TYR C 63 4.13 -6.17 -19.15
N LEU C 64 4.94 -6.87 -19.94
CA LEU C 64 6.38 -6.91 -19.71
C LEU C 64 7.02 -5.70 -20.36
N VAL C 65 7.70 -4.87 -19.56
CA VAL C 65 8.36 -3.68 -20.08
C VAL C 65 9.82 -4.04 -20.34
N PHE C 66 10.28 -3.79 -21.56
CA PHE C 66 11.60 -4.27 -21.97
C PHE C 66 12.11 -3.41 -23.12
N LYS C 67 13.39 -3.60 -23.43
CA LYS C 67 14.02 -3.06 -24.62
C LYS C 67 14.81 -4.18 -25.30
N LEU C 68 15.20 -3.94 -26.54
CA LEU C 68 15.99 -4.88 -27.32
C LEU C 68 17.30 -4.22 -27.74
N THR C 69 18.39 -4.99 -27.70
CA THR C 69 19.65 -4.53 -28.25
C THR C 69 19.55 -4.46 -29.77
N ASP C 70 20.66 -4.08 -30.41
CA ASP C 70 20.68 -4.02 -31.86
C ASP C 70 20.67 -5.40 -32.50
N ASN C 71 21.03 -6.43 -31.75
CA ASN C 71 21.21 -7.78 -32.29
C ASN C 71 20.50 -8.79 -31.39
N PRO C 72 19.17 -8.76 -31.39
CA PRO C 72 18.42 -9.81 -30.69
C PRO C 72 18.47 -11.13 -31.45
N ARG C 73 18.49 -12.22 -30.69
CA ARG C 73 18.64 -13.55 -31.25
C ARG C 73 17.55 -14.47 -30.72
N GLU C 74 16.89 -15.20 -31.63
CA GLU C 74 15.92 -16.24 -31.27
C GLU C 74 14.83 -15.69 -30.36
N LEU C 75 14.37 -14.47 -30.64
CA LEU C 75 13.34 -13.84 -29.83
C LEU C 75 12.25 -13.25 -30.71
N GLU C 76 12.06 -13.80 -31.92
CA GLU C 76 10.98 -13.32 -32.77
C GLU C 76 9.62 -13.58 -32.14
N ARG C 77 9.43 -14.76 -31.56
CA ARG C 77 8.19 -15.12 -30.90
C ARG C 77 8.51 -15.87 -29.61
N ALA C 78 7.61 -15.74 -28.64
CA ALA C 78 7.79 -16.39 -27.36
C ALA C 78 6.41 -16.74 -26.81
N THR C 79 6.40 -17.41 -25.65
CA THR C 79 5.19 -17.85 -24.99
C THR C 79 4.89 -16.91 -23.82
N ALA C 80 3.72 -16.28 -23.86
CA ALA C 80 3.23 -15.47 -22.74
C ALA C 80 2.13 -16.23 -22.01
N SER C 81 2.10 -16.09 -20.69
CA SER C 81 1.12 -16.77 -19.87
C SER C 81 0.67 -15.88 -18.73
N LEU C 82 -0.62 -15.95 -18.41
CA LEU C 82 -1.18 -15.24 -17.26
C LEU C 82 -2.36 -16.06 -16.75
N ARG C 83 -2.29 -16.47 -15.48
CA ARG C 83 -3.32 -17.32 -14.90
C ARG C 83 -3.58 -16.90 -13.46
N PHE C 84 -4.81 -17.15 -12.99
CA PHE C 84 -5.06 -17.21 -11.57
C PHE C 84 -4.41 -18.47 -10.98
N VAL C 85 -3.58 -18.27 -9.96
CA VAL C 85 -2.85 -19.40 -9.37
C VAL C 85 -3.81 -20.54 -9.02
N ASN C 86 -4.98 -20.21 -8.48
CA ASN C 86 -5.90 -21.22 -8.00
C ASN C 86 -6.67 -21.94 -9.09
N GLU C 87 -6.59 -21.46 -10.34
CA GLU C 87 -7.35 -22.04 -11.43
C GLU C 87 -6.52 -22.96 -12.32
N VAL C 88 -5.32 -23.35 -11.88
CA VAL C 88 -4.44 -24.21 -12.67
C VAL C 88 -4.70 -25.66 -12.28
N ALA C 89 -5.24 -26.44 -13.20
CA ALA C 89 -5.54 -27.84 -12.92
C ALA C 89 -4.26 -28.61 -12.63
N GLU C 90 -4.34 -29.54 -11.67
CA GLU C 90 -3.18 -30.32 -11.29
C GLU C 90 -2.66 -31.10 -12.49
N GLY C 91 -1.35 -31.05 -12.69
CA GLY C 91 -0.73 -31.72 -13.81
C GLY C 91 -0.74 -30.95 -15.11
N ALA C 92 -1.40 -29.81 -15.15
CA ALA C 92 -1.41 -28.98 -16.34
C ALA C 92 -0.16 -28.11 -16.39
N GLY C 93 0.30 -27.84 -17.60
CA GLY C 93 1.52 -27.09 -17.79
C GLY C 93 1.35 -25.61 -17.60
N ILE C 94 2.16 -24.85 -18.34
CA ILE C 94 2.06 -23.38 -18.30
C ILE C 94 0.82 -22.94 -19.06
N GLU C 95 0.63 -23.47 -20.26
CA GLU C 95 -0.57 -23.21 -21.06
C GLU C 95 -0.71 -21.71 -21.35
N GLY C 96 0.24 -21.21 -22.15
CA GLY C 96 0.30 -19.83 -22.50
C GLY C 96 -0.11 -19.56 -23.93
N THR C 97 0.31 -18.39 -24.42
CA THR C 97 -0.02 -17.93 -25.76
C THR C 97 1.25 -17.46 -26.47
N THR C 98 1.27 -17.60 -27.79
CA THR C 98 2.40 -17.15 -28.58
C THR C 98 2.29 -15.66 -28.86
N VAL C 99 3.35 -14.93 -28.53
CA VAL C 99 3.43 -13.50 -28.78
C VAL C 99 4.75 -13.21 -29.50
N PHE C 100 4.82 -12.02 -30.11
CA PHE C 100 6.02 -11.57 -30.80
C PHE C 100 6.82 -10.65 -29.88
N ILE C 101 8.14 -10.79 -29.92
CA ILE C 101 9.02 -9.96 -29.11
C ILE C 101 9.92 -9.12 -30.01
N SER C 102 10.87 -9.78 -30.69
CA SER C 102 11.82 -9.05 -31.54
C SER C 102 11.31 -8.84 -32.96
N LYS C 103 10.21 -9.50 -33.32
CA LYS C 103 9.63 -9.30 -34.65
C LYS C 103 8.79 -8.03 -34.66
N LYS C 104 8.86 -7.30 -35.76
CA LYS C 104 8.06 -6.11 -35.98
C LYS C 104 6.92 -6.42 -36.94
N LYS C 105 5.86 -5.61 -36.85
CA LYS C 105 4.71 -5.77 -37.73
C LYS C 105 4.98 -5.02 -39.02
N LYS C 106 5.20 -5.76 -40.10
CA LYS C 106 5.55 -5.16 -41.39
C LYS C 106 4.40 -5.15 -42.39
N LEU C 107 3.44 -6.07 -42.26
CA LEU C 107 2.28 -6.07 -43.14
C LEU C 107 1.06 -5.50 -42.42
N PRO C 108 0.21 -4.73 -43.10
CA PRO C 108 -0.88 -4.05 -42.38
C PRO C 108 -1.84 -5.00 -41.71
N GLY C 109 -2.12 -6.15 -42.32
CA GLY C 109 -3.09 -7.08 -41.76
C GLY C 109 -2.46 -8.30 -41.11
N GLU C 110 -1.26 -8.14 -40.57
CA GLU C 110 -0.60 -9.24 -39.88
C GLU C 110 -1.19 -9.42 -38.49
N LEU C 111 -1.55 -10.65 -38.16
CA LEU C 111 -2.22 -10.95 -36.90
C LEU C 111 -1.18 -11.25 -35.82
N GLY C 112 -1.63 -11.18 -34.57
CA GLY C 112 -0.81 -11.49 -33.43
C GLY C 112 -0.55 -10.25 -32.57
N ARG C 113 -0.11 -10.51 -31.34
CA ARG C 113 0.23 -9.45 -30.40
C ARG C 113 1.70 -9.05 -30.61
N PHE C 114 1.92 -7.79 -30.94
CA PHE C 114 3.25 -7.24 -31.14
C PHE C 114 3.61 -6.28 -30.02
N PRO C 115 4.90 -6.05 -29.79
CA PRO C 115 5.28 -5.07 -28.76
C PRO C 115 4.87 -3.66 -29.17
N HIS C 116 4.63 -2.83 -28.16
CA HIS C 116 4.21 -1.44 -28.33
C HIS C 116 5.23 -0.52 -27.70
N LEU C 117 5.51 0.60 -28.36
CA LEU C 117 6.45 1.59 -27.88
C LEU C 117 5.73 2.54 -26.92
N ARG C 118 6.12 2.51 -25.65
CA ARG C 118 5.50 3.36 -24.64
C ARG C 118 5.98 4.80 -24.79
N SER C 119 5.31 5.70 -24.06
CA SER C 119 5.70 7.11 -24.09
C SER C 119 7.09 7.32 -23.53
N ASP C 120 7.55 6.46 -22.64
CA ASP C 120 8.85 6.58 -22.01
C ASP C 120 9.97 5.90 -22.78
N GLY C 121 9.73 5.49 -24.02
CA GLY C 121 10.77 4.92 -24.85
C GLY C 121 10.95 3.43 -24.73
N TRP C 122 10.38 2.80 -23.72
CA TRP C 122 10.49 1.37 -23.55
C TRP C 122 9.39 0.65 -24.31
N LEU C 123 9.65 -0.61 -24.65
CA LEU C 123 8.66 -1.46 -25.29
C LEU C 123 7.87 -2.22 -24.24
N GLU C 124 6.66 -2.61 -24.61
CA GLU C 124 5.85 -3.47 -23.75
C GLU C 124 5.09 -4.49 -24.57
N ILE C 125 4.99 -5.71 -24.05
CA ILE C 125 4.24 -6.79 -24.66
C ILE C 125 3.20 -7.25 -23.65
N LYS C 126 1.95 -7.37 -24.11
CA LYS C 126 0.84 -7.74 -23.25
C LYS C 126 0.90 -9.22 -22.96
N LEU C 127 1.04 -9.57 -21.68
CA LEU C 127 1.13 -10.98 -21.32
C LEU C 127 -0.26 -11.59 -21.12
N GLY C 128 -1.24 -10.79 -20.73
CA GLY C 128 -2.57 -11.31 -20.51
C GLY C 128 -3.45 -10.28 -19.84
N GLU C 129 -4.69 -10.70 -19.57
CA GLU C 129 -5.73 -9.86 -18.99
C GLU C 129 -6.43 -10.63 -17.87
N PHE C 130 -7.00 -9.90 -16.92
CA PHE C 130 -7.78 -10.53 -15.87
C PHE C 130 -8.68 -9.47 -15.22
N PHE C 131 -9.82 -9.93 -14.75
CA PHE C 131 -10.77 -9.07 -14.05
C PHE C 131 -10.62 -9.28 -12.55
N ASN C 132 -10.45 -8.18 -11.83
CA ASN C 132 -10.44 -8.19 -10.38
C ASN C 132 -11.84 -7.83 -9.90
N ASN C 133 -12.55 -8.78 -9.31
CA ASN C 133 -13.90 -8.56 -8.82
C ASN C 133 -13.85 -7.86 -7.46
N LEU C 134 -13.64 -8.63 -6.40
CA LEU C 134 -13.58 -8.09 -5.04
C LEU C 134 -12.26 -8.40 -4.34
N GLY C 135 -11.24 -8.81 -5.11
CA GLY C 135 -9.97 -9.17 -4.51
C GLY C 135 -9.98 -10.45 -3.71
N GLU C 136 -10.97 -11.32 -3.95
CA GLU C 136 -11.11 -12.55 -3.21
C GLU C 136 -10.63 -13.78 -3.96
N ASP C 137 -10.24 -13.65 -5.23
CA ASP C 137 -9.88 -14.79 -6.06
C ASP C 137 -8.39 -15.12 -6.00
N GLY C 138 -7.61 -14.45 -5.16
CA GLY C 138 -6.25 -14.88 -4.87
C GLY C 138 -5.22 -14.25 -5.80
N GLU C 139 -4.11 -14.97 -5.91
CA GLU C 139 -2.96 -14.49 -6.67
C GLU C 139 -3.18 -14.67 -8.16
N VAL C 140 -2.51 -13.83 -8.94
CA VAL C 140 -2.43 -13.95 -10.40
C VAL C 140 -0.95 -14.00 -10.77
N GLU C 141 -0.57 -15.03 -11.52
CA GLU C 141 0.80 -15.22 -11.96
C GLU C 141 0.90 -15.06 -13.46
N MET C 142 2.08 -14.69 -13.93
CA MET C 142 2.28 -14.33 -15.32
C MET C 142 3.75 -14.51 -15.64
N ARG C 143 4.03 -14.80 -16.90
CA ARG C 143 5.41 -15.03 -17.31
C ARG C 143 5.52 -14.97 -18.82
N LEU C 144 6.71 -14.61 -19.28
CA LEU C 144 7.15 -14.77 -20.66
C LEU C 144 8.31 -15.75 -20.67
N MET C 145 8.26 -16.74 -21.56
CA MET C 145 9.26 -17.79 -21.54
C MET C 145 9.54 -18.31 -22.94
N GLU C 146 10.77 -18.79 -23.13
CA GLU C 146 11.17 -19.47 -24.37
C GLU C 146 12.19 -20.51 -23.92
N ILE C 147 11.77 -21.77 -23.84
CA ILE C 147 12.58 -22.79 -23.17
C ILE C 147 12.99 -23.91 -24.12
N ASN C 148 13.23 -23.57 -25.38
CA ASN C 148 13.79 -24.54 -26.32
C ASN C 148 15.25 -24.77 -25.96
N ASP C 149 15.58 -25.96 -25.44
CA ASP C 149 16.92 -26.23 -24.97
C ASP C 149 17.97 -26.09 -26.06
N LYS C 150 17.55 -26.08 -27.33
CA LYS C 150 18.48 -26.12 -28.45
C LYS C 150 18.71 -24.76 -29.08
N THR C 151 18.32 -23.67 -28.41
CA THR C 151 18.51 -22.33 -28.95
C THR C 151 18.99 -21.40 -27.85
N TRP C 152 19.86 -20.46 -28.22
CA TRP C 152 20.39 -19.46 -27.30
C TRP C 152 19.71 -18.13 -27.59
N LYS C 153 18.93 -17.64 -26.63
CA LYS C 153 18.28 -16.34 -26.73
C LYS C 153 19.22 -15.25 -26.21
N SER C 154 19.08 -14.05 -26.77
CA SER C 154 19.87 -12.92 -26.33
C SER C 154 19.24 -11.63 -26.83
N GLY C 155 19.53 -10.55 -26.13
CA GLY C 155 19.19 -9.22 -26.59
C GLY C 155 17.99 -8.57 -25.97
N ILE C 156 17.44 -9.14 -24.90
CA ILE C 156 16.28 -8.57 -24.22
C ILE C 156 16.75 -7.95 -22.91
N ILE C 157 16.22 -6.76 -22.61
CA ILE C 157 16.55 -6.03 -21.38
C ILE C 157 15.26 -5.88 -20.59
N VAL C 158 15.17 -6.57 -19.46
CA VAL C 158 13.96 -6.63 -18.66
C VAL C 158 13.98 -5.47 -17.67
N LYS C 159 12.95 -4.63 -17.72
CA LYS C 159 12.74 -3.58 -16.73
C LYS C 159 11.75 -3.98 -15.64
N GLY C 160 10.66 -4.64 -16.00
CA GLY C 160 9.72 -5.12 -15.02
C GLY C 160 8.36 -5.38 -15.65
N PHE C 161 7.41 -5.72 -14.77
CA PHE C 161 6.03 -5.97 -15.17
C PHE C 161 5.17 -4.76 -14.78
N ASP C 162 4.35 -4.29 -15.71
CA ASP C 162 3.43 -3.19 -15.48
C ASP C 162 2.01 -3.74 -15.44
N ILE C 163 1.40 -3.76 -14.27
CA ILE C 163 0.00 -4.16 -14.10
C ILE C 163 -0.85 -2.89 -14.11
N ARG C 164 -1.66 -2.72 -15.15
CA ARG C 164 -2.44 -1.50 -15.35
C ARG C 164 -3.90 -1.85 -15.58
N PRO C 165 -4.81 -0.95 -15.21
CA PRO C 165 -6.21 -1.13 -15.62
C PRO C 165 -6.37 -0.88 -17.10
N ASN C 166 -7.26 -1.64 -17.74
CA ASN C 166 -7.59 -1.44 -19.14
C ASN C 166 -8.24 -0.07 -19.34
N GLY D 2 -23.96 -5.34 -25.24
CA GLY D 2 -25.24 -5.29 -24.46
C GLY D 2 -25.07 -5.86 -23.06
N GLN D 3 -26.06 -5.61 -22.20
CA GLN D 3 -26.05 -6.13 -20.83
C GLN D 3 -26.45 -7.61 -20.83
N GLY D 4 -25.65 -8.39 -21.54
CA GLY D 4 -25.90 -9.80 -21.72
C GLY D 4 -26.19 -10.15 -23.17
N GLN D 5 -25.35 -10.99 -23.77
CA GLN D 5 -25.55 -11.51 -25.10
C GLN D 5 -25.54 -13.03 -25.02
N TRP D 6 -26.50 -13.67 -25.69
CA TRP D 6 -26.71 -15.10 -25.59
C TRP D 6 -26.61 -15.75 -26.95
N ILE D 7 -25.88 -16.85 -27.02
CA ILE D 7 -25.76 -17.66 -28.24
C ILE D 7 -26.44 -18.99 -27.96
N ALA D 8 -27.59 -19.23 -28.58
CA ALA D 8 -28.27 -20.50 -28.44
C ALA D 8 -27.44 -21.64 -29.06
N ALA D 9 -27.67 -22.85 -28.56
CA ALA D 9 -26.92 -24.00 -29.05
C ALA D 9 -27.06 -24.14 -30.56
N ARG D 10 -28.25 -23.90 -31.10
CA ARG D 10 -28.45 -24.00 -32.54
C ARG D 10 -27.59 -23.00 -33.31
N ASP D 11 -27.10 -21.96 -32.65
CA ASP D 11 -26.28 -20.94 -33.31
C ASP D 11 -24.80 -21.13 -33.06
N LEU D 12 -24.41 -22.11 -32.24
CA LEU D 12 -23.00 -22.42 -32.06
C LEU D 12 -22.53 -23.37 -33.16
N SER D 13 -21.20 -23.44 -33.32
CA SER D 13 -20.57 -24.37 -34.27
C SER D 13 -20.09 -25.57 -33.47
N ILE D 14 -20.90 -26.63 -33.47
CA ILE D 14 -20.59 -27.87 -32.75
C ILE D 14 -20.36 -28.96 -33.78
N THR D 15 -19.16 -29.54 -33.75
CA THR D 15 -18.79 -30.53 -34.76
C THR D 15 -19.66 -31.78 -34.63
N TRP D 16 -20.10 -32.29 -35.78
CA TRP D 16 -20.94 -33.48 -35.91
C TRP D 16 -22.34 -33.30 -35.32
N VAL D 17 -22.72 -32.08 -34.94
CA VAL D 17 -23.96 -31.89 -34.19
C VAL D 17 -25.19 -32.18 -35.04
N ASP D 18 -25.10 -32.07 -36.36
CA ASP D 18 -26.21 -32.38 -37.25
C ASP D 18 -26.25 -33.85 -37.64
N ASN D 19 -25.46 -34.70 -36.99
CA ASN D 19 -25.43 -36.13 -37.29
C ASN D 19 -26.10 -36.90 -36.15
N PRO D 20 -27.29 -37.48 -36.35
CA PRO D 20 -27.96 -38.16 -35.24
C PRO D 20 -27.14 -39.28 -34.62
N GLN D 21 -26.09 -39.77 -35.30
CA GLN D 21 -25.28 -40.82 -34.73
C GLN D 21 -24.45 -40.33 -33.55
N TYR D 22 -24.16 -39.04 -33.51
CA TYR D 22 -23.25 -38.48 -32.52
C TYR D 22 -23.90 -37.49 -31.59
N TRP D 23 -24.82 -36.67 -32.09
CA TRP D 23 -25.55 -35.72 -31.26
C TRP D 23 -27.05 -35.89 -31.50
N THR D 24 -27.82 -35.59 -30.45
CA THR D 24 -29.27 -35.66 -30.52
C THR D 24 -29.85 -34.32 -30.05
N TRP D 25 -30.55 -33.64 -30.96
CA TRP D 25 -31.26 -32.42 -30.60
C TRP D 25 -32.56 -32.77 -29.88
N LYS D 26 -32.83 -32.04 -28.80
CA LYS D 26 -34.03 -32.30 -28.01
C LYS D 26 -34.54 -30.99 -27.44
N THR D 27 -35.86 -30.93 -27.25
CA THR D 27 -36.53 -29.77 -26.69
C THR D 27 -36.85 -30.02 -25.23
N VAL D 28 -36.39 -29.12 -24.36
CA VAL D 28 -36.53 -29.27 -22.91
C VAL D 28 -37.14 -27.98 -22.35
N ASP D 29 -37.57 -28.05 -21.10
CA ASP D 29 -38.18 -26.90 -20.46
C ASP D 29 -37.17 -25.77 -20.35
N PRO D 30 -37.56 -24.52 -20.67
CA PRO D 30 -38.86 -24.06 -21.19
C PRO D 30 -38.89 -23.86 -22.70
N ASN D 31 -39.19 -24.92 -23.44
CA ASN D 31 -39.32 -24.85 -24.90
C ASN D 31 -38.05 -24.31 -25.53
N ILE D 32 -36.91 -24.88 -25.14
CA ILE D 32 -35.61 -24.52 -25.69
C ILE D 32 -35.01 -25.76 -26.33
N GLU D 33 -34.22 -25.54 -27.39
CA GLU D 33 -33.56 -26.62 -28.11
C GLU D 33 -32.12 -26.73 -27.62
N VAL D 34 -31.73 -27.92 -27.19
CA VAL D 34 -30.39 -28.20 -26.71
C VAL D 34 -29.87 -29.45 -27.40
N ALA D 35 -28.54 -29.57 -27.42
CA ALA D 35 -27.87 -30.66 -28.13
C ALA D 35 -27.22 -31.59 -27.11
N GLU D 36 -27.65 -32.85 -27.12
CA GLU D 36 -27.12 -33.87 -26.21
C GLU D 36 -26.10 -34.72 -26.95
N LEU D 37 -24.92 -34.87 -26.35
CA LEU D 37 -23.86 -35.64 -26.98
C LEU D 37 -24.04 -37.12 -26.67
N ARG D 38 -24.19 -37.93 -27.72
CA ARG D 38 -24.19 -39.37 -27.55
C ARG D 38 -22.76 -39.90 -27.45
N ARG D 39 -21.94 -39.61 -28.44
CA ARG D 39 -20.55 -40.05 -28.48
C ARG D 39 -19.87 -39.35 -29.65
N VAL D 40 -18.66 -38.86 -29.40
CA VAL D 40 -17.85 -38.22 -30.44
C VAL D 40 -16.40 -38.27 -30.02
N ALA D 41 -15.51 -38.48 -30.98
CA ALA D 41 -14.07 -38.46 -30.73
C ALA D 41 -13.51 -37.04 -30.81
N TRP D 42 -14.13 -36.18 -31.63
CA TRP D 42 -13.69 -34.78 -31.78
C TRP D 42 -14.77 -33.89 -31.20
N LEU D 43 -14.59 -33.46 -29.95
CA LEU D 43 -15.54 -32.58 -29.29
C LEU D 43 -15.07 -31.14 -29.47
N ASP D 44 -15.88 -30.33 -30.12
CA ASP D 44 -15.57 -28.92 -30.28
C ASP D 44 -16.87 -28.12 -30.25
N ILE D 45 -16.99 -27.22 -29.26
CA ILE D 45 -18.15 -26.35 -29.12
C ILE D 45 -17.63 -24.93 -29.25
N TYR D 46 -17.83 -24.31 -30.40
CA TYR D 46 -17.18 -23.08 -30.77
C TYR D 46 -18.19 -21.96 -30.97
N GLY D 47 -17.76 -20.76 -30.64
CA GLY D 47 -18.60 -19.57 -30.81
C GLY D 47 -17.75 -18.36 -31.07
N LYS D 48 -18.32 -17.37 -31.75
CA LYS D 48 -17.60 -16.16 -32.13
C LYS D 48 -18.58 -15.00 -32.13
N ILE D 49 -18.12 -13.85 -31.62
CA ILE D 49 -18.94 -12.66 -31.53
C ILE D 49 -18.13 -11.44 -31.96
N GLU D 50 -18.86 -10.42 -32.40
CA GLU D 50 -18.26 -9.14 -32.78
C GLU D 50 -18.26 -8.21 -31.56
N THR D 51 -17.09 -7.70 -31.19
CA THR D 51 -17.02 -6.81 -30.04
C THR D 51 -17.68 -5.46 -30.33
N LYS D 52 -17.86 -5.10 -31.61
CA LYS D 52 -18.47 -3.82 -31.92
C LYS D 52 -19.97 -3.80 -31.64
N ASN D 53 -20.57 -4.94 -31.31
CA ASN D 53 -21.95 -5.00 -30.86
C ASN D 53 -22.07 -4.99 -29.34
N LEU D 54 -20.96 -4.89 -28.62
CA LEU D 54 -20.97 -4.86 -27.17
C LEU D 54 -20.80 -3.43 -26.66
N ILE D 55 -21.14 -3.24 -25.38
CA ILE D 55 -20.95 -1.95 -24.73
C ILE D 55 -19.45 -1.66 -24.59
N ARG D 56 -19.07 -0.41 -24.85
CA ARG D 56 -17.67 -0.03 -24.75
C ARG D 56 -17.21 -0.01 -23.28
N LYS D 57 -15.89 -0.06 -23.11
CA LYS D 57 -15.26 0.11 -21.81
C LYS D 57 -15.85 -0.85 -20.79
N THR D 58 -16.03 -2.11 -21.19
CA THR D 58 -16.67 -3.10 -20.35
C THR D 58 -15.91 -4.42 -20.46
N SER D 59 -15.71 -5.07 -19.32
CA SER D 59 -15.14 -6.40 -19.27
C SER D 59 -16.25 -7.44 -19.38
N TYR D 60 -16.06 -8.42 -20.26
CA TYR D 60 -17.04 -9.47 -20.50
C TYR D 60 -16.45 -10.83 -20.15
N ALA D 61 -17.28 -11.70 -19.58
CA ALA D 61 -16.95 -13.10 -19.38
C ALA D 61 -17.89 -13.97 -20.19
N VAL D 62 -17.37 -15.09 -20.68
CA VAL D 62 -18.13 -15.98 -21.56
C VAL D 62 -18.20 -17.36 -20.91
N TYR D 63 -19.42 -17.88 -20.78
CA TYR D 63 -19.67 -19.15 -20.11
C TYR D 63 -20.35 -20.13 -21.05
N LEU D 64 -19.93 -21.39 -20.99
CA LEU D 64 -20.63 -22.48 -21.64
C LEU D 64 -21.66 -23.03 -20.66
N VAL D 65 -22.93 -22.93 -21.02
CA VAL D 65 -24.03 -23.43 -20.19
C VAL D 65 -24.36 -24.85 -20.66
N PHE D 66 -24.32 -25.80 -19.74
CA PHE D 66 -24.44 -27.21 -20.12
C PHE D 66 -24.95 -28.01 -18.94
N LYS D 67 -25.32 -29.26 -19.23
CA LYS D 67 -25.65 -30.25 -18.21
C LYS D 67 -24.90 -31.53 -18.52
N LEU D 68 -24.84 -32.42 -17.53
CA LEU D 68 -24.21 -33.73 -17.69
C LEU D 68 -25.24 -34.82 -17.43
N THR D 69 -25.08 -35.95 -18.13
CA THR D 69 -25.95 -37.09 -17.94
C THR D 69 -25.50 -37.86 -16.69
N ASP D 70 -26.10 -39.02 -16.45
CA ASP D 70 -25.71 -39.82 -15.29
C ASP D 70 -24.34 -40.45 -15.47
N ASN D 71 -23.93 -40.71 -16.71
CA ASN D 71 -22.68 -41.43 -16.98
C ASN D 71 -21.91 -40.70 -18.08
N PRO D 72 -21.34 -39.53 -17.76
CA PRO D 72 -20.42 -38.89 -18.71
C PRO D 72 -19.11 -39.66 -18.80
N ARG D 73 -18.54 -39.70 -19.99
CA ARG D 73 -17.32 -40.46 -20.25
C ARG D 73 -16.23 -39.57 -20.83
N GLU D 74 -15.01 -39.77 -20.33
CA GLU D 74 -13.83 -39.09 -20.87
C GLU D 74 -14.04 -37.59 -20.92
N LEU D 75 -14.73 -37.07 -19.92
CA LEU D 75 -14.96 -35.63 -19.81
C LEU D 75 -14.55 -35.09 -18.45
N GLU D 76 -13.60 -35.77 -17.78
CA GLU D 76 -13.08 -35.24 -16.52
C GLU D 76 -12.44 -33.88 -16.73
N ARG D 77 -11.67 -33.74 -17.81
CA ARG D 77 -11.01 -32.49 -18.16
C ARG D 77 -11.31 -32.17 -19.62
N ALA D 78 -11.11 -30.90 -19.98
CA ALA D 78 -11.27 -30.44 -21.35
C ALA D 78 -10.51 -29.14 -21.52
N THR D 79 -10.43 -28.67 -22.77
CA THR D 79 -9.69 -27.47 -23.12
C THR D 79 -10.65 -26.33 -23.38
N ALA D 80 -10.50 -25.23 -22.64
CA ALA D 80 -11.24 -24.01 -22.86
C ALA D 80 -10.34 -22.99 -23.54
N SER D 81 -10.91 -22.22 -24.47
CA SER D 81 -10.15 -21.20 -25.19
C SER D 81 -10.99 -19.95 -25.36
N LEU D 82 -10.34 -18.80 -25.28
CA LEU D 82 -10.98 -17.52 -25.59
C LEU D 82 -9.89 -16.54 -25.98
N ARG D 83 -10.01 -15.92 -27.14
CA ARG D 83 -8.98 -15.02 -27.62
C ARG D 83 -9.57 -14.11 -28.69
N PHE D 84 -8.92 -12.96 -28.87
CA PHE D 84 -9.19 -12.11 -30.02
C PHE D 84 -8.68 -12.80 -31.28
N VAL D 85 -9.54 -12.86 -32.31
CA VAL D 85 -9.15 -13.52 -33.55
C VAL D 85 -7.92 -12.85 -34.13
N ASN D 86 -7.81 -11.53 -33.98
CA ASN D 86 -6.72 -10.77 -34.57
C ASN D 86 -5.41 -10.90 -33.81
N GLU D 87 -5.41 -11.60 -32.67
CA GLU D 87 -4.21 -11.79 -31.88
C GLU D 87 -3.64 -13.20 -32.01
N VAL D 88 -4.13 -13.99 -32.96
CA VAL D 88 -3.58 -15.32 -33.20
C VAL D 88 -2.33 -15.17 -34.07
N ALA D 89 -1.18 -15.56 -33.53
CA ALA D 89 0.06 -15.48 -34.28
C ALA D 89 0.04 -16.48 -35.43
N GLU D 90 0.57 -16.07 -36.58
N GLU D 90 0.57 -16.07 -36.58
CA GLU D 90 0.65 -16.92 -37.76
CA GLU D 90 0.65 -16.92 -37.75
C GLU D 90 1.25 -18.26 -37.39
C GLU D 90 1.27 -18.26 -37.39
N GLY D 91 0.48 -19.32 -37.56
CA GLY D 91 0.95 -20.66 -37.27
C GLY D 91 0.71 -21.14 -35.85
N ALA D 92 0.07 -20.34 -35.01
CA ALA D 92 -0.20 -20.74 -33.64
C ALA D 92 -1.41 -21.67 -33.58
N GLY D 93 -1.42 -22.51 -32.58
CA GLY D 93 -2.53 -23.43 -32.35
C GLY D 93 -3.66 -22.78 -31.58
N ILE D 94 -4.53 -23.64 -31.05
CA ILE D 94 -5.67 -23.16 -30.27
C ILE D 94 -5.17 -22.45 -29.01
N GLU D 95 -4.20 -23.06 -28.33
CA GLU D 95 -3.55 -22.44 -27.18
C GLU D 95 -4.56 -22.07 -26.08
N GLY D 96 -5.17 -23.10 -25.51
CA GLY D 96 -6.19 -22.96 -24.52
C GLY D 96 -5.69 -23.29 -23.13
N THR D 97 -6.64 -23.51 -22.23
CA THR D 97 -6.38 -23.86 -20.84
C THR D 97 -7.20 -25.07 -20.42
N THR D 98 -6.63 -25.88 -19.55
CA THR D 98 -7.33 -27.06 -19.04
C THR D 98 -8.34 -26.66 -17.98
N VAL D 99 -9.54 -27.22 -18.09
CA VAL D 99 -10.60 -27.02 -17.11
C VAL D 99 -11.23 -28.37 -16.79
N PHE D 100 -11.97 -28.41 -15.70
CA PHE D 100 -12.73 -29.59 -15.31
C PHE D 100 -14.17 -29.44 -15.78
N ILE D 101 -14.78 -30.58 -16.12
CA ILE D 101 -16.16 -30.58 -16.61
C ILE D 101 -16.99 -31.55 -15.78
N SER D 102 -16.66 -32.85 -15.86
CA SER D 102 -17.42 -33.86 -15.14
C SER D 102 -16.79 -34.21 -13.78
N LYS D 103 -15.50 -33.96 -13.61
CA LYS D 103 -14.85 -34.24 -12.34
C LYS D 103 -15.32 -33.26 -11.27
N LYS D 104 -15.55 -33.77 -10.07
CA LYS D 104 -15.99 -32.94 -8.95
C LYS D 104 -14.83 -32.68 -8.00
N LYS D 105 -14.87 -31.51 -7.37
CA LYS D 105 -13.80 -31.09 -6.46
C LYS D 105 -13.76 -32.03 -5.26
N LYS D 106 -12.68 -32.80 -5.14
CA LYS D 106 -12.57 -33.77 -4.07
C LYS D 106 -12.23 -33.10 -2.74
N LEU D 107 -11.32 -32.14 -2.75
CA LEU D 107 -10.83 -31.48 -1.55
C LEU D 107 -11.06 -29.98 -1.63
N PRO D 108 -11.09 -29.30 -0.48
CA PRO D 108 -11.30 -27.83 -0.53
C PRO D 108 -10.15 -27.08 -1.17
N GLY D 109 -8.92 -27.58 -1.02
CA GLY D 109 -7.76 -26.96 -1.61
C GLY D 109 -7.44 -27.37 -3.03
N GLU D 110 -8.23 -28.26 -3.62
CA GLU D 110 -7.98 -28.69 -4.99
C GLU D 110 -8.06 -27.50 -5.94
N LEU D 111 -7.06 -27.38 -6.80
CA LEU D 111 -6.96 -26.26 -7.72
C LEU D 111 -7.62 -26.60 -9.05
N GLY D 112 -7.93 -25.55 -9.81
CA GLY D 112 -8.52 -25.69 -11.12
C GLY D 112 -9.86 -24.99 -11.24
N ARG D 113 -10.28 -24.83 -12.48
CA ARG D 113 -11.57 -24.23 -12.80
C ARG D 113 -12.62 -25.32 -12.91
N PHE D 114 -13.57 -25.35 -11.97
CA PHE D 114 -14.65 -26.31 -11.98
C PHE D 114 -15.96 -25.66 -12.41
N PRO D 115 -16.94 -26.45 -12.87
CA PRO D 115 -18.26 -25.88 -13.17
C PRO D 115 -19.02 -25.64 -11.88
N HIS D 116 -19.98 -24.73 -11.96
CA HIS D 116 -20.88 -24.48 -10.84
C HIS D 116 -22.30 -24.24 -11.35
N LEU D 117 -23.26 -24.41 -10.45
CA LEU D 117 -24.67 -24.43 -10.81
C LEU D 117 -25.25 -23.03 -10.97
N ARG D 118 -26.04 -22.84 -12.03
CA ARG D 118 -26.73 -21.59 -12.28
C ARG D 118 -28.09 -21.61 -11.60
N SER D 119 -28.76 -20.46 -11.65
CA SER D 119 -30.11 -20.37 -11.10
C SER D 119 -31.12 -21.23 -11.85
N ASP D 120 -30.85 -21.55 -13.12
CA ASP D 120 -31.75 -22.34 -13.94
C ASP D 120 -31.44 -23.83 -13.91
N GLY D 121 -30.62 -24.28 -12.95
CA GLY D 121 -30.30 -25.68 -12.84
C GLY D 121 -29.26 -26.18 -13.82
N TRP D 122 -28.87 -25.38 -14.80
CA TRP D 122 -27.82 -25.76 -15.73
C TRP D 122 -26.46 -25.38 -15.16
N LEU D 123 -25.48 -26.25 -15.37
CA LEU D 123 -24.12 -25.91 -15.01
C LEU D 123 -23.55 -24.88 -16.00
N GLU D 124 -22.49 -24.20 -15.59
CA GLU D 124 -21.74 -23.36 -16.50
C GLU D 124 -20.25 -23.43 -16.16
N ILE D 125 -19.43 -23.29 -17.20
CA ILE D 125 -17.97 -23.30 -17.08
C ILE D 125 -17.46 -22.04 -17.77
N LYS D 126 -16.64 -21.27 -17.06
CA LYS D 126 -16.09 -20.05 -17.62
C LYS D 126 -15.05 -20.38 -18.68
N LEU D 127 -15.23 -19.86 -19.89
CA LEU D 127 -14.28 -20.11 -20.96
C LEU D 127 -13.16 -19.08 -20.98
N GLY D 128 -13.43 -17.85 -20.59
CA GLY D 128 -12.41 -16.82 -20.60
C GLY D 128 -13.04 -15.46 -20.35
N GLU D 129 -12.17 -14.44 -20.36
CA GLU D 129 -12.56 -13.06 -20.12
C GLU D 129 -11.83 -12.17 -21.12
N PHE D 130 -12.47 -11.06 -21.48
CA PHE D 130 -11.84 -10.06 -22.33
C PHE D 130 -12.41 -8.69 -22.02
N PHE D 131 -11.61 -7.67 -22.26
CA PHE D 131 -12.03 -6.28 -22.11
C PHE D 131 -12.38 -5.72 -23.48
N ASN D 132 -13.60 -5.24 -23.63
CA ASN D 132 -14.03 -4.55 -24.84
C ASN D 132 -13.73 -3.06 -24.65
N ASN D 133 -12.77 -2.54 -25.40
CA ASN D 133 -12.35 -1.15 -25.25
C ASN D 133 -13.28 -0.23 -26.02
N LEU D 134 -13.00 -0.05 -27.31
CA LEU D 134 -13.84 0.78 -28.18
C LEU D 134 -14.63 -0.04 -29.20
N GLY D 135 -14.62 -1.36 -29.07
CA GLY D 135 -15.28 -2.20 -30.05
C GLY D 135 -14.59 -2.24 -31.38
N GLU D 136 -13.29 -1.94 -31.41
CA GLU D 136 -12.52 -1.87 -32.65
C GLU D 136 -11.48 -2.97 -32.78
N ASP D 137 -11.40 -3.89 -31.82
CA ASP D 137 -10.38 -4.92 -31.83
C ASP D 137 -10.81 -6.21 -32.51
N GLY D 138 -11.92 -6.18 -33.23
CA GLY D 138 -12.32 -7.32 -34.04
C GLY D 138 -13.19 -8.32 -33.30
N GLU D 139 -13.14 -9.56 -33.78
CA GLU D 139 -13.95 -10.64 -33.25
C GLU D 139 -13.23 -11.36 -32.11
N VAL D 140 -14.02 -11.86 -31.17
CA VAL D 140 -13.53 -12.74 -30.11
C VAL D 140 -14.13 -14.12 -30.36
N GLU D 141 -13.30 -15.15 -30.21
CA GLU D 141 -13.72 -16.54 -30.41
C GLU D 141 -13.47 -17.33 -29.13
N MET D 142 -14.38 -18.27 -28.86
N MET D 142 -14.35 -18.28 -28.87
CA MET D 142 -14.33 -19.10 -27.68
CA MET D 142 -14.26 -19.11 -27.68
C MET D 142 -14.70 -20.52 -28.06
C MET D 142 -14.74 -20.51 -28.02
N ARG D 143 -14.30 -21.47 -27.22
CA ARG D 143 -14.70 -22.86 -27.41
C ARG D 143 -14.33 -23.69 -26.20
N LEU D 144 -15.03 -24.82 -26.06
CA LEU D 144 -14.63 -25.92 -25.20
C LEU D 144 -14.44 -27.15 -26.09
N MET D 145 -13.32 -27.84 -25.94
CA MET D 145 -13.01 -28.93 -26.85
C MET D 145 -12.25 -30.03 -26.14
N GLU D 146 -12.44 -31.27 -26.62
CA GLU D 146 -11.66 -32.43 -26.20
C GLU D 146 -11.48 -33.24 -27.49
N ILE D 147 -10.29 -33.19 -28.07
CA ILE D 147 -10.06 -33.68 -29.42
C ILE D 147 -9.09 -34.85 -29.47
N ASN D 148 -8.94 -35.56 -28.35
CA ASN D 148 -8.15 -36.79 -28.34
C ASN D 148 -8.86 -37.84 -29.18
N ASP D 149 -8.21 -38.30 -30.26
CA ASP D 149 -8.85 -39.18 -31.22
C ASP D 149 -8.99 -40.62 -30.73
N LYS D 150 -8.35 -40.99 -29.62
CA LYS D 150 -8.42 -42.34 -29.11
C LYS D 150 -9.59 -42.58 -28.17
N THR D 151 -10.23 -41.52 -27.67
CA THR D 151 -11.29 -41.63 -26.68
C THR D 151 -12.60 -41.13 -27.26
N TRP D 152 -13.70 -41.74 -26.80
CA TRP D 152 -15.04 -41.29 -27.14
C TRP D 152 -15.60 -40.47 -25.98
N LYS D 153 -15.91 -39.21 -26.24
CA LYS D 153 -16.53 -38.34 -25.24
C LYS D 153 -18.04 -38.50 -25.33
N SER D 154 -18.70 -38.50 -24.17
CA SER D 154 -20.14 -38.73 -24.11
C SER D 154 -20.72 -38.13 -22.84
N GLY D 155 -21.95 -37.62 -22.97
CA GLY D 155 -22.75 -37.29 -21.81
C GLY D 155 -22.82 -35.83 -21.41
N ILE D 156 -22.56 -34.90 -22.33
CA ILE D 156 -22.71 -33.48 -22.06
C ILE D 156 -23.87 -32.97 -22.92
N ILE D 157 -24.66 -32.05 -22.35
CA ILE D 157 -25.79 -31.44 -23.03
C ILE D 157 -25.51 -29.94 -23.15
N VAL D 158 -25.53 -29.43 -24.37
CA VAL D 158 -25.10 -28.06 -24.64
C VAL D 158 -26.34 -27.19 -24.78
N LYS D 159 -26.43 -26.14 -23.96
CA LYS D 159 -27.52 -25.17 -24.02
C LYS D 159 -27.13 -23.89 -24.76
N GLY D 160 -25.91 -23.41 -24.60
CA GLY D 160 -25.48 -22.23 -25.32
C GLY D 160 -24.32 -21.55 -24.63
N PHE D 161 -23.89 -20.44 -25.23
CA PHE D 161 -22.86 -19.58 -24.65
C PHE D 161 -23.52 -18.35 -24.04
N ASP D 162 -23.15 -18.03 -22.79
CA ASP D 162 -23.65 -16.85 -22.10
C ASP D 162 -22.51 -15.84 -22.01
N ILE D 163 -22.73 -14.65 -22.55
CA ILE D 163 -21.75 -13.58 -22.57
C ILE D 163 -22.25 -12.47 -21.65
N ARG D 164 -21.66 -12.35 -20.47
CA ARG D 164 -22.16 -11.43 -19.46
C ARG D 164 -21.10 -10.41 -19.09
N PRO D 165 -21.49 -9.16 -18.83
CA PRO D 165 -20.54 -8.19 -18.28
C PRO D 165 -20.13 -8.58 -16.87
N ASN D 166 -18.83 -8.50 -16.59
CA ASN D 166 -18.29 -8.87 -15.29
C ASN D 166 -18.77 -7.91 -14.20
N GLY E 2 -18.74 1.91 -15.96
CA GLY E 2 -17.86 2.00 -17.16
C GLY E 2 -16.41 2.23 -16.80
N GLN E 3 -15.53 1.32 -17.24
CA GLN E 3 -14.10 1.45 -16.98
C GLN E 3 -13.53 2.47 -17.96
N GLY E 4 -13.89 3.72 -17.74
CA GLY E 4 -13.62 4.77 -18.69
C GLY E 4 -14.84 5.06 -19.55
N GLN E 5 -14.61 5.80 -20.63
CA GLN E 5 -15.69 6.17 -21.51
C GLN E 5 -15.12 6.76 -22.79
N TRP E 6 -15.88 6.63 -23.88
CA TRP E 6 -15.48 7.10 -25.19
C TRP E 6 -16.53 8.06 -25.72
N ILE E 7 -16.08 9.19 -26.24
CA ILE E 7 -16.96 10.19 -26.86
C ILE E 7 -16.59 10.26 -28.32
N ALA E 8 -17.48 9.79 -29.19
CA ALA E 8 -17.26 9.89 -30.63
C ALA E 8 -17.24 11.34 -31.07
N ALA E 9 -16.52 11.60 -32.16
CA ALA E 9 -16.37 12.97 -32.66
C ALA E 9 -17.73 13.62 -32.89
N ARG E 10 -18.70 12.88 -33.41
CA ARG E 10 -20.02 13.45 -33.65
C ARG E 10 -20.70 13.92 -32.36
N ASP E 11 -20.25 13.42 -31.21
CA ASP E 11 -20.84 13.79 -29.92
C ASP E 11 -20.09 14.90 -29.21
N LEU E 12 -18.92 15.30 -29.71
CA LEU E 12 -18.21 16.42 -29.15
C LEU E 12 -18.80 17.73 -29.68
N SER E 13 -18.49 18.83 -29.00
CA SER E 13 -18.89 20.17 -29.42
C SER E 13 -17.68 20.80 -30.12
N ILE E 14 -17.73 20.86 -31.44
CA ILE E 14 -16.65 21.41 -32.26
C ILE E 14 -17.22 22.61 -33.00
N THR E 15 -16.64 23.77 -32.77
CA THR E 15 -17.14 25.00 -33.37
C THR E 15 -16.98 24.95 -34.89
N TRP E 16 -18.03 25.40 -35.58
CA TRP E 16 -18.05 25.47 -37.04
C TRP E 16 -17.93 24.10 -37.70
N VAL E 17 -18.16 23.02 -36.95
CA VAL E 17 -17.92 21.69 -37.48
C VAL E 17 -19.00 21.25 -38.47
N ASP E 18 -20.14 21.93 -38.51
CA ASP E 18 -21.21 21.60 -39.44
C ASP E 18 -21.20 22.49 -40.68
N ASN E 19 -20.15 23.29 -40.88
CA ASN E 19 -20.02 24.12 -42.05
C ASN E 19 -18.98 23.51 -42.97
N PRO E 20 -19.35 23.02 -44.15
CA PRO E 20 -18.36 22.34 -45.00
C PRO E 20 -17.19 23.20 -45.40
N GLN E 21 -17.29 24.52 -45.25
CA GLN E 21 -16.18 25.39 -45.60
C GLN E 21 -15.01 25.24 -44.64
N TYR E 22 -15.28 24.86 -43.39
CA TYR E 22 -14.27 24.83 -42.34
C TYR E 22 -13.91 23.43 -41.87
N TRP E 23 -14.88 22.51 -41.82
CA TRP E 23 -14.64 21.14 -41.40
C TRP E 23 -15.23 20.18 -42.42
N THR E 24 -14.66 18.98 -42.47
CA THR E 24 -15.12 17.93 -43.37
C THR E 24 -15.25 16.63 -42.59
N TRP E 25 -16.45 16.07 -42.59
CA TRP E 25 -16.69 14.76 -42.01
C TRP E 25 -16.39 13.68 -43.03
N LYS E 26 -15.59 12.69 -42.63
CA LYS E 26 -15.19 11.62 -43.52
C LYS E 26 -15.27 10.30 -42.76
N THR E 27 -15.14 9.20 -43.50
CA THR E 27 -14.99 7.87 -42.95
C THR E 27 -13.58 7.38 -43.25
N VAL E 28 -12.91 6.83 -42.25
CA VAL E 28 -11.59 6.22 -42.41
C VAL E 28 -11.68 4.78 -41.95
N ASP E 29 -10.85 3.93 -42.53
CA ASP E 29 -10.96 2.49 -42.30
C ASP E 29 -10.52 2.13 -40.88
N PRO E 30 -11.24 1.22 -40.21
CA PRO E 30 -12.50 0.60 -40.62
C PRO E 30 -13.75 1.27 -40.03
N ASN E 31 -14.47 2.00 -40.89
CA ASN E 31 -15.79 2.53 -40.55
C ASN E 31 -15.75 3.48 -39.36
N ILE E 32 -14.70 4.29 -39.28
CA ILE E 32 -14.55 5.27 -38.22
C ILE E 32 -14.94 6.65 -38.75
N GLU E 33 -15.89 7.29 -38.09
CA GLU E 33 -16.27 8.66 -38.44
C GLU E 33 -15.33 9.65 -37.76
N VAL E 34 -14.73 10.53 -38.56
CA VAL E 34 -13.84 11.56 -38.05
C VAL E 34 -14.26 12.90 -38.65
N ALA E 35 -13.70 13.97 -38.09
CA ALA E 35 -13.89 15.33 -38.60
C ALA E 35 -12.52 15.94 -38.87
N GLU E 36 -12.26 16.26 -40.13
CA GLU E 36 -10.98 16.85 -40.54
C GLU E 36 -11.14 18.36 -40.66
N LEU E 37 -10.22 19.08 -40.03
CA LEU E 37 -10.23 20.54 -40.07
C LEU E 37 -9.64 21.02 -41.40
N ARG E 38 -10.44 21.71 -42.20
CA ARG E 38 -9.94 22.36 -43.40
C ARG E 38 -9.22 23.65 -43.04
N ARG E 39 -9.92 24.59 -42.43
CA ARG E 39 -9.33 25.83 -41.96
C ARG E 39 -10.31 26.52 -41.03
N VAL E 40 -9.80 27.09 -39.93
CA VAL E 40 -10.63 27.82 -38.99
C VAL E 40 -9.72 28.62 -38.08
N ALA E 41 -10.22 29.78 -37.64
CA ALA E 41 -9.49 30.64 -36.73
C ALA E 41 -9.93 30.50 -35.28
N TRP E 42 -11.09 29.90 -35.03
CA TRP E 42 -11.60 29.66 -33.68
C TRP E 42 -11.68 28.15 -33.50
N LEU E 43 -10.60 27.54 -33.05
CA LEU E 43 -10.55 26.10 -32.84
C LEU E 43 -10.96 25.78 -31.41
N ASP E 44 -11.98 24.95 -31.25
CA ASP E 44 -12.48 24.58 -29.93
C ASP E 44 -13.10 23.19 -30.05
N ILE E 45 -12.46 22.20 -29.44
CA ILE E 45 -12.93 20.82 -29.41
C ILE E 45 -13.28 20.50 -27.97
N TYR E 46 -14.58 20.40 -27.68
CA TYR E 46 -15.09 20.34 -26.32
C TYR E 46 -15.87 19.06 -26.06
N GLY E 47 -15.63 18.46 -24.90
CA GLY E 47 -16.39 17.30 -24.50
C GLY E 47 -16.65 17.34 -23.00
N LYS E 48 -17.73 16.65 -22.59
CA LYS E 48 -18.15 16.62 -21.20
C LYS E 48 -18.71 15.26 -20.87
N ILE E 49 -18.36 14.75 -19.68
CA ILE E 49 -18.82 13.45 -19.22
C ILE E 49 -19.40 13.56 -17.83
N GLU E 50 -20.18 12.55 -17.46
CA GLU E 50 -20.65 12.36 -16.10
C GLU E 50 -19.75 11.37 -15.38
N THR E 51 -19.45 11.64 -14.11
CA THR E 51 -18.62 10.74 -13.34
C THR E 51 -19.42 9.70 -12.57
N LYS E 52 -20.75 9.85 -12.51
CA LYS E 52 -21.57 8.90 -11.78
C LYS E 52 -21.52 7.49 -12.37
N ASN E 53 -21.14 7.37 -13.64
CA ASN E 53 -21.11 6.08 -14.32
C ASN E 53 -19.71 5.48 -14.45
N LEU E 54 -18.70 6.15 -13.93
CA LEU E 54 -17.33 5.64 -13.98
C LEU E 54 -17.02 4.77 -12.78
N ILE E 55 -16.06 3.86 -12.96
CA ILE E 55 -15.64 3.01 -11.86
C ILE E 55 -15.10 3.89 -10.75
N ARG E 56 -15.42 3.53 -9.51
CA ARG E 56 -15.15 4.40 -8.38
C ARG E 56 -13.71 4.24 -7.88
N LYS E 57 -13.27 5.26 -7.15
CA LYS E 57 -11.95 5.25 -6.51
C LYS E 57 -10.81 5.08 -7.51
N THR E 58 -10.97 5.70 -8.68
CA THR E 58 -10.03 5.53 -9.77
C THR E 58 -9.64 6.87 -10.35
N SER E 59 -8.38 6.99 -10.75
CA SER E 59 -7.88 8.15 -11.45
C SER E 59 -8.02 7.95 -12.96
N TYR E 60 -8.49 8.99 -13.64
CA TYR E 60 -8.76 8.92 -15.06
C TYR E 60 -8.00 10.00 -15.81
N ALA E 61 -7.44 9.63 -16.95
CA ALA E 61 -6.83 10.56 -17.89
C ALA E 61 -7.76 10.70 -19.10
N VAL E 62 -7.73 11.88 -19.70
CA VAL E 62 -8.59 12.21 -20.83
C VAL E 62 -7.70 12.62 -21.99
N TYR E 63 -7.85 11.93 -23.12
CA TYR E 63 -7.05 12.15 -24.30
C TYR E 63 -7.93 12.52 -25.48
N LEU E 64 -7.50 13.50 -26.26
CA LEU E 64 -8.05 13.73 -27.59
C LEU E 64 -7.31 12.81 -28.56
N VAL E 65 -8.04 11.89 -29.19
CA VAL E 65 -7.46 10.98 -30.17
C VAL E 65 -7.62 11.61 -31.55
N PHE E 66 -6.52 11.73 -32.27
CA PHE E 66 -6.53 12.47 -33.54
C PHE E 66 -5.40 12.00 -34.43
N LYS E 67 -5.41 12.51 -35.66
CA LYS E 67 -4.30 12.41 -36.59
C LYS E 67 -4.06 13.78 -37.20
N LEU E 68 -2.90 13.94 -37.83
CA LEU E 68 -2.54 15.18 -38.50
C LEU E 68 -2.32 14.90 -39.98
N THR E 69 -2.52 15.92 -40.80
CA THR E 69 -2.22 15.84 -42.22
C THR E 69 -0.71 15.91 -42.40
N ASP E 70 -0.25 15.98 -43.65
CA ASP E 70 1.17 16.11 -43.92
C ASP E 70 1.67 17.53 -43.73
N ASN E 71 0.76 18.52 -43.71
CA ASN E 71 1.12 19.93 -43.59
C ASN E 71 0.11 20.66 -42.71
N PRO E 72 0.05 20.29 -41.42
CA PRO E 72 -0.81 21.05 -40.49
C PRO E 72 -0.27 22.45 -40.28
N ARG E 73 -1.19 23.42 -40.21
CA ARG E 73 -0.84 24.83 -40.12
C ARG E 73 -1.25 25.41 -38.79
N GLU E 74 -0.37 26.22 -38.20
CA GLU E 74 -0.66 26.99 -37.00
C GLU E 74 -1.15 26.12 -35.86
N LEU E 75 -0.63 24.90 -35.76
CA LEU E 75 -1.01 23.99 -34.69
C LEU E 75 0.21 23.48 -33.93
N GLU E 76 1.27 24.30 -33.84
CA GLU E 76 2.41 23.91 -33.02
C GLU E 76 2.02 23.86 -31.56
N ARG E 77 1.21 24.82 -31.12
CA ARG E 77 0.78 24.91 -29.73
C ARG E 77 -0.73 24.98 -29.66
N ALA E 78 -1.28 24.53 -28.54
CA ALA E 78 -2.71 24.62 -28.30
C ALA E 78 -2.95 24.64 -26.79
N THR E 79 -4.16 25.04 -26.41
CA THR E 79 -4.54 25.12 -25.01
C THR E 79 -5.41 23.90 -24.67
N ALA E 80 -4.94 23.10 -23.72
CA ALA E 80 -5.71 21.99 -23.17
C ALA E 80 -6.29 22.39 -21.83
N SER E 81 -7.48 21.88 -21.54
CA SER E 81 -8.18 22.23 -20.31
C SER E 81 -9.04 21.07 -19.84
N LEU E 82 -9.08 20.86 -18.53
CA LEU E 82 -9.91 19.85 -17.91
C LEU E 82 -10.21 20.28 -16.49
N ARG E 83 -11.48 20.23 -16.11
CA ARG E 83 -11.88 20.68 -14.78
C ARG E 83 -13.26 20.13 -14.46
N PHE E 84 -13.54 20.03 -13.16
CA PHE E 84 -14.88 19.76 -12.69
C PHE E 84 -15.74 21.00 -12.93
N VAL E 85 -16.90 20.80 -13.56
CA VAL E 85 -17.78 21.92 -13.85
C VAL E 85 -18.11 22.68 -12.56
N ASN E 86 -18.30 21.94 -11.45
CA ASN E 86 -18.69 22.57 -10.19
C ASN E 86 -17.56 23.38 -9.55
N GLU E 87 -16.33 23.27 -10.06
CA GLU E 87 -15.20 23.96 -9.47
C GLU E 87 -14.76 25.20 -10.26
N VAL E 88 -15.58 25.69 -11.17
CA VAL E 88 -15.26 26.88 -11.95
C VAL E 88 -15.76 28.10 -11.20
N ALA E 89 -14.83 28.95 -10.77
CA ALA E 89 -15.22 30.19 -10.09
C ALA E 89 -15.95 31.10 -11.07
N GLU E 90 -16.98 31.78 -10.57
CA GLU E 90 -17.79 32.64 -11.42
C GLU E 90 -16.92 33.71 -12.06
N GLY E 91 -17.09 33.93 -13.35
CA GLY E 91 -16.30 34.92 -14.05
C GLY E 91 -14.91 34.46 -14.43
N ALA E 92 -14.51 33.26 -14.03
CA ALA E 92 -13.22 32.72 -14.42
C ALA E 92 -13.27 32.22 -15.87
N GLY E 93 -12.15 32.35 -16.55
CA GLY E 93 -12.05 31.88 -17.91
C GLY E 93 -11.94 30.38 -18.00
N ILE E 94 -11.33 29.90 -19.08
CA ILE E 94 -11.15 28.46 -19.27
C ILE E 94 -9.98 27.95 -18.45
N GLU E 95 -8.92 28.74 -18.36
CA GLU E 95 -7.79 28.44 -17.47
C GLU E 95 -7.19 27.06 -17.78
N GLY E 96 -6.58 26.98 -18.95
CA GLY E 96 -5.99 25.76 -19.43
C GLY E 96 -4.49 25.72 -19.29
N THR E 97 -3.87 24.78 -20.00
CA THR E 97 -2.44 24.60 -20.00
C THR E 97 -1.96 24.45 -21.44
N THR E 98 -0.77 24.98 -21.73
CA THR E 98 -0.21 24.92 -23.07
C THR E 98 0.37 23.55 -23.35
N VAL E 99 -0.04 22.93 -24.46
CA VAL E 99 0.47 21.65 -24.88
C VAL E 99 0.94 21.78 -26.33
N PHE E 100 1.69 20.77 -26.77
CA PHE E 100 2.17 20.68 -28.15
C PHE E 100 1.29 19.72 -28.95
N ILE E 101 1.06 20.07 -30.22
CA ILE E 101 0.25 19.23 -31.11
C ILE E 101 1.08 18.85 -32.33
N SER E 102 1.30 19.81 -33.23
CA SER E 102 2.03 19.54 -34.47
C SER E 102 3.54 19.67 -34.30
N LYS E 103 4.00 20.41 -33.29
CA LYS E 103 5.42 20.62 -33.11
C LYS E 103 6.10 19.33 -32.66
N LYS E 104 7.25 19.05 -33.25
CA LYS E 104 8.04 17.87 -32.91
C LYS E 104 9.02 18.19 -31.79
N LYS E 105 9.23 17.23 -30.90
CA LYS E 105 10.17 17.37 -29.79
C LYS E 105 11.58 17.21 -30.33
N LYS E 106 12.34 18.30 -30.35
CA LYS E 106 13.68 18.27 -30.91
C LYS E 106 14.76 17.82 -29.93
N LEU E 107 14.58 18.07 -28.64
CA LEU E 107 15.57 17.72 -27.65
C LEU E 107 15.00 16.74 -26.63
N PRO E 108 15.78 15.74 -26.19
CA PRO E 108 15.25 14.82 -25.17
C PRO E 108 14.83 15.53 -23.90
N GLY E 109 15.61 16.51 -23.45
CA GLY E 109 15.28 17.28 -22.27
C GLY E 109 14.25 18.36 -22.47
N GLU E 110 13.63 18.41 -23.64
CA GLU E 110 12.63 19.45 -23.91
C GLU E 110 11.39 19.21 -23.05
N LEU E 111 10.97 20.25 -22.34
CA LEU E 111 9.84 20.15 -21.44
C LEU E 111 8.54 20.35 -22.20
N GLY E 112 7.46 19.83 -21.62
CA GLY E 112 6.13 19.99 -22.17
C GLY E 112 5.48 18.65 -22.49
N ARG E 113 4.18 18.72 -22.74
CA ARG E 113 3.37 17.56 -23.08
C ARG E 113 3.23 17.48 -24.59
N PHE E 114 3.68 16.38 -25.17
CA PHE E 114 3.60 16.12 -26.60
C PHE E 114 2.61 14.99 -26.87
N PRO E 115 2.14 14.85 -28.11
CA PRO E 115 1.24 13.74 -28.43
C PRO E 115 1.97 12.40 -28.38
N HIS E 116 1.20 11.35 -28.10
CA HIS E 116 1.72 9.98 -28.06
C HIS E 116 1.10 9.15 -29.16
N LEU E 117 1.91 8.31 -29.80
CA LEU E 117 1.45 7.43 -30.86
C LEU E 117 0.88 6.16 -30.22
N ARG E 118 -0.44 5.99 -30.34
CA ARG E 118 -1.11 4.86 -29.72
C ARG E 118 -0.79 3.55 -30.47
N SER E 119 -1.15 2.44 -29.83
CA SER E 119 -0.94 1.13 -30.45
C SER E 119 -1.73 0.98 -31.74
N ASP E 120 -2.86 1.67 -31.86
CA ASP E 120 -3.73 1.53 -33.02
C ASP E 120 -3.42 2.53 -34.12
N GLY E 121 -2.30 3.25 -34.04
CA GLY E 121 -1.87 4.12 -35.11
C GLY E 121 -2.34 5.55 -35.02
N TRP E 122 -3.19 5.88 -34.06
CA TRP E 122 -3.67 7.24 -33.88
C TRP E 122 -2.83 7.97 -32.83
N LEU E 123 -2.80 9.29 -32.93
CA LEU E 123 -2.14 10.12 -31.93
C LEU E 123 -3.14 10.51 -30.84
N GLU E 124 -2.60 10.75 -29.64
CA GLU E 124 -3.41 11.19 -28.51
C GLU E 124 -2.64 12.26 -27.74
N ILE E 125 -3.35 13.31 -27.34
CA ILE E 125 -2.80 14.37 -26.50
C ILE E 125 -3.60 14.41 -25.20
N LYS E 126 -2.89 14.32 -24.08
CA LYS E 126 -3.52 14.29 -22.77
C LYS E 126 -4.05 15.68 -22.40
N LEU E 127 -5.36 15.75 -22.19
CA LEU E 127 -5.98 17.03 -21.87
C LEU E 127 -5.96 17.32 -20.38
N GLY E 128 -5.90 16.29 -19.54
CA GLY E 128 -5.95 16.50 -18.11
C GLY E 128 -6.13 15.19 -17.37
N GLU E 129 -6.31 15.32 -16.05
CA GLU E 129 -6.40 14.21 -15.12
C GLU E 129 -7.41 14.55 -14.04
N PHE E 130 -8.11 13.54 -13.56
CA PHE E 130 -9.03 13.76 -12.45
C PHE E 130 -9.25 12.45 -11.70
N PHE E 131 -9.57 12.57 -10.42
CA PHE E 131 -9.84 11.43 -9.56
C PHE E 131 -11.35 11.32 -9.35
N ASN E 132 -11.89 10.13 -9.64
CA ASN E 132 -13.28 9.83 -9.35
C ASN E 132 -13.34 9.15 -7.99
N ASN E 133 -13.95 9.81 -7.01
CA ASN E 133 -14.05 9.23 -5.68
C ASN E 133 -15.22 8.23 -5.62
N LEU E 134 -16.44 8.76 -5.58
CA LEU E 134 -17.65 7.94 -5.54
C LEU E 134 -18.66 8.35 -6.61
N GLY E 135 -18.22 9.07 -7.64
CA GLY E 135 -19.12 9.53 -8.67
C GLY E 135 -20.08 10.61 -8.24
N GLU E 136 -19.74 11.37 -7.20
CA GLU E 136 -20.64 12.34 -6.61
C GLU E 136 -20.19 13.78 -6.82
N ASP E 137 -19.10 14.01 -7.55
CA ASP E 137 -18.55 15.34 -7.73
C ASP E 137 -18.98 15.99 -9.05
N GLY E 138 -19.93 15.40 -9.74
CA GLY E 138 -20.54 16.06 -10.89
C GLY E 138 -19.84 15.77 -12.21
N GLU E 139 -20.18 16.60 -13.19
CA GLU E 139 -19.65 16.46 -14.53
C GLU E 139 -18.23 16.99 -14.63
N VAL E 140 -17.46 16.39 -15.53
CA VAL E 140 -16.11 16.85 -15.86
C VAL E 140 -16.13 17.29 -17.32
N GLU E 141 -15.55 18.46 -17.58
CA GLU E 141 -15.47 19.01 -18.92
C GLU E 141 -14.02 19.18 -19.30
N MET E 142 -13.76 19.14 -20.61
CA MET E 142 -12.41 19.27 -21.13
C MET E 142 -12.49 19.75 -22.57
N ARG E 143 -11.35 20.20 -23.09
CA ARG E 143 -11.32 20.71 -24.45
C ARG E 143 -9.88 20.98 -24.88
N LEU E 144 -9.69 21.05 -26.19
CA LEU E 144 -8.48 21.58 -26.80
C LEU E 144 -8.89 22.77 -27.65
N MET E 145 -8.17 23.89 -27.54
CA MET E 145 -8.57 25.11 -28.24
C MET E 145 -7.35 25.93 -28.64
N GLU E 146 -7.48 26.59 -29.79
CA GLU E 146 -6.54 27.62 -30.25
C GLU E 146 -7.43 28.69 -30.87
N ILE E 147 -7.64 29.79 -30.15
CA ILE E 147 -8.64 30.77 -30.54
C ILE E 147 -8.02 32.11 -30.94
N ASN E 148 -6.76 32.10 -31.37
CA ASN E 148 -6.16 33.30 -31.92
C ASN E 148 -6.89 33.67 -33.21
N ASP E 149 -7.54 34.84 -33.23
CA ASP E 149 -8.37 35.23 -34.35
C ASP E 149 -7.57 35.75 -35.54
N LYS E 150 -6.25 35.84 -35.43
CA LYS E 150 -5.40 36.30 -36.52
C LYS E 150 -4.69 35.18 -37.24
N THR E 151 -4.99 33.92 -36.91
CA THR E 151 -4.35 32.78 -37.53
C THR E 151 -5.42 31.77 -37.96
N TRP E 152 -5.10 31.03 -39.02
CA TRP E 152 -5.97 29.99 -39.56
C TRP E 152 -5.37 28.64 -39.25
N LYS E 153 -6.07 27.84 -38.44
CA LYS E 153 -5.62 26.51 -38.08
C LYS E 153 -6.13 25.48 -39.07
N SER E 154 -5.31 24.46 -39.31
CA SER E 154 -5.67 23.44 -40.30
C SER E 154 -4.81 22.20 -40.12
N GLY E 155 -5.41 21.05 -40.42
CA GLY E 155 -4.68 19.81 -40.54
C GLY E 155 -4.87 18.79 -39.44
N ILE E 156 -5.86 18.96 -38.58
CA ILE E 156 -6.12 18.01 -37.49
C ILE E 156 -7.37 17.20 -37.84
N ILE E 157 -7.32 15.89 -37.57
CA ILE E 157 -8.42 14.98 -37.84
C ILE E 157 -8.88 14.41 -36.50
N VAL E 158 -10.09 14.77 -36.09
CA VAL E 158 -10.59 14.48 -34.76
C VAL E 158 -11.38 13.17 -34.80
N LYS E 159 -10.99 12.22 -33.95
CA LYS E 159 -11.71 10.96 -33.78
C LYS E 159 -12.64 10.96 -32.58
N GLY E 160 -12.16 11.43 -31.44
CA GLY E 160 -12.97 11.48 -30.24
C GLY E 160 -12.12 11.66 -29.00
N PHE E 161 -12.80 11.66 -27.86
CA PHE E 161 -12.14 11.76 -26.56
C PHE E 161 -12.10 10.39 -25.90
N ASP E 162 -10.93 10.01 -25.40
CA ASP E 162 -10.73 8.74 -24.71
C ASP E 162 -10.53 9.02 -23.23
N ILE E 163 -11.39 8.47 -22.39
CA ILE E 163 -11.31 8.62 -20.93
C ILE E 163 -10.95 7.26 -20.37
N ARG E 164 -9.71 7.12 -19.87
CA ARG E 164 -9.21 5.84 -19.40
C ARG E 164 -8.63 5.98 -18.00
N PRO E 165 -8.62 4.90 -17.23
CA PRO E 165 -7.88 4.90 -15.96
C PRO E 165 -6.39 5.04 -16.22
N ASN E 166 -5.71 5.80 -15.35
CA ASN E 166 -4.26 5.92 -15.40
C ASN E 166 -3.64 4.52 -15.17
N GLY F 2 -0.32 6.22 7.92
CA GLY F 2 1.02 5.76 7.46
C GLY F 2 1.38 6.22 6.06
N GLN F 3 0.41 6.85 5.40
CA GLN F 3 0.58 7.36 4.05
C GLN F 3 0.26 8.85 4.03
N GLY F 4 1.10 9.62 3.36
CA GLY F 4 0.93 11.06 3.30
C GLY F 4 2.19 11.80 3.72
N GLN F 5 2.59 12.78 2.92
CA GLN F 5 3.79 13.57 3.18
C GLN F 5 3.41 14.96 3.66
N TRP F 6 4.38 15.68 4.22
CA TRP F 6 4.15 16.99 4.80
C TRP F 6 5.33 17.89 4.51
N ILE F 7 5.05 19.11 4.06
CA ILE F 7 6.08 20.13 3.88
C ILE F 7 5.76 21.25 4.86
N ALA F 8 6.64 21.47 5.83
CA ALA F 8 6.43 22.53 6.80
C ALA F 8 6.59 23.90 6.14
N ALA F 9 6.02 24.92 6.79
CA ALA F 9 6.13 26.28 6.27
C ALA F 9 7.58 26.68 6.05
N ARG F 10 8.46 26.31 6.98
CA ARG F 10 9.87 26.68 6.85
C ARG F 10 10.50 26.12 5.58
N ASP F 11 10.00 24.99 5.08
CA ASP F 11 10.58 24.34 3.91
C ASP F 11 9.89 24.73 2.61
N LEU F 12 8.87 25.58 2.66
CA LEU F 12 8.26 26.12 1.44
C LEU F 12 9.05 27.34 0.97
N SER F 13 8.81 27.73 -0.27
CA SER F 13 9.38 28.95 -0.86
C SER F 13 8.29 30.02 -0.83
N ILE F 14 8.37 30.92 0.15
CA ILE F 14 7.40 31.99 0.34
C ILE F 14 8.09 33.31 0.07
N THR F 15 7.61 34.04 -0.94
CA THR F 15 8.27 35.24 -1.37
C THR F 15 8.33 36.26 -0.24
N TRP F 16 9.55 36.70 0.08
CA TRP F 16 9.80 37.76 1.05
C TRP F 16 9.35 37.38 2.46
N VAL F 17 9.31 36.07 2.73
CA VAL F 17 8.91 35.61 4.06
C VAL F 17 9.95 35.96 5.12
N ASP F 18 11.16 36.36 4.72
CA ASP F 18 12.19 36.81 5.65
C ASP F 18 12.11 38.32 5.92
N ASN F 19 11.11 39.00 5.38
CA ASN F 19 10.91 40.42 5.63
C ASN F 19 9.92 40.61 6.77
N PRO F 20 10.35 41.06 7.95
CA PRO F 20 9.40 41.17 9.06
C PRO F 20 8.31 42.22 8.81
N GLN F 21 8.50 43.12 7.84
CA GLN F 21 7.43 44.03 7.47
C GLN F 21 6.28 43.30 6.80
N TYR F 22 6.57 42.19 6.10
CA TYR F 22 5.57 41.48 5.32
C TYR F 22 5.06 40.22 6.01
N TRP F 23 5.95 39.45 6.62
CA TRP F 23 5.62 38.16 7.20
C TRP F 23 6.19 38.06 8.62
N THR F 24 5.47 37.34 9.47
CA THR F 24 5.91 37.10 10.84
C THR F 24 5.98 35.60 11.09
N TRP F 25 7.18 35.12 11.43
CA TRP F 25 7.33 33.74 11.89
C TRP F 25 6.98 33.68 13.37
N LYS F 26 6.06 32.78 13.73
CA LYS F 26 5.66 32.62 15.11
C LYS F 26 5.38 31.14 15.39
N THR F 27 5.47 30.79 16.66
CA THR F 27 5.18 29.44 17.13
C THR F 27 3.78 29.41 17.72
N VAL F 28 2.98 28.45 17.27
CA VAL F 28 1.64 28.21 17.78
C VAL F 28 1.63 26.81 18.41
N ASP F 29 1.01 26.69 19.58
CA ASP F 29 1.05 25.43 20.29
C ASP F 29 0.29 24.35 19.52
N PRO F 30 0.78 23.11 19.49
CA PRO F 30 1.99 22.67 20.18
C PRO F 30 3.28 22.69 19.37
N ASN F 31 4.02 23.80 19.50
CA ASN F 31 5.42 23.88 19.06
C ASN F 31 5.55 23.70 17.55
N ILE F 32 4.73 24.43 16.81
CA ILE F 32 4.79 24.41 15.35
C ILE F 32 5.03 25.83 14.86
N GLU F 33 6.13 26.03 14.14
CA GLU F 33 6.41 27.32 13.52
C GLU F 33 5.53 27.53 12.30
N VAL F 34 4.84 28.68 12.26
CA VAL F 34 4.01 29.06 11.13
C VAL F 34 4.40 30.47 10.70
N ALA F 35 4.05 30.79 9.45
CA ALA F 35 4.35 32.10 8.86
C ALA F 35 3.05 32.89 8.66
N GLU F 36 2.95 34.03 9.33
CA GLU F 36 1.74 34.86 9.24
C GLU F 36 2.01 36.07 8.35
N LEU F 37 1.11 36.27 7.38
CA LEU F 37 1.24 37.39 6.46
C LEU F 37 0.66 38.66 7.08
N ARG F 38 1.51 39.68 7.28
CA ARG F 38 1.01 40.99 7.67
C ARG F 38 0.52 41.77 6.47
N ARG F 39 1.33 41.84 5.42
CA ARG F 39 0.95 42.50 4.17
C ARG F 39 1.99 42.18 3.11
N VAL F 40 1.52 42.04 1.87
CA VAL F 40 2.42 41.81 0.75
C VAL F 40 1.64 42.02 -0.54
N ALA F 41 2.27 42.64 -1.53
CA ALA F 41 1.65 42.85 -2.83
C ALA F 41 1.84 41.67 -3.76
N TRP F 42 2.90 40.88 -3.55
CA TRP F 42 3.23 39.72 -4.38
C TRP F 42 3.19 38.49 -3.47
N LEU F 43 2.05 37.79 -3.46
CA LEU F 43 1.87 36.61 -2.62
C LEU F 43 2.16 35.36 -3.44
N ASP F 44 3.06 34.53 -2.94
CA ASP F 44 3.45 33.30 -3.63
C ASP F 44 3.94 32.30 -2.60
N ILE F 45 3.22 31.18 -2.49
CA ILE F 45 3.53 30.14 -1.52
C ILE F 45 3.79 28.88 -2.34
N TYR F 46 5.06 28.51 -2.51
CA TYR F 46 5.48 27.51 -3.48
C TYR F 46 6.18 26.34 -2.81
N GLY F 47 5.94 25.15 -3.35
CA GLY F 47 6.55 23.93 -2.84
C GLY F 47 6.76 22.93 -3.97
N LYS F 48 7.60 21.95 -3.68
CA LYS F 48 8.00 20.96 -4.67
C LYS F 48 8.24 19.62 -3.99
N ILE F 49 7.90 18.54 -4.69
CA ILE F 49 8.11 17.18 -4.18
C ILE F 49 8.60 16.30 -5.33
N GLU F 50 9.44 15.33 -4.98
CA GLU F 50 9.94 14.36 -5.93
C GLU F 50 8.98 13.18 -5.98
N THR F 51 8.56 12.82 -7.20
CA THR F 51 7.65 11.68 -7.34
C THR F 51 8.33 10.35 -7.02
N LYS F 52 9.66 10.29 -7.11
CA LYS F 52 10.37 9.05 -6.81
C LYS F 52 10.27 8.67 -5.34
N ASN F 53 9.90 9.60 -4.47
CA ASN F 53 9.76 9.31 -3.04
C ASN F 53 8.34 8.92 -2.65
N LEU F 54 7.40 8.96 -3.58
CA LEU F 54 6.00 8.63 -3.30
C LEU F 54 5.72 7.17 -3.65
N ILE F 55 4.54 6.71 -3.24
CA ILE F 55 4.09 5.35 -3.55
C ILE F 55 3.60 5.32 -4.99
N ARG F 56 4.03 4.30 -5.73
CA ARG F 56 3.65 4.20 -7.13
C ARG F 56 2.18 3.82 -7.28
N LYS F 57 1.65 4.09 -8.46
CA LYS F 57 0.28 3.68 -8.82
C LYS F 57 -0.73 4.23 -7.83
N THR F 58 -0.58 5.51 -7.49
CA THR F 58 -1.42 6.15 -6.50
C THR F 58 -1.74 7.58 -6.95
N SER F 59 -3.02 7.95 -6.84
CA SER F 59 -3.44 9.32 -7.11
C SER F 59 -3.21 10.16 -5.88
N TYR F 60 -2.62 11.34 -6.06
CA TYR F 60 -2.29 12.23 -4.95
C TYR F 60 -2.96 13.60 -5.14
N ALA F 61 -3.34 14.20 -4.01
CA ALA F 61 -3.79 15.59 -3.98
C ALA F 61 -2.92 16.38 -3.01
N VAL F 62 -2.75 17.66 -3.29
CA VAL F 62 -1.89 18.55 -2.50
C VAL F 62 -2.74 19.69 -1.97
N TYR F 63 -2.63 19.95 -0.66
CA TYR F 63 -3.44 20.95 0.01
C TYR F 63 -2.56 21.93 0.76
N LEU F 64 -2.87 23.21 0.63
CA LEU F 64 -2.27 24.22 1.50
C LEU F 64 -3.08 24.30 2.79
N VAL F 65 -2.43 24.04 3.92
CA VAL F 65 -3.06 24.10 5.24
C VAL F 65 -2.76 25.46 5.82
N PHE F 66 -3.81 26.19 6.22
CA PHE F 66 -3.63 27.57 6.64
C PHE F 66 -4.75 27.98 7.59
N LYS F 67 -4.62 29.20 8.11
CA LYS F 67 -5.69 29.82 8.89
C LYS F 67 -5.78 31.28 8.43
N LEU F 68 -6.95 31.87 8.66
CA LEU F 68 -7.16 33.29 8.40
C LEU F 68 -7.15 34.03 9.72
N THR F 69 -6.61 35.25 9.72
CA THR F 69 -6.67 36.12 10.87
C THR F 69 -8.08 36.67 11.00
N ASP F 70 -8.27 37.63 11.91
CA ASP F 70 -9.57 38.27 12.06
C ASP F 70 -9.84 39.33 11.02
N ASN F 71 -8.84 39.71 10.22
CA ASN F 71 -9.01 40.73 9.19
C ASN F 71 -8.26 40.31 7.92
N PRO F 72 -8.74 39.28 7.23
CA PRO F 72 -8.14 38.90 5.95
C PRO F 72 -8.45 39.94 4.88
N ARG F 73 -7.42 40.37 4.17
CA ARG F 73 -7.54 41.44 3.19
C ARG F 73 -7.13 40.96 1.81
N GLU F 74 -7.99 41.20 0.82
CA GLU F 74 -7.69 40.92 -0.59
C GLU F 74 -7.39 39.44 -0.83
N LEU F 75 -8.03 38.57 -0.06
CA LEU F 75 -7.85 37.13 -0.23
C LEU F 75 -9.15 36.43 -0.62
N GLU F 76 -10.11 37.16 -1.20
CA GLU F 76 -11.33 36.50 -1.65
C GLU F 76 -11.03 35.50 -2.77
N ARG F 77 -10.08 35.82 -3.63
CA ARG F 77 -9.68 34.93 -4.71
C ARG F 77 -8.15 34.84 -4.74
N ALA F 78 -7.67 33.74 -5.32
CA ALA F 78 -6.24 33.54 -5.54
C ALA F 78 -6.08 32.50 -6.64
N THR F 79 -4.84 32.31 -7.08
CA THR F 79 -4.53 31.35 -8.12
C THR F 79 -3.84 30.15 -7.50
N ALA F 80 -4.41 28.96 -7.72
CA ALA F 80 -3.78 27.70 -7.36
C ALA F 80 -3.19 27.06 -8.60
N SER F 81 -2.05 26.38 -8.44
CA SER F 81 -1.38 25.72 -9.54
C SER F 81 -0.73 24.44 -9.05
N LEU F 82 -0.83 23.39 -9.86
CA LEU F 82 -0.13 22.14 -9.63
C LEU F 82 0.15 21.52 -10.98
N ARG F 83 1.40 21.18 -11.25
CA ARG F 83 1.76 20.61 -12.54
C ARG F 83 3.10 19.89 -12.40
N PHE F 84 3.32 18.95 -13.32
CA PHE F 84 4.64 18.32 -13.44
C PHE F 84 5.62 19.35 -14.01
N VAL F 85 6.78 19.46 -13.37
CA VAL F 85 7.79 20.41 -13.84
C VAL F 85 8.14 20.14 -15.29
N ASN F 86 8.24 18.86 -15.68
CA ASN F 86 8.69 18.48 -17.01
C ASN F 86 7.64 18.72 -18.08
N GLU F 87 6.41 19.08 -17.70
CA GLU F 87 5.35 19.29 -18.66
C GLU F 87 5.02 20.77 -18.89
N VAL F 88 5.89 21.66 -18.44
CA VAL F 88 5.70 23.10 -18.63
C VAL F 88 6.34 23.47 -19.95
N ALA F 89 5.51 23.88 -20.91
CA ALA F 89 6.04 24.27 -22.21
C ALA F 89 6.88 25.55 -22.09
N GLU F 90 7.96 25.60 -22.86
CA GLU F 90 8.80 26.79 -22.89
C GLU F 90 7.97 28.02 -23.22
N GLY F 91 8.18 29.09 -22.46
CA GLY F 91 7.45 30.32 -22.65
C GLY F 91 6.09 30.37 -22.01
N ALA F 92 5.58 29.25 -21.51
CA ALA F 92 4.29 29.24 -20.83
C ALA F 92 4.41 29.84 -19.43
N GLY F 93 3.34 30.48 -18.99
CA GLY F 93 3.29 31.06 -17.67
C GLY F 93 3.05 30.00 -16.62
N ILE F 94 2.54 30.45 -15.47
CA ILE F 94 2.21 29.54 -14.38
C ILE F 94 0.98 28.72 -14.72
N GLU F 95 0.01 29.34 -15.38
CA GLU F 95 -1.18 28.64 -15.85
C GLU F 95 -1.82 27.84 -14.72
N GLY F 96 -2.49 28.57 -13.83
CA GLY F 96 -3.19 28.00 -12.72
C GLY F 96 -4.69 28.12 -12.84
N THR F 97 -5.38 27.92 -11.72
CA THR F 97 -6.82 27.98 -11.65
C THR F 97 -7.26 28.87 -10.50
N THR F 98 -8.40 29.54 -10.68
CA THR F 98 -8.92 30.46 -9.68
C THR F 98 -9.62 29.68 -8.57
N VAL F 99 -9.23 29.95 -7.33
CA VAL F 99 -9.84 29.35 -6.15
C VAL F 99 -10.20 30.46 -5.17
N PHE F 100 -11.11 30.15 -4.26
CA PHE F 100 -11.52 31.07 -3.21
C PHE F 100 -10.75 30.75 -1.93
N ILE F 101 -10.44 31.81 -1.17
CA ILE F 101 -9.67 31.64 0.07
C ILE F 101 -10.43 32.23 1.25
N SER F 102 -10.73 33.54 1.19
CA SER F 102 -11.44 34.21 2.27
C SER F 102 -12.93 34.36 1.98
N LYS F 103 -13.34 34.27 0.72
CA LYS F 103 -14.75 34.33 0.39
C LYS F 103 -15.48 33.13 0.96
N LYS F 104 -16.73 33.35 1.39
CA LYS F 104 -17.56 32.30 1.97
C LYS F 104 -18.61 31.86 0.96
N LYS F 105 -18.79 30.54 0.85
CA LYS F 105 -19.84 30.00 -0.03
C LYS F 105 -21.21 30.32 0.56
N LYS F 106 -22.01 31.07 -0.19
CA LYS F 106 -23.30 31.55 0.31
C LYS F 106 -24.43 30.58 -0.05
N LEU F 107 -24.47 30.11 -1.30
CA LEU F 107 -25.51 29.20 -1.75
C LEU F 107 -24.94 27.82 -2.00
N PRO F 108 -25.75 26.77 -1.85
CA PRO F 108 -25.22 25.41 -2.12
C PRO F 108 -24.90 25.16 -3.58
N GLY F 109 -25.47 25.95 -4.49
CA GLY F 109 -25.19 25.83 -5.90
C GLY F 109 -24.17 26.80 -6.44
N GLU F 110 -23.42 27.48 -5.57
CA GLU F 110 -22.37 28.39 -6.02
C GLU F 110 -21.16 27.60 -6.47
N LEU F 111 -20.70 27.87 -7.68
CA LEU F 111 -19.61 27.11 -8.26
C LEU F 111 -18.26 27.64 -7.76
N GLY F 112 -17.24 26.80 -7.90
CA GLY F 112 -15.91 27.16 -7.50
C GLY F 112 -15.36 26.26 -6.41
N ARG F 113 -14.06 26.30 -6.21
CA ARG F 113 -13.41 25.55 -5.13
C ARG F 113 -13.20 26.47 -3.93
N PHE F 114 -13.81 26.11 -2.81
CA PHE F 114 -13.67 26.83 -1.57
C PHE F 114 -12.81 26.04 -0.58
N PRO F 115 -12.23 26.71 0.40
CA PRO F 115 -11.54 25.99 1.47
C PRO F 115 -12.55 25.45 2.47
N HIS F 116 -12.06 24.58 3.35
CA HIS F 116 -12.92 24.02 4.39
C HIS F 116 -12.08 23.75 5.63
N LEU F 117 -12.74 23.82 6.78
CA LEU F 117 -12.05 23.57 8.04
C LEU F 117 -11.70 22.10 8.16
N ARG F 118 -10.55 21.83 8.77
CA ARG F 118 -10.11 20.48 9.08
C ARG F 118 -10.50 20.13 10.50
N SER F 119 -10.32 18.85 10.85
CA SER F 119 -10.61 18.41 12.21
C SER F 119 -9.72 19.13 13.23
N ASP F 120 -8.51 19.49 12.84
CA ASP F 120 -7.56 20.13 13.74
C ASP F 120 -7.76 21.64 13.85
N GLY F 121 -8.82 22.19 13.26
CA GLY F 121 -9.10 23.61 13.34
C GLY F 121 -8.46 24.47 12.28
N TRP F 122 -7.63 23.90 11.42
CA TRP F 122 -6.99 24.63 10.34
C TRP F 122 -7.80 24.47 9.06
N LEU F 123 -7.79 25.49 8.22
CA LEU F 123 -8.37 25.38 6.90
C LEU F 123 -7.41 24.70 5.94
N GLU F 124 -7.95 24.16 4.86
CA GLU F 124 -7.15 23.68 3.74
C GLU F 124 -7.82 24.07 2.43
N ILE F 125 -7.02 24.20 1.39
CA ILE F 125 -7.48 24.46 0.03
C ILE F 125 -6.73 23.53 -0.90
N LYS F 126 -7.45 22.86 -1.80
CA LYS F 126 -6.81 21.94 -2.72
C LYS F 126 -6.06 22.71 -3.80
N LEU F 127 -4.75 22.45 -3.92
CA LEU F 127 -3.98 23.09 -4.98
C LEU F 127 -4.07 22.32 -6.28
N GLY F 128 -4.22 21.00 -6.21
CA GLY F 128 -4.36 20.21 -7.42
C GLY F 128 -4.22 18.73 -7.11
N GLU F 129 -4.35 17.93 -8.18
CA GLU F 129 -4.24 16.49 -8.09
C GLU F 129 -3.36 15.97 -9.21
N PHE F 130 -2.71 14.83 -8.96
CA PHE F 130 -1.90 14.18 -9.99
C PHE F 130 -1.81 12.69 -9.68
N PHE F 131 -1.60 11.91 -10.74
CA PHE F 131 -1.38 10.46 -10.62
C PHE F 131 0.10 10.16 -10.65
N ASN F 132 0.59 9.47 -9.62
CA ASN F 132 1.96 9.00 -9.59
C ASN F 132 1.99 7.58 -10.16
N ASN F 133 2.55 7.42 -11.35
CA ASN F 133 2.58 6.14 -12.04
C ASN F 133 3.70 5.28 -11.49
N LEU F 134 4.89 5.39 -12.08
CA LEU F 134 6.05 4.63 -11.63
C LEU F 134 7.04 5.45 -10.81
N GLY F 135 6.77 6.74 -10.60
CA GLY F 135 7.70 7.60 -9.92
C GLY F 135 8.83 8.09 -10.77
N GLU F 136 8.68 8.04 -12.10
CA GLU F 136 9.73 8.41 -13.03
C GLU F 136 9.42 9.68 -13.81
N ASP F 137 8.33 10.37 -13.48
CA ASP F 137 7.91 11.55 -14.23
C ASP F 137 8.48 12.85 -13.66
N GLY F 138 9.36 12.77 -12.68
CA GLY F 138 10.04 13.95 -12.19
C GLY F 138 9.34 14.64 -11.03
N GLU F 139 9.66 15.92 -10.88
CA GLU F 139 9.14 16.70 -9.76
C GLU F 139 7.75 17.27 -10.09
N VAL F 140 6.95 17.41 -9.05
CA VAL F 140 5.66 18.10 -9.14
C VAL F 140 5.75 19.38 -8.31
N GLU F 141 5.35 20.50 -8.91
CA GLU F 141 5.36 21.79 -8.25
C GLU F 141 3.94 22.28 -8.06
N MET F 142 3.72 23.04 -6.99
CA MET F 142 2.40 23.57 -6.66
C MET F 142 2.57 24.85 -5.86
N ARG F 143 1.55 25.71 -5.94
CA ARG F 143 1.61 26.99 -5.24
C ARG F 143 0.21 27.60 -5.16
N LEU F 144 0.07 28.54 -4.22
CA LEU F 144 -1.05 29.46 -4.17
C LEU F 144 -0.49 30.86 -4.25
N MET F 145 -1.00 31.67 -5.19
CA MET F 145 -0.42 32.97 -5.45
C MET F 145 -1.51 34.01 -5.73
N GLU F 146 -1.19 35.26 -5.39
CA GLU F 146 -1.98 36.43 -5.76
C GLU F 146 -0.94 37.50 -6.08
N ILE F 147 -0.67 37.71 -7.37
CA ILE F 147 0.42 38.60 -7.77
C ILE F 147 -0.07 39.84 -8.51
N ASN F 148 -1.26 40.33 -8.15
CA ASN F 148 -1.72 41.62 -8.61
C ASN F 148 -1.00 42.69 -7.80
N ASP F 149 -0.05 43.39 -8.44
CA ASP F 149 0.84 44.31 -7.74
C ASP F 149 0.08 45.43 -7.03
N LYS F 150 -1.18 45.65 -7.39
CA LYS F 150 -1.90 46.84 -6.97
C LYS F 150 -2.78 46.61 -5.75
N THR F 151 -2.73 45.43 -5.15
CA THR F 151 -3.48 45.13 -3.94
C THR F 151 -2.54 44.62 -2.87
N TRP F 152 -2.87 44.91 -1.61
CA TRP F 152 -2.15 44.38 -0.46
C TRP F 152 -2.94 43.18 0.07
N LYS F 153 -2.32 42.00 -0.01
CA LYS F 153 -2.87 40.81 0.61
C LYS F 153 -2.42 40.76 2.06
N SER F 154 -3.32 40.31 2.94
CA SER F 154 -3.02 40.25 4.36
C SER F 154 -3.95 39.26 5.05
N GLY F 155 -3.41 38.56 6.04
CA GLY F 155 -4.22 37.77 6.95
C GLY F 155 -4.30 36.28 6.71
N ILE F 156 -3.31 35.69 6.05
CA ILE F 156 -3.23 34.24 5.90
C ILE F 156 -2.07 33.74 6.76
N ILE F 157 -2.32 32.66 7.51
CA ILE F 157 -1.31 32.01 8.33
C ILE F 157 -1.00 30.67 7.68
N VAL F 158 0.25 30.52 7.23
CA VAL F 158 0.68 29.36 6.44
C VAL F 158 1.29 28.33 7.37
N LYS F 159 0.77 27.11 7.35
CA LYS F 159 1.33 26.01 8.12
C LYS F 159 2.18 25.06 7.28
N GLY F 160 1.74 24.76 6.07
CA GLY F 160 2.51 23.87 5.20
C GLY F 160 1.62 23.27 4.14
N PHE F 161 2.24 22.40 3.35
CA PHE F 161 1.55 21.67 2.30
C PHE F 161 1.32 20.24 2.76
N ASP F 162 0.07 19.76 2.61
CA ASP F 162 -0.30 18.39 2.94
C ASP F 162 -0.43 17.63 1.62
N ILE F 163 0.37 16.57 1.47
CA ILE F 163 0.35 15.72 0.28
C ILE F 163 -0.25 14.39 0.69
N ARG F 164 -1.50 14.13 0.26
CA ARG F 164 -2.25 12.97 0.70
C ARG F 164 -2.71 12.13 -0.49
N PRO F 165 -2.69 10.81 -0.38
CA PRO F 165 -3.29 9.98 -1.43
C PRO F 165 -4.81 10.16 -1.49
N ASN F 166 -5.33 10.24 -2.71
CA ASN F 166 -6.77 10.39 -2.90
C ASN F 166 -7.49 9.14 -2.39
N GLN G 3 -7.19 1.98 -0.03
CA GLN G 3 -7.79 3.25 0.31
C GLN G 3 -9.05 3.04 1.15
N GLY G 4 -9.81 4.12 1.35
CA GLY G 4 -10.97 4.04 2.21
C GLY G 4 -12.17 3.38 1.54
N GLN G 5 -13.10 2.94 2.38
CA GLN G 5 -14.36 2.34 1.96
C GLN G 5 -15.53 3.22 2.38
N TRP G 6 -16.70 2.89 1.87
CA TRP G 6 -17.89 3.70 2.06
C TRP G 6 -19.09 2.80 2.35
N ILE G 7 -19.89 3.20 3.33
CA ILE G 7 -21.14 2.53 3.66
C ILE G 7 -22.25 3.55 3.44
N ALA G 8 -23.11 3.30 2.46
CA ALA G 8 -24.23 4.20 2.20
C ALA G 8 -25.27 4.12 3.31
N ALA G 9 -26.08 5.17 3.41
CA ALA G 9 -27.10 5.24 4.46
C ALA G 9 -28.05 4.05 4.37
N ARG G 10 -28.40 3.63 3.15
CA ARG G 10 -29.30 2.49 3.00
C ARG G 10 -28.71 1.23 3.61
N ASP G 11 -27.39 1.12 3.69
CA ASP G 11 -26.73 -0.07 4.23
C ASP G 11 -26.41 0.06 5.71
N LEU G 12 -26.66 1.21 6.32
CA LEU G 12 -26.47 1.36 7.75
C LEU G 12 -27.69 0.84 8.50
N SER G 13 -27.50 0.56 9.78
CA SER G 13 -28.58 0.16 10.68
C SER G 13 -29.02 1.42 11.42
N ILE G 14 -30.05 2.08 10.89
CA ILE G 14 -30.61 3.30 11.47
C ILE G 14 -31.96 2.96 12.10
N THR G 15 -32.05 3.14 13.42
CA THR G 15 -33.22 2.69 14.18
C THR G 15 -34.48 3.38 13.68
N TRP G 16 -35.46 2.57 13.25
CA TRP G 16 -36.76 3.05 12.83
C TRP G 16 -36.67 3.97 11.62
N VAL G 17 -35.66 3.77 10.77
CA VAL G 17 -35.49 4.60 9.59
C VAL G 17 -36.58 4.32 8.56
N ASP G 18 -37.30 3.20 8.67
CA ASP G 18 -38.41 2.89 7.77
C ASP G 18 -39.73 3.47 8.25
N ASN G 19 -39.73 4.28 9.32
CA ASN G 19 -40.95 4.88 9.85
C ASN G 19 -41.10 6.29 9.31
N PRO G 20 -42.01 6.56 8.38
CA PRO G 20 -42.09 7.92 7.81
C PRO G 20 -42.41 9.01 8.83
N GLN G 21 -42.89 8.65 10.02
CA GLN G 21 -43.13 9.65 11.04
C GLN G 21 -41.83 10.15 11.66
N TYR G 22 -40.77 9.35 11.59
CA TYR G 22 -39.47 9.70 12.18
C TYR G 22 -38.43 10.11 11.14
N TRP G 23 -38.37 9.40 10.02
CA TRP G 23 -37.33 9.62 9.02
C TRP G 23 -37.95 9.78 7.66
N THR G 24 -37.27 10.55 6.80
CA THR G 24 -37.72 10.75 5.43
C THR G 24 -36.55 10.47 4.49
N TRP G 25 -36.70 9.48 3.62
CA TRP G 25 -35.70 9.21 2.59
C TRP G 25 -35.90 10.18 1.44
N LYS G 26 -34.80 10.77 0.98
CA LYS G 26 -34.82 11.72 -0.11
C LYS G 26 -33.61 11.49 -1.02
N THR G 27 -33.76 11.88 -2.27
CA THR G 27 -32.72 11.68 -3.28
C THR G 27 -31.99 12.99 -3.54
N VAL G 28 -30.67 12.97 -3.40
CA VAL G 28 -29.81 14.08 -3.76
C VAL G 28 -28.98 13.68 -4.98
N ASP G 29 -28.71 14.63 -5.85
CA ASP G 29 -28.02 14.33 -7.10
C ASP G 29 -26.61 13.83 -6.82
N PRO G 30 -26.14 12.79 -7.53
CA PRO G 30 -26.86 12.01 -8.54
C PRO G 30 -27.47 10.72 -7.99
N ASN G 31 -28.78 10.73 -7.77
CA ASN G 31 -29.52 9.54 -7.37
C ASN G 31 -28.96 8.92 -6.09
N ILE G 32 -28.54 9.77 -5.16
CA ILE G 32 -28.04 9.33 -3.86
C ILE G 32 -29.16 9.48 -2.84
N GLU G 33 -29.45 8.40 -2.11
CA GLU G 33 -30.49 8.42 -1.09
C GLU G 33 -29.87 8.76 0.27
N VAL G 34 -30.52 9.67 1.00
CA VAL G 34 -30.11 10.05 2.34
C VAL G 34 -31.33 10.03 3.24
N ALA G 35 -31.09 9.84 4.54
CA ALA G 35 -32.13 9.73 5.54
C ALA G 35 -32.17 11.00 6.40
N GLU G 36 -33.26 11.75 6.28
CA GLU G 36 -33.45 12.99 7.05
C GLU G 36 -34.30 12.70 8.28
N LEU G 37 -33.80 13.09 9.45
CA LEU G 37 -34.50 12.85 10.69
C LEU G 37 -35.56 13.94 10.93
N ARG G 38 -36.83 13.53 10.97
CA ARG G 38 -37.88 14.43 11.39
C ARG G 38 -37.95 14.52 12.91
N ARG G 39 -38.01 13.38 13.58
CA ARG G 39 -38.03 13.33 15.03
C ARG G 39 -37.91 11.88 15.48
N VAL G 40 -37.11 11.66 16.51
CA VAL G 40 -36.98 10.33 17.11
C VAL G 40 -36.43 10.50 18.53
N ALA G 41 -36.91 9.64 19.43
CA ALA G 41 -36.43 9.67 20.81
C ALA G 41 -35.21 8.80 21.01
N TRP G 42 -35.05 7.76 20.19
CA TRP G 42 -33.93 6.83 20.25
C TRP G 42 -33.17 6.97 18.93
N LEU G 43 -32.16 7.82 18.92
CA LEU G 43 -31.31 8.01 17.74
C LEU G 43 -30.15 7.03 17.80
N ASP G 44 -30.06 6.16 16.81
CA ASP G 44 -28.96 5.19 16.73
C ASP G 44 -28.62 4.98 15.27
N ILE G 45 -27.40 5.37 14.88
CA ILE G 45 -26.90 5.24 13.52
C ILE G 45 -25.70 4.32 13.59
N TYR G 46 -25.88 3.07 13.18
CA TYR G 46 -24.93 1.99 13.45
C TYR G 46 -24.42 1.37 12.16
N GLY G 47 -23.15 1.00 12.19
CA GLY G 47 -22.53 0.28 11.09
C GLY G 47 -21.50 -0.69 11.62
N LYS G 48 -21.14 -1.66 10.78
CA LYS G 48 -20.20 -2.71 11.16
C LYS G 48 -19.43 -3.15 9.93
N ILE G 49 -18.14 -3.39 10.12
CA ILE G 49 -17.25 -3.79 9.04
C ILE G 49 -16.34 -4.92 9.50
N GLU G 50 -15.99 -5.79 8.56
CA GLU G 50 -15.03 -6.87 8.82
C GLU G 50 -13.61 -6.39 8.52
N THR G 51 -12.71 -6.54 9.49
CA THR G 51 -11.36 -6.06 9.30
C THR G 51 -10.59 -6.91 8.29
N LYS G 52 -11.05 -8.13 8.01
CA LYS G 52 -10.37 -8.95 7.00
C LYS G 52 -10.52 -8.35 5.61
N ASN G 53 -11.45 -7.43 5.42
CA ASN G 53 -11.63 -6.74 4.15
C ASN G 53 -10.78 -5.47 4.02
N LEU G 54 -10.00 -5.15 5.06
CA LEU G 54 -9.16 -3.96 5.04
C LEU G 54 -7.70 -4.33 4.76
N ILE G 55 -6.90 -3.30 4.50
CA ILE G 55 -5.47 -3.49 4.28
C ILE G 55 -4.78 -3.68 5.63
N ARG G 56 -3.85 -4.63 5.67
CA ARG G 56 -3.17 -4.95 6.92
C ARG G 56 -2.21 -3.83 7.33
N LYS G 57 -1.82 -3.87 8.60
CA LYS G 57 -0.80 -2.97 9.14
C LYS G 57 -1.14 -1.50 8.85
N THR G 58 -2.42 -1.16 9.03
CA THR G 58 -2.91 0.17 8.70
C THR G 58 -3.81 0.69 9.80
N SER G 59 -3.61 1.95 10.16
CA SER G 59 -4.51 2.62 11.10
C SER G 59 -5.70 3.19 10.34
N TYR G 60 -6.91 2.95 10.88
CA TYR G 60 -8.13 3.38 10.22
C TYR G 60 -8.93 4.29 11.15
N ALA G 61 -9.66 5.23 10.55
CA ALA G 61 -10.63 6.06 11.24
C ALA G 61 -11.95 5.98 10.49
N VAL G 62 -13.04 6.08 11.25
CA VAL G 62 -14.38 5.99 10.71
C VAL G 62 -15.13 7.28 11.02
N TYR G 63 -15.81 7.81 10.00
CA TYR G 63 -16.49 9.09 10.11
C TYR G 63 -17.94 8.95 9.66
N LEU G 64 -18.85 9.60 10.38
CA LEU G 64 -20.23 9.74 9.94
C LEU G 64 -20.36 11.01 9.11
N VAL G 65 -20.81 10.87 7.87
CA VAL G 65 -20.99 12.00 6.95
C VAL G 65 -22.45 12.39 6.99
N PHE G 66 -22.72 13.65 7.29
CA PHE G 66 -24.08 14.09 7.55
C PHE G 66 -24.19 15.59 7.30
N LYS G 67 -25.44 16.05 7.20
CA LYS G 67 -25.77 17.47 7.18
C LYS G 67 -26.77 17.75 8.28
N LEU G 68 -26.89 19.04 8.64
CA LEU G 68 -27.82 19.49 9.65
C LEU G 68 -28.82 20.44 9.01
N THR G 69 -30.07 20.39 9.46
CA THR G 69 -31.05 21.37 9.05
C THR G 69 -30.72 22.73 9.70
N ASP G 70 -31.45 23.76 9.29
CA ASP G 70 -31.21 25.09 9.82
C ASP G 70 -31.57 25.19 11.30
N ASN G 71 -32.34 24.25 11.83
CA ASN G 71 -32.74 24.26 13.23
C ASN G 71 -32.78 22.83 13.78
N PRO G 72 -31.61 22.29 14.13
CA PRO G 72 -31.60 20.96 14.78
C PRO G 72 -32.04 21.07 16.23
N ARG G 73 -32.61 19.97 16.74
CA ARG G 73 -33.15 19.93 18.09
C ARG G 73 -32.47 18.82 18.87
N GLU G 74 -32.06 19.14 20.10
CA GLU G 74 -31.52 18.16 21.03
C GLU G 74 -30.34 17.38 20.45
N LEU G 75 -29.57 18.03 19.57
CA LEU G 75 -28.38 17.42 19.00
C LEU G 75 -27.12 18.24 19.29
N GLU G 76 -27.13 19.07 20.33
CA GLU G 76 -25.91 19.74 20.74
C GLU G 76 -24.80 18.72 21.00
N ARG G 77 -25.10 17.69 21.78
CA ARG G 77 -24.17 16.62 22.09
C ARG G 77 -24.75 15.28 21.69
N ALA G 78 -23.88 14.32 21.40
CA ALA G 78 -24.28 12.96 21.12
C ALA G 78 -23.18 12.02 21.62
N THR G 79 -23.39 10.72 21.45
CA THR G 79 -22.44 9.70 21.87
C THR G 79 -21.90 8.99 20.63
N ALA G 80 -20.59 9.03 20.46
CA ALA G 80 -19.89 8.27 19.42
C ALA G 80 -19.27 7.04 20.04
N SER G 81 -19.27 5.94 19.31
CA SER G 81 -18.69 4.70 19.77
C SER G 81 -18.03 3.97 18.60
N LEU G 82 -16.86 3.39 18.87
CA LEU G 82 -16.20 2.51 17.93
C LEU G 82 -15.39 1.53 18.73
N ARG G 83 -15.57 0.23 18.46
CA ARG G 83 -14.87 -0.79 19.22
C ARG G 83 -14.85 -2.08 18.42
N PHE G 84 -13.92 -2.97 18.78
CA PHE G 84 -13.89 -4.31 18.24
C PHE G 84 -14.99 -5.13 18.90
N VAL G 85 -15.84 -5.76 18.06
CA VAL G 85 -16.94 -6.58 18.58
C VAL G 85 -16.44 -7.54 19.65
N ASN G 86 -15.30 -8.18 19.40
CA ASN G 86 -14.80 -9.22 20.29
C ASN G 86 -14.20 -8.68 21.59
N GLU G 87 -14.07 -7.36 21.74
CA GLU G 87 -13.53 -6.76 22.95
C GLU G 87 -14.61 -6.24 23.89
N VAL G 88 -15.89 -6.47 23.57
CA VAL G 88 -16.98 -5.99 24.42
C VAL G 88 -17.18 -7.00 25.54
N ALA G 89 -16.90 -6.59 26.78
CA ALA G 89 -17.07 -7.48 27.92
C ALA G 89 -18.56 -7.75 28.14
N GLU G 90 -18.87 -9.01 28.46
CA GLU G 90 -20.25 -9.41 28.70
C GLU G 90 -20.89 -8.52 29.77
N GLY G 91 -22.07 -8.02 29.47
CA GLY G 91 -22.78 -7.16 30.41
C GLY G 91 -22.38 -5.70 30.36
N ALA G 92 -21.27 -5.37 29.70
CA ALA G 92 -20.93 -3.98 29.49
C ALA G 92 -21.86 -3.38 28.43
N GLY G 93 -22.19 -2.12 28.61
CA GLY G 93 -23.06 -1.41 27.69
C GLY G 93 -22.30 -0.86 26.52
N ILE G 94 -22.96 0.06 25.80
CA ILE G 94 -22.30 0.84 24.76
C ILE G 94 -21.42 1.87 25.47
N GLU G 95 -20.11 1.68 25.41
CA GLU G 95 -19.16 2.51 26.15
C GLU G 95 -18.49 3.45 25.16
N GLY G 96 -19.15 4.59 24.90
CA GLY G 96 -18.68 5.56 23.95
C GLY G 96 -18.13 6.82 24.59
N THR G 97 -18.04 7.86 23.78
CA THR G 97 -17.55 9.15 24.23
C THR G 97 -18.52 10.24 23.77
N THR G 98 -18.53 11.34 24.53
CA THR G 98 -19.38 12.47 24.19
C THR G 98 -18.72 13.32 23.12
N VAL G 99 -19.46 13.61 22.05
CA VAL G 99 -19.00 14.46 20.97
C VAL G 99 -20.06 15.51 20.70
N PHE G 100 -19.68 16.53 19.93
CA PHE G 100 -20.59 17.59 19.53
C PHE G 100 -21.10 17.32 18.11
N ILE G 101 -22.34 17.74 17.86
CA ILE G 101 -22.96 17.55 16.56
C ILE G 101 -23.45 18.90 16.04
N SER G 102 -24.42 19.50 16.74
CA SER G 102 -25.00 20.75 16.29
C SER G 102 -24.39 21.98 16.96
N LYS G 103 -23.69 21.81 18.08
CA LYS G 103 -23.06 22.94 18.74
C LYS G 103 -21.86 23.44 17.95
N LYS G 104 -21.77 24.75 17.77
CA LYS G 104 -20.69 25.34 17.00
C LYS G 104 -19.57 25.79 17.93
N LYS G 105 -18.34 25.44 17.58
CA LYS G 105 -17.15 25.86 18.32
C LYS G 105 -16.94 27.36 18.09
N LYS G 106 -17.26 28.14 19.12
CA LYS G 106 -17.19 29.60 19.02
C LYS G 106 -16.00 30.21 19.76
N LEU G 107 -15.28 29.41 20.54
CA LEU G 107 -14.14 29.90 21.30
C LEU G 107 -12.87 29.16 20.89
N PRO G 108 -11.76 29.88 20.70
CA PRO G 108 -10.57 29.22 20.13
C PRO G 108 -10.03 28.09 20.99
N GLY G 109 -10.24 28.15 22.30
CA GLY G 109 -9.76 27.12 23.20
C GLY G 109 -10.80 26.11 23.64
N GLU G 110 -11.98 26.11 23.04
CA GLU G 110 -13.03 25.20 23.45
C GLU G 110 -12.61 23.76 23.13
N LEU G 111 -12.60 22.91 24.15
CA LEU G 111 -12.17 21.54 24.00
C LEU G 111 -13.33 20.66 23.53
N GLY G 112 -12.99 19.48 23.01
CA GLY G 112 -13.99 18.55 22.54
C GLY G 112 -13.87 18.23 21.06
N ARG G 113 -14.49 17.14 20.64
CA ARG G 113 -14.50 16.76 19.22
C ARG G 113 -15.72 17.36 18.54
N PHE G 114 -15.50 18.23 17.57
CA PHE G 114 -16.55 18.90 16.83
C PHE G 114 -16.61 18.34 15.41
N PRO G 115 -17.75 18.47 14.74
CA PRO G 115 -17.79 18.17 13.30
C PRO G 115 -17.13 19.29 12.51
N HIS G 116 -16.83 18.98 11.25
CA HIS G 116 -16.27 19.98 10.34
C HIS G 116 -16.77 19.70 8.94
N LEU G 117 -16.90 20.76 8.15
CA LEU G 117 -17.33 20.62 6.77
C LEU G 117 -16.26 19.92 5.93
N ARG G 118 -16.71 19.13 4.97
CA ARG G 118 -15.85 18.49 3.98
C ARG G 118 -15.81 19.33 2.72
N SER G 119 -14.94 18.92 1.79
CA SER G 119 -14.85 19.61 0.51
C SER G 119 -16.15 19.48 -0.29
N ASP G 120 -16.92 18.42 -0.07
CA ASP G 120 -18.14 18.17 -0.83
C ASP G 120 -19.36 18.85 -0.22
N GLY G 121 -19.17 19.71 0.79
CA GLY G 121 -20.26 20.44 1.39
C GLY G 121 -20.94 19.75 2.56
N TRP G 122 -20.60 18.50 2.84
CA TRP G 122 -21.19 17.75 3.93
C TRP G 122 -20.30 17.85 5.16
N LEU G 123 -20.92 17.72 6.34
CA LEU G 123 -20.18 17.64 7.58
C LEU G 123 -19.73 16.20 7.83
N GLU G 124 -18.73 16.05 8.71
CA GLU G 124 -18.33 14.75 9.19
C GLU G 124 -17.91 14.86 10.66
N ILE G 125 -18.08 13.76 11.38
CA ILE G 125 -17.64 13.63 12.77
C ILE G 125 -16.94 12.28 12.88
N LYS G 126 -15.74 12.28 13.48
CA LYS G 126 -15.00 11.04 13.66
C LYS G 126 -15.66 10.22 14.74
N LEU G 127 -16.05 8.99 14.40
CA LEU G 127 -16.64 8.11 15.40
C LEU G 127 -15.59 7.42 16.24
N GLY G 128 -14.39 7.20 15.69
CA GLY G 128 -13.34 6.53 16.43
C GLY G 128 -12.22 6.11 15.52
N GLU G 129 -11.24 5.43 16.11
CA GLU G 129 -10.03 5.01 15.43
C GLU G 129 -9.67 3.60 15.85
N PHE G 130 -9.00 2.88 14.97
CA PHE G 130 -8.53 1.53 15.27
C PHE G 130 -7.43 1.16 14.29
N PHE G 131 -6.55 0.25 14.74
CA PHE G 131 -5.45 -0.24 13.93
C PHE G 131 -5.79 -1.66 13.45
N ASN G 132 -5.74 -1.85 12.14
CA ASN G 132 -5.91 -3.18 11.56
C ASN G 132 -4.53 -3.83 11.48
N ASN G 133 -4.31 -4.86 12.28
CA ASN G 133 -3.02 -5.55 12.30
C ASN G 133 -2.94 -6.55 11.14
N LEU G 134 -3.45 -7.76 11.35
CA LEU G 134 -3.41 -8.80 10.33
C LEU G 134 -4.80 -9.12 9.78
N GLY G 135 -5.82 -8.36 10.16
CA GLY G 135 -7.17 -8.63 9.72
C GLY G 135 -7.83 -9.79 10.41
N GLU G 136 -7.32 -10.23 11.56
CA GLU G 136 -7.81 -11.41 12.24
C GLU G 136 -8.52 -11.12 13.56
N ASP G 137 -8.71 -9.85 13.89
CA ASP G 137 -9.33 -9.50 15.16
C ASP G 137 -10.84 -9.39 15.08
N GLY G 138 -11.43 -9.72 13.93
CA GLY G 138 -12.86 -9.75 13.81
C GLY G 138 -13.45 -8.46 13.28
N GLU G 139 -14.73 -8.27 13.60
CA GLU G 139 -15.48 -7.12 13.12
C GLU G 139 -15.30 -5.92 14.05
N VAL G 140 -15.41 -4.73 13.48
CA VAL G 140 -15.42 -3.47 14.22
C VAL G 140 -16.79 -2.84 14.05
N GLU G 141 -17.43 -2.48 15.16
CA GLU G 141 -18.71 -1.80 15.17
C GLU G 141 -18.55 -0.35 15.59
N MET G 142 -19.42 0.51 15.07
CA MET G 142 -19.33 1.95 15.28
C MET G 142 -20.74 2.53 15.19
N ARG G 143 -20.95 3.65 15.86
CA ARG G 143 -22.27 4.26 15.86
C ARG G 143 -22.21 5.68 16.43
N LEU G 144 -23.19 6.47 16.01
CA LEU G 144 -23.52 7.74 16.67
C LEU G 144 -24.93 7.60 17.22
N MET G 145 -25.11 7.89 18.51
CA MET G 145 -26.41 7.66 19.14
C MET G 145 -26.72 8.75 20.16
N GLU G 146 -28.01 8.98 20.35
CA GLU G 146 -28.55 9.83 21.41
C GLU G 146 -29.80 9.09 21.89
N ILE G 147 -29.67 8.34 22.98
CA ILE G 147 -30.72 7.42 23.39
C ILE G 147 -31.40 7.88 24.67
N ASN G 148 -31.51 9.19 24.84
CA ASN G 148 -32.31 9.75 25.93
C ASN G 148 -33.76 9.73 25.48
N ASP G 149 -34.52 8.74 25.96
CA ASP G 149 -35.90 8.57 25.51
C ASP G 149 -36.75 9.81 25.76
N LYS G 150 -36.32 10.68 26.66
CA LYS G 150 -37.15 11.78 27.14
C LYS G 150 -37.07 13.01 26.26
N THR G 151 -36.19 13.03 25.27
CA THR G 151 -36.05 14.17 24.36
C THR G 151 -36.25 13.70 22.92
N TRP G 152 -36.80 14.60 22.11
CA TRP G 152 -36.95 14.37 20.68
C TRP G 152 -35.75 14.98 19.97
N LYS G 153 -34.99 14.14 19.25
CA LYS G 153 -33.92 14.61 18.38
C LYS G 153 -34.47 14.82 16.97
N SER G 154 -33.93 15.83 16.29
CA SER G 154 -34.39 16.14 14.94
C SER G 154 -33.35 16.95 14.20
N GLY G 155 -33.29 16.75 12.89
CA GLY G 155 -32.55 17.62 12.01
C GLY G 155 -31.20 17.14 11.54
N ILE G 156 -30.89 15.85 11.68
CA ILE G 156 -29.66 15.30 11.12
C ILE G 156 -30.00 14.57 9.82
N ILE G 157 -29.17 14.77 8.81
CA ILE G 157 -29.36 14.15 7.50
C ILE G 157 -28.18 13.22 7.28
N VAL G 158 -28.44 11.91 7.32
CA VAL G 158 -27.39 10.90 7.29
C VAL G 158 -27.08 10.54 5.84
N LYS G 159 -25.81 10.58 5.49
CA LYS G 159 -25.33 10.19 4.17
C LYS G 159 -24.65 8.83 4.16
N GLY G 160 -23.85 8.52 5.18
CA GLY G 160 -23.19 7.25 5.25
C GLY G 160 -21.97 7.33 6.17
N PHE G 161 -21.24 6.21 6.21
CA PHE G 161 -20.01 6.11 6.98
C PHE G 161 -18.83 6.12 6.01
N ASP G 162 -17.83 6.94 6.31
CA ASP G 162 -16.60 7.00 5.55
C ASP G 162 -15.50 6.35 6.39
N ILE G 163 -14.87 5.32 5.84
CA ILE G 163 -13.83 4.56 6.53
C ILE G 163 -12.53 4.82 5.79
N ARG G 164 -11.66 5.65 6.37
CA ARG G 164 -10.47 6.09 5.66
C ARG G 164 -9.21 5.74 6.44
N PRO G 165 -8.14 5.34 5.75
CA PRO G 165 -6.87 5.12 6.46
C PRO G 165 -6.28 6.43 6.96
N ASN G 166 -5.70 6.39 8.15
CA ASN G 166 -5.00 7.54 8.71
C ASN G 166 -3.67 7.72 8.00
N GLY H 2 10.58 9.51 21.41
CA GLY H 2 11.19 8.42 20.62
C GLY H 2 10.15 7.49 20.01
N GLN H 3 10.54 6.23 19.84
CA GLN H 3 9.65 5.20 19.27
C GLN H 3 8.83 4.61 20.42
N GLY H 4 7.82 5.37 20.84
CA GLY H 4 7.09 5.05 22.03
C GLY H 4 7.63 5.79 23.23
N GLN H 5 7.14 5.39 24.42
CA GLN H 5 7.57 6.03 25.65
C GLN H 5 7.26 5.11 26.81
N TRP H 6 8.08 5.21 27.86
CA TRP H 6 7.89 4.46 29.09
C TRP H 6 7.69 5.42 30.25
N ILE H 7 6.67 5.17 31.06
CA ILE H 7 6.40 5.94 32.26
C ILE H 7 6.60 5.00 33.45
N ALA H 8 7.66 5.21 34.21
CA ALA H 8 7.88 4.43 35.42
C ALA H 8 6.76 4.69 36.42
N ALA H 9 6.53 3.71 37.29
CA ALA H 9 5.47 3.83 38.29
C ALA H 9 5.63 5.11 39.11
N ARG H 10 6.86 5.44 39.51
CA ARG H 10 7.07 6.63 40.32
C ARG H 10 6.60 7.89 39.61
N ASP H 11 6.59 7.89 38.28
CA ASP H 11 6.16 9.06 37.52
C ASP H 11 4.67 9.03 37.21
N LEU H 12 3.98 7.92 37.50
CA LEU H 12 2.54 7.87 37.32
C LEU H 12 1.83 8.57 38.48
N SER H 13 0.61 9.05 38.21
CA SER H 13 -0.23 9.63 39.24
C SER H 13 -1.15 8.54 39.78
N ILE H 14 -0.79 7.96 40.92
CA ILE H 14 -1.55 6.90 41.57
C ILE H 14 -2.12 7.45 42.86
N THR H 15 -3.44 7.38 43.01
CA THR H 15 -4.10 7.91 44.19
C THR H 15 -3.73 7.10 45.42
N TRP H 16 -3.41 7.82 46.50
CA TRP H 16 -3.05 7.24 47.80
C TRP H 16 -1.75 6.46 47.77
N VAL H 17 -0.95 6.62 46.72
CA VAL H 17 0.24 5.80 46.57
C VAL H 17 1.32 6.15 47.58
N ASP H 18 1.31 7.36 48.13
CA ASP H 18 2.28 7.77 49.12
C ASP H 18 1.84 7.45 50.54
N ASN H 19 0.75 6.71 50.71
CA ASN H 19 0.27 6.32 52.02
C ASN H 19 0.61 4.85 52.24
N PRO H 20 1.53 4.52 53.16
CA PRO H 20 1.93 3.12 53.32
C PRO H 20 0.79 2.20 53.74
N GLN H 21 -0.33 2.74 54.21
CA GLN H 21 -1.47 1.92 54.60
C GLN H 21 -2.22 1.34 53.40
N TYR H 22 -2.05 1.94 52.22
CA TYR H 22 -2.75 1.50 51.02
C TYR H 22 -1.83 0.99 49.93
N TRP H 23 -0.63 1.54 49.79
CA TRP H 23 0.33 1.11 48.78
C TRP H 23 1.68 0.90 49.43
N THR H 24 2.41 -0.11 48.94
CA THR H 24 3.76 -0.42 49.41
C THR H 24 4.71 -0.34 48.22
N TRP H 25 5.62 0.63 48.25
CA TRP H 25 6.65 0.74 47.22
C TRP H 25 7.74 -0.30 47.46
N LYS H 26 8.07 -1.07 46.43
CA LYS H 26 9.11 -2.09 46.51
C LYS H 26 10.14 -1.85 45.42
N THR H 27 11.29 -2.50 45.57
CA THR H 27 12.35 -2.49 44.57
C THR H 27 12.57 -3.91 44.09
N VAL H 28 12.48 -4.13 42.79
CA VAL H 28 12.57 -5.46 42.20
C VAL H 28 13.56 -5.42 41.05
N ASP H 29 13.96 -6.61 40.59
CA ASP H 29 14.89 -6.71 39.48
C ASP H 29 14.28 -6.10 38.23
N PRO H 30 15.04 -5.31 37.45
CA PRO H 30 16.44 -4.90 37.66
C PRO H 30 16.57 -3.58 38.39
N ASN H 31 16.44 -3.61 39.71
CA ASN H 31 16.55 -2.42 40.56
C ASN H 31 15.61 -1.32 40.07
N ILE H 32 14.32 -1.67 40.00
CA ILE H 32 13.27 -0.74 39.61
C ILE H 32 12.27 -0.68 40.75
N GLU H 33 11.58 0.45 40.86
CA GLU H 33 10.57 0.65 41.90
C GLU H 33 9.18 0.38 41.35
N VAL H 34 8.39 -0.39 42.09
CA VAL H 34 7.02 -0.71 41.74
C VAL H 34 6.14 -0.42 42.95
N ALA H 35 4.84 -0.33 42.70
CA ALA H 35 3.86 -0.02 43.73
C ALA H 35 2.90 -1.21 43.88
N GLU H 36 2.96 -1.87 45.03
CA GLU H 36 2.06 -2.98 45.33
C GLU H 36 0.86 -2.47 46.11
N LEU H 37 -0.33 -2.77 45.62
CA LEU H 37 -1.56 -2.32 46.25
C LEU H 37 -1.92 -3.24 47.41
N ARG H 38 -1.82 -2.72 48.63
CA ARG H 38 -2.32 -3.43 49.81
C ARG H 38 -3.84 -3.49 49.74
N ARG H 39 -4.49 -2.34 49.92
CA ARG H 39 -5.95 -2.25 49.84
C ARG H 39 -6.34 -0.80 49.61
N VAL H 40 -7.29 -0.58 48.70
CA VAL H 40 -7.79 0.76 48.43
C VAL H 40 -9.19 0.65 47.86
N ALA H 41 -9.99 1.69 48.07
CA ALA H 41 -11.35 1.75 47.52
C ALA H 41 -11.46 2.64 46.30
N TRP H 42 -10.64 3.69 46.22
CA TRP H 42 -10.59 4.58 45.05
C TRP H 42 -9.30 4.26 44.29
N LEU H 43 -9.39 3.33 43.34
CA LEU H 43 -8.24 2.94 42.53
C LEU H 43 -8.22 3.78 41.26
N ASP H 44 -7.15 4.54 41.07
CA ASP H 44 -7.00 5.35 39.86
C ASP H 44 -5.52 5.41 39.53
N ILE H 45 -5.12 4.72 38.45
CA ILE H 45 -3.74 4.67 37.98
C ILE H 45 -3.70 5.47 36.70
N TYR H 46 -3.14 6.67 36.75
CA TYR H 46 -3.27 7.67 35.70
C TYR H 46 -1.91 8.02 35.11
N GLY H 47 -1.91 8.31 33.83
CA GLY H 47 -0.70 8.71 33.14
C GLY H 47 -1.03 9.60 31.96
N LYS H 48 -0.08 10.47 31.60
CA LYS H 48 -0.28 11.43 30.53
C LYS H 48 1.05 11.63 29.81
N ILE H 49 0.99 11.79 28.48
CA ILE H 49 2.19 11.99 27.67
C ILE H 49 1.93 13.08 26.63
N GLU H 50 3.02 13.67 26.15
CA GLU H 50 2.99 14.56 25.00
C GLU H 50 3.24 13.74 23.74
N THR H 51 2.51 14.04 22.68
CA THR H 51 2.69 13.35 21.41
C THR H 51 3.72 14.01 20.52
N LYS H 52 4.25 15.18 20.91
CA LYS H 52 5.19 15.88 20.05
C LYS H 52 6.52 15.15 19.94
N ASN H 53 6.85 14.32 20.93
CA ASN H 53 8.11 13.59 20.92
C ASN H 53 8.03 12.26 20.18
N LEU H 54 6.83 11.78 19.88
CA LEU H 54 6.67 10.46 19.28
C LEU H 54 6.92 10.51 17.78
N ILE H 55 7.39 9.38 17.24
CA ILE H 55 7.52 9.24 15.80
C ILE H 55 6.17 9.48 15.14
N ARG H 56 6.19 10.18 14.01
CA ARG H 56 4.98 10.64 13.35
C ARG H 56 4.38 9.57 12.44
N LYS H 57 3.11 9.77 12.10
CA LYS H 57 2.40 8.87 11.18
C LYS H 57 2.42 7.44 11.69
N THR H 58 2.21 7.26 13.00
CA THR H 58 2.36 5.97 13.63
C THR H 58 1.22 5.74 14.62
N SER H 59 0.67 4.54 14.61
CA SER H 59 -0.36 4.13 15.56
C SER H 59 0.31 3.58 16.81
N TYR H 60 -0.12 4.05 17.96
CA TYR H 60 0.46 3.65 19.24
C TYR H 60 -0.62 2.99 20.10
N ALA H 61 -0.24 1.93 20.80
CA ALA H 61 -1.02 1.32 21.86
C ALA H 61 -0.37 1.63 23.20
N VAL H 62 -1.20 1.73 24.25
CA VAL H 62 -0.72 2.05 25.59
C VAL H 62 -1.14 0.92 26.52
N TYR H 63 -0.17 0.36 27.24
CA TYR H 63 -0.41 -0.77 28.12
C TYR H 63 0.01 -0.43 29.54
N LEU H 64 -0.76 -0.90 30.50
CA LEU H 64 -0.35 -0.92 31.90
C LEU H 64 0.38 -2.22 32.16
N VAL H 65 1.64 -2.12 32.60
CA VAL H 65 2.46 -3.30 32.91
C VAL H 65 2.35 -3.56 34.41
N PHE H 66 1.93 -4.76 34.77
CA PHE H 66 1.64 -5.06 36.16
C PHE H 66 1.79 -6.56 36.41
N LYS H 67 1.76 -6.93 37.68
CA LYS H 67 1.64 -8.30 38.13
C LYS H 67 0.53 -8.38 39.17
N LEU H 68 0.13 -9.59 39.51
CA LEU H 68 -0.91 -9.81 40.51
C LEU H 68 -0.36 -10.71 41.61
N THR H 69 -0.74 -10.42 42.85
CA THR H 69 -0.44 -11.31 43.95
C THR H 69 -1.29 -12.58 43.82
N ASP H 70 -1.03 -13.54 44.71
CA ASP H 70 -1.76 -14.80 44.65
C ASP H 70 -3.22 -14.63 45.04
N ASN H 71 -3.53 -13.60 45.84
CA ASN H 71 -4.88 -13.38 46.36
C ASN H 71 -5.35 -11.97 46.00
N PRO H 72 -5.64 -11.73 44.72
CA PRO H 72 -6.18 -10.41 44.33
C PRO H 72 -7.67 -10.32 44.61
N ARG H 73 -8.11 -9.11 44.98
CA ARG H 73 -9.47 -8.90 45.45
C ARG H 73 -10.13 -7.77 44.67
N GLU H 74 -11.39 -8.01 44.27
CA GLU H 74 -12.23 -7.01 43.63
C GLU H 74 -11.56 -6.41 42.39
N LEU H 75 -10.77 -7.22 41.68
CA LEU H 75 -10.09 -6.77 40.48
C LEU H 75 -10.43 -7.66 39.29
N GLU H 76 -11.60 -8.30 39.31
CA GLU H 76 -12.00 -9.08 38.14
C GLU H 76 -12.22 -8.19 36.93
N ARG H 77 -12.85 -7.03 37.14
CA ARG H 77 -13.08 -6.07 36.07
C ARG H 77 -12.58 -4.70 36.51
N ALA H 78 -12.23 -3.87 35.52
CA ALA H 78 -11.79 -2.51 35.78
C ALA H 78 -12.15 -1.66 34.58
N THR H 79 -12.00 -0.34 34.73
CA THR H 79 -12.30 0.62 33.69
C THR H 79 -11.00 1.18 33.13
N ALA H 80 -10.79 0.99 31.83
CA ALA H 80 -9.66 1.54 31.12
C ALA H 80 -10.10 2.78 30.35
N SER H 81 -9.23 3.78 30.27
CA SER H 81 -9.54 5.02 29.58
C SER H 81 -8.33 5.51 28.83
N LEU H 82 -8.56 6.09 27.66
CA LEU H 82 -7.50 6.70 26.86
C LEU H 82 -8.16 7.67 25.90
N ARG H 83 -7.70 8.91 25.90
CA ARG H 83 -8.30 9.93 25.06
C ARG H 83 -7.34 11.11 24.93
N PHE H 84 -7.47 11.85 23.83
CA PHE H 84 -6.78 13.12 23.70
C PHE H 84 -7.39 14.14 24.66
N VAL H 85 -6.53 14.80 25.44
CA VAL H 85 -6.99 15.80 26.39
C VAL H 85 -7.86 16.84 25.70
N ASN H 86 -7.48 17.24 24.48
CA ASN H 86 -8.21 18.29 23.79
C ASN H 86 -9.55 17.83 23.24
N GLU H 87 -9.86 16.54 23.31
CA GLU H 87 -11.11 16.01 22.79
C GLU H 87 -12.14 15.75 23.88
N VAL H 88 -11.85 16.13 25.12
CA VAL H 88 -12.78 15.95 26.21
C VAL H 88 -13.79 17.09 26.19
N ALA H 89 -15.06 16.76 25.94
CA ALA H 89 -16.09 17.78 25.94
C ALA H 89 -16.27 18.35 27.35
N GLU H 90 -16.50 19.66 27.42
CA GLU H 90 -16.64 20.34 28.70
C GLU H 90 -17.77 19.69 29.51
N GLY H 91 -17.44 19.23 30.71
CA GLY H 91 -18.42 18.62 31.58
C GLY H 91 -18.54 17.13 31.47
N ALA H 92 -17.98 16.53 30.43
CA ALA H 92 -17.97 15.08 30.31
C ALA H 92 -17.02 14.47 31.35
N GLY H 93 -17.38 13.30 31.85
CA GLY H 93 -16.58 12.59 32.81
C GLY H 93 -15.62 11.62 32.14
N ILE H 94 -15.08 10.71 32.95
CA ILE H 94 -14.25 9.64 32.40
C ILE H 94 -15.15 8.68 31.63
N GLU H 95 -14.93 8.57 30.33
CA GLU H 95 -15.75 7.74 29.46
C GLU H 95 -14.87 6.61 28.94
N GLY H 96 -14.73 5.58 29.76
CA GLY H 96 -13.81 4.49 29.50
C GLY H 96 -14.51 3.25 28.97
N THR H 97 -13.79 2.12 29.04
CA THR H 97 -14.29 0.84 28.60
C THR H 97 -13.96 -0.21 29.66
N THR H 98 -14.81 -1.23 29.74
CA THR H 98 -14.60 -2.29 30.71
C THR H 98 -13.58 -3.29 30.19
N VAL H 99 -12.55 -3.57 31.00
CA VAL H 99 -11.54 -4.56 30.69
C VAL H 99 -11.42 -5.51 31.87
N PHE H 100 -10.94 -6.73 31.59
CA PHE H 100 -10.69 -7.72 32.62
C PHE H 100 -9.24 -7.60 33.10
N ILE H 101 -9.04 -7.86 34.39
CA ILE H 101 -7.71 -7.78 34.99
C ILE H 101 -7.38 -9.12 35.63
N SER H 102 -8.07 -9.44 36.73
CA SER H 102 -7.80 -10.65 37.48
C SER H 102 -8.58 -11.86 36.98
N LYS H 103 -9.67 -11.62 36.25
CA LYS H 103 -10.51 -12.73 35.80
C LYS H 103 -9.85 -13.50 34.66
N LYS H 104 -9.89 -14.82 34.75
CA LYS H 104 -9.35 -15.67 33.70
C LYS H 104 -10.37 -15.86 32.60
N LYS H 105 -9.90 -15.93 31.36
CA LYS H 105 -10.76 -16.26 30.23
C LYS H 105 -11.14 -17.73 30.27
N LYS H 106 -12.43 -18.03 30.41
CA LYS H 106 -12.89 -19.40 30.55
C LYS H 106 -13.10 -20.08 29.20
N LEU H 107 -13.77 -19.41 28.27
CA LEU H 107 -14.07 -19.99 26.97
C LEU H 107 -13.24 -19.34 25.86
N PRO H 108 -12.98 -20.05 24.77
CA PRO H 108 -12.27 -19.39 23.66
C PRO H 108 -13.04 -18.22 23.07
N GLY H 109 -14.36 -18.35 22.96
CA GLY H 109 -15.20 -17.31 22.43
C GLY H 109 -15.64 -16.26 23.41
N GLU H 110 -15.11 -16.28 24.62
CA GLU H 110 -15.45 -15.26 25.61
C GLU H 110 -14.92 -13.91 25.15
N LEU H 111 -15.82 -12.94 24.98
CA LEU H 111 -15.44 -11.65 24.46
C LEU H 111 -14.82 -10.79 25.56
N GLY H 112 -14.05 -9.79 25.14
CA GLY H 112 -13.47 -8.85 26.07
C GLY H 112 -11.96 -8.75 26.00
N ARG H 113 -11.40 -7.70 26.59
CA ARG H 113 -9.97 -7.47 26.63
C ARG H 113 -9.39 -8.12 27.89
N PHE H 114 -8.43 -9.01 27.70
CA PHE H 114 -7.79 -9.72 28.80
C PHE H 114 -6.31 -9.39 28.84
N PRO H 115 -5.67 -9.54 30.00
CA PRO H 115 -4.23 -9.28 30.08
C PRO H 115 -3.42 -10.27 29.23
N HIS H 116 -2.23 -9.84 28.86
CA HIS H 116 -1.29 -10.66 28.10
C HIS H 116 0.03 -10.77 28.86
N LEU H 117 0.60 -11.97 28.88
CA LEU H 117 1.89 -12.21 29.50
C LEU H 117 3.00 -11.77 28.56
N ARG H 118 3.80 -10.80 29.01
CA ARG H 118 4.90 -10.28 28.21
C ARG H 118 6.09 -11.23 28.27
N SER H 119 7.07 -10.98 27.39
CA SER H 119 8.28 -11.78 27.40
C SER H 119 9.06 -11.57 28.68
N ASP H 120 8.95 -10.39 29.31
CA ASP H 120 9.70 -10.09 30.51
C ASP H 120 9.04 -10.65 31.78
N GLY H 121 7.97 -11.43 31.64
CA GLY H 121 7.31 -12.04 32.77
C GLY H 121 6.22 -11.21 33.41
N TRP H 122 6.09 -9.95 33.03
CA TRP H 122 5.03 -9.10 33.55
C TRP H 122 3.80 -9.21 32.66
N LEU H 123 2.65 -8.91 33.26
CA LEU H 123 1.39 -8.85 32.52
C LEU H 123 1.20 -7.45 31.96
N GLU H 124 0.34 -7.35 30.96
CA GLU H 124 -0.01 -6.05 30.41
C GLU H 124 -1.47 -6.06 29.97
N ILE H 125 -2.15 -4.94 30.19
CA ILE H 125 -3.53 -4.74 29.77
C ILE H 125 -3.54 -3.50 28.88
N LYS H 126 -4.19 -3.62 27.73
CA LYS H 126 -4.24 -2.53 26.77
C LYS H 126 -5.28 -1.51 27.23
N LEU H 127 -4.85 -0.28 27.43
CA LEU H 127 -5.76 0.79 27.84
C LEU H 127 -6.44 1.46 26.66
N GLY H 128 -5.76 1.57 25.53
CA GLY H 128 -6.37 2.19 24.37
C GLY H 128 -5.40 2.28 23.21
N GLU H 129 -5.84 2.99 22.17
CA GLU H 129 -5.05 3.17 20.96
C GLU H 129 -5.29 4.59 20.45
N PHE H 130 -4.25 5.17 19.84
CA PHE H 130 -4.36 6.48 19.24
C PHE H 130 -3.36 6.62 18.11
N PHE H 131 -3.75 7.35 17.08
CA PHE H 131 -2.90 7.64 15.93
C PHE H 131 -2.20 8.98 16.14
N ASN H 132 -0.88 8.98 15.97
CA ASN H 132 -0.09 10.19 16.00
C ASN H 132 0.18 10.62 14.57
N ASN H 133 -0.47 11.70 14.14
CA ASN H 133 -0.27 12.23 12.80
C ASN H 133 1.08 12.95 12.73
N LEU H 134 1.11 14.21 13.17
CA LEU H 134 2.34 15.01 13.15
C LEU H 134 2.75 15.46 14.55
N GLY H 135 2.22 14.82 15.59
CA GLY H 135 2.51 15.24 16.93
C GLY H 135 1.94 16.60 17.29
N GLU H 136 0.87 17.02 16.61
CA GLU H 136 0.30 18.34 16.79
C GLU H 136 -1.06 18.33 17.47
N ASP H 137 -1.54 17.16 17.90
CA ASP H 137 -2.88 17.04 18.46
C ASP H 137 -2.87 17.06 19.99
N GLY H 138 -1.75 17.40 20.61
CA GLY H 138 -1.74 17.61 22.03
C GLY H 138 -1.36 16.38 22.82
N GLU H 139 -1.75 16.41 24.10
CA GLU H 139 -1.41 15.34 25.03
C GLU H 139 -2.44 14.23 24.98
N VAL H 140 -2.02 13.04 25.40
CA VAL H 140 -2.90 11.88 25.54
C VAL H 140 -2.83 11.39 26.98
N GLU H 141 -3.99 11.19 27.59
CA GLU H 141 -4.09 10.73 28.97
C GLU H 141 -4.70 9.34 29.01
N MET H 142 -4.19 8.50 29.90
N MET H 142 -4.20 8.50 29.90
CA MET H 142 -4.64 7.13 30.05
CA MET H 142 -4.69 7.13 30.04
C MET H 142 -4.80 6.83 31.54
C MET H 142 -4.70 6.74 31.50
N ARG H 143 -5.61 5.82 31.84
CA ARG H 143 -5.73 5.37 33.23
C ARG H 143 -6.45 4.04 33.28
N LEU H 144 -6.19 3.29 34.34
CA LEU H 144 -7.01 2.17 34.77
C LEU H 144 -7.54 2.49 36.16
N MET H 145 -8.86 2.38 36.34
CA MET H 145 -9.50 2.83 37.57
C MET H 145 -10.61 1.87 37.98
N GLU H 146 -10.82 1.79 39.30
CA GLU H 146 -11.95 1.07 39.90
C GLU H 146 -12.34 1.89 41.12
N ILE H 147 -13.36 2.74 40.97
CA ILE H 147 -13.66 3.74 42.00
C ILE H 147 -14.98 3.43 42.69
N ASN H 148 -15.33 2.15 42.77
CA ASN H 148 -16.49 1.74 43.55
C ASN H 148 -16.16 1.88 45.03
N ASP H 149 -16.76 2.87 45.69
CA ASP H 149 -16.44 3.16 47.08
C ASP H 149 -16.89 2.07 48.05
N LYS H 150 -17.67 1.09 47.58
CA LYS H 150 -18.20 0.03 48.44
C LYS H 150 -17.34 -1.22 48.45
N THR H 151 -16.21 -1.22 47.75
CA THR H 151 -15.35 -2.40 47.64
C THR H 151 -13.89 -2.01 47.86
N TRP H 152 -13.14 -2.94 48.45
CA TRP H 152 -11.71 -2.77 48.67
C TRP H 152 -10.96 -3.58 47.62
N LYS H 153 -10.20 -2.88 46.77
CA LYS H 153 -9.38 -3.51 45.74
C LYS H 153 -7.99 -3.82 46.28
N SER H 154 -7.46 -4.98 45.91
CA SER H 154 -6.17 -5.41 46.43
C SER H 154 -5.53 -6.40 45.47
N GLY H 155 -4.20 -6.39 45.44
CA GLY H 155 -3.44 -7.43 44.79
C GLY H 155 -2.78 -7.10 43.47
N ILE H 156 -2.75 -5.84 43.07
CA ILE H 156 -2.12 -5.44 41.82
C ILE H 156 -0.78 -4.78 42.13
N ILE H 157 0.20 -5.02 41.28
CA ILE H 157 1.54 -4.45 41.42
C ILE H 157 1.84 -3.68 40.15
N VAL H 158 1.94 -2.35 40.26
CA VAL H 158 2.03 -1.48 39.10
C VAL H 158 3.50 -1.21 38.80
N LYS H 159 3.92 -1.53 37.58
CA LYS H 159 5.28 -1.27 37.12
C LYS H 159 5.41 0.01 36.30
N GLY H 160 4.47 0.27 35.41
CA GLY H 160 4.50 1.47 34.60
C GLY H 160 3.60 1.34 33.40
N PHE H 161 3.61 2.40 32.59
CA PHE H 161 2.84 2.43 31.35
C PHE H 161 3.81 2.25 30.18
N ASP H 162 3.45 1.38 29.24
CA ASP H 162 4.25 1.13 28.05
C ASP H 162 3.49 1.65 26.84
N ILE H 163 4.05 2.64 26.16
CA ILE H 163 3.49 3.22 24.96
C ILE H 163 4.32 2.73 23.79
N ARG H 164 3.74 1.85 22.97
CA ARG H 164 4.44 1.20 21.87
C ARG H 164 3.68 1.40 20.57
N PRO H 165 4.38 1.42 19.44
CA PRO H 165 3.68 1.38 18.15
C PRO H 165 3.04 0.01 17.97
N ASN H 166 1.85 0.01 17.36
CA ASN H 166 1.17 -1.24 17.03
C ASN H 166 2.04 -2.05 16.05
ZN ZN I . 28.33 6.64 8.65
ZN ZN J . 3.65 -10.60 23.63
ZN ZN K . 12.08 -6.48 -3.66
ZN ZN L . 21.37 -12.13 -0.17
ZN ZN M . 19.72 -33.14 17.20
ZN ZN N . 0.95 3.81 -25.65
ZN ZN O . 1.00 -13.98 -2.85
ZN ZN P . 0.88 -21.89 -11.14
ZN ZN Q . -8.87 -18.10 -34.93
ZN ZN R . -20.55 -18.94 -13.08
ZN ZN S . -9.39 -41.34 -19.87
ZN ZN T . -36.06 -25.26 -34.07
ZN ZN U . 0.02 17.42 -48.33
ZN ZN V . -15.34 14.18 -3.41
ZN ZN W . -17.66 25.37 -17.53
ZN ZN X . -4.00 2.66 -19.70
ZN ZN Y . -10.09 19.30 1.85
ZN ZN Z . -9.84 41.80 -4.27
ZN ZN AA . -2.01 37.91 13.85
ZN ZN BA . -2.79 15.37 6.59
ZN ZN CA . 8.08 25.34 -13.65
ZN ZN DA . -12.72 14.99 9.63
ZN ZN EA . -13.95 9.73 1.76
ZN ZN FA . -21.43 -5.18 20.40
#